data_3BDO
#
_entry.id   3BDO
#
_cell.length_a   1.000
_cell.length_b   1.000
_cell.length_c   1.000
_cell.angle_alpha   90.00
_cell.angle_beta   90.00
_cell.angle_gamma   90.00
#
_symmetry.space_group_name_H-M   'P 1'
#
_entity_poly.entity_id   1
_entity_poly.type   'polypeptide(L)'
_entity_poly.pdbx_seq_one_letter_code
;AAEISGHIVRSPMVGTFYRTPSPDAKAFIEVGQKVNVGDTLCIVEAMKMMNQIEADKSGTVKAILVESGQPVEFDEPLVV
IE
;
_entity_poly.pdbx_strand_id   A
#
# COMPACT_ATOMS: atom_id res chain seq x y z
N ALA A 1 -0.83 22.76 -5.59
CA ALA A 1 0.30 21.97 -6.06
C ALA A 1 -0.01 20.48 -5.96
N ALA A 2 -0.27 19.86 -7.11
CA ALA A 2 -0.57 18.43 -7.15
C ALA A 2 0.52 17.66 -7.88
N GLU A 3 1.65 17.48 -7.23
CA GLU A 3 2.77 16.75 -7.81
C GLU A 3 3.83 16.44 -6.76
N ILE A 4 4.96 15.90 -7.19
CA ILE A 4 6.05 15.56 -6.30
C ILE A 4 5.68 14.37 -5.42
N SER A 5 4.58 13.72 -5.76
CA SER A 5 4.10 12.57 -5.00
C SER A 5 5.20 11.52 -4.87
N GLY A 6 5.54 11.19 -3.62
CA GLY A 6 6.57 10.19 -3.38
C GLY A 6 6.33 8.90 -4.15
N HIS A 7 5.43 8.07 -3.63
CA HIS A 7 5.11 6.80 -4.27
C HIS A 7 3.98 6.09 -3.54
N ILE A 8 2.76 6.54 -3.76
CA ILE A 8 1.60 5.94 -3.11
C ILE A 8 1.12 4.73 -3.89
N VAL A 9 0.08 4.09 -3.37
CA VAL A 9 -0.49 2.91 -4.01
C VAL A 9 -2.01 3.04 -4.14
N ARG A 10 -2.46 4.25 -4.44
CA ARG A 10 -3.89 4.51 -4.58
C ARG A 10 -4.60 3.31 -5.19
N SER A 11 -5.55 2.76 -4.44
CA SER A 11 -6.31 1.59 -4.89
C SER A 11 -6.54 1.66 -6.40
N PRO A 12 -5.80 0.85 -7.17
CA PRO A 12 -5.92 0.79 -8.62
C PRO A 12 -7.37 0.71 -9.07
N MET A 13 -8.23 0.23 -8.17
CA MET A 13 -9.65 0.09 -8.47
C MET A 13 -10.48 0.23 -7.19
N VAL A 14 -11.76 -0.10 -7.28
CA VAL A 14 -12.65 -0.02 -6.13
C VAL A 14 -12.44 -1.21 -5.20
N GLY A 15 -11.21 -1.39 -4.73
CA GLY A 15 -10.90 -2.49 -3.84
C GLY A 15 -10.75 -2.04 -2.39
N THR A 16 -9.98 -2.78 -1.62
CA THR A 16 -9.76 -2.45 -0.21
C THR A 16 -8.27 -2.45 0.13
N PHE A 17 -7.87 -1.55 1.03
CA PHE A 17 -6.49 -1.46 1.46
C PHE A 17 -6.25 -2.32 2.69
N TYR A 18 -5.07 -2.89 2.80
CA TYR A 18 -4.73 -3.74 3.94
C TYR A 18 -3.25 -3.62 4.31
N ARG A 19 -2.95 -3.89 5.58
CA ARG A 19 -1.59 -3.82 6.07
C ARG A 19 -1.33 -4.91 7.11
N THR A 20 -2.11 -5.99 7.03
CA THR A 20 -1.97 -7.10 7.97
C THR A 20 -2.40 -8.41 7.32
N PRO A 21 -1.42 -9.21 6.87
CA PRO A 21 -1.67 -10.50 6.22
C PRO A 21 -2.22 -11.53 7.20
N SER A 22 -1.79 -11.44 8.45
CA SER A 22 -2.24 -12.36 9.48
C SER A 22 -2.88 -11.61 10.65
N PRO A 23 -3.96 -12.16 11.22
CA PRO A 23 -4.66 -11.54 12.34
C PRO A 23 -3.73 -11.20 13.50
N ASP A 24 -3.45 -9.91 13.66
CA ASP A 24 -2.57 -9.45 14.73
C ASP A 24 -1.12 -9.83 14.45
N ALA A 25 -0.75 -9.81 13.17
CA ALA A 25 0.61 -10.16 12.77
C ALA A 25 1.52 -8.94 12.82
N LYS A 26 2.59 -8.97 12.03
CA LYS A 26 3.53 -7.85 11.99
C LYS A 26 3.19 -6.90 10.85
N ALA A 27 1.93 -6.91 10.44
CA ALA A 27 1.48 -6.03 9.36
C ALA A 27 2.30 -6.27 8.09
N PHE A 28 1.81 -5.73 6.97
CA PHE A 28 2.50 -5.88 5.70
C PHE A 28 3.63 -4.85 5.58
N ILE A 29 3.30 -3.59 5.81
CA ILE A 29 4.27 -2.52 5.72
C ILE A 29 3.89 -1.35 6.64
N GLU A 30 4.90 -0.66 7.17
CA GLU A 30 4.66 0.46 8.05
C GLU A 30 5.70 1.56 7.81
N VAL A 31 5.31 2.81 8.03
CA VAL A 31 6.20 3.94 7.84
C VAL A 31 7.57 3.66 8.45
N GLY A 32 8.61 3.76 7.63
CA GLY A 32 9.96 3.51 8.10
C GLY A 32 10.66 2.43 7.31
N GLN A 33 9.90 1.44 6.84
CA GLN A 33 10.46 0.35 6.05
C GLN A 33 10.78 0.80 4.64
N LYS A 34 11.89 0.30 4.10
CA LYS A 34 12.31 0.66 2.75
C LYS A 34 12.01 -0.45 1.77
N VAL A 35 10.93 -0.28 1.00
CA VAL A 35 10.53 -1.28 0.01
C VAL A 35 11.57 -1.38 -1.11
N ASN A 36 11.50 -2.46 -1.89
CA ASN A 36 12.42 -2.66 -2.98
C ASN A 36 11.80 -3.57 -4.03
N VAL A 37 11.92 -3.16 -5.29
CA VAL A 37 11.38 -3.92 -6.43
C VAL A 37 11.27 -5.41 -6.10
N GLY A 38 10.07 -5.94 -6.24
CA GLY A 38 9.85 -7.35 -5.95
C GLY A 38 9.58 -7.60 -4.48
N ASP A 39 9.14 -6.56 -3.77
CA ASP A 39 8.85 -6.67 -2.35
C ASP A 39 7.38 -6.34 -2.08
N THR A 40 6.58 -7.38 -1.86
CA THR A 40 5.16 -7.20 -1.59
C THR A 40 4.92 -6.02 -0.64
N LEU A 41 3.98 -5.16 -1.01
CA LEU A 41 3.66 -3.99 -0.20
C LEU A 41 2.46 -4.27 0.70
N CYS A 42 1.27 -4.07 0.17
CA CYS A 42 0.05 -4.30 0.93
C CYS A 42 -0.95 -5.12 0.13
N ILE A 43 -2.14 -5.31 0.69
CA ILE A 43 -3.19 -6.08 0.04
C ILE A 43 -4.27 -5.17 -0.54
N VAL A 44 -4.56 -5.33 -1.82
CA VAL A 44 -5.57 -4.52 -2.49
C VAL A 44 -6.82 -5.34 -2.78
N GLU A 45 -7.44 -5.87 -1.73
CA GLU A 45 -8.64 -6.67 -1.86
C GLU A 45 -9.61 -6.05 -2.87
N ALA A 46 -9.44 -6.42 -4.14
CA ALA A 46 -10.31 -5.91 -5.20
C ALA A 46 -11.48 -6.85 -5.44
N MET A 47 -12.67 -6.41 -5.05
CA MET A 47 -13.89 -7.20 -5.21
C MET A 47 -14.14 -8.06 -3.98
N LYS A 48 -13.05 -8.45 -3.30
CA LYS A 48 -13.12 -9.27 -2.09
C LYS A 48 -11.88 -10.15 -1.95
N MET A 49 -11.13 -10.28 -3.04
CA MET A 49 -9.92 -11.08 -3.04
C MET A 49 -8.68 -10.22 -2.93
N MET A 50 -7.76 -10.62 -2.06
CA MET A 50 -6.52 -9.88 -1.85
C MET A 50 -5.77 -9.69 -3.16
N ASN A 51 -5.10 -8.54 -3.28
CA ASN A 51 -4.35 -8.22 -4.48
C ASN A 51 -2.97 -7.66 -4.12
N GLN A 52 -2.14 -8.50 -3.50
CA GLN A 52 -0.81 -8.09 -3.09
C GLN A 52 -0.17 -7.19 -4.13
N ILE A 53 0.62 -6.22 -3.66
CA ILE A 53 1.30 -5.28 -4.55
C ILE A 53 2.81 -5.41 -4.44
N GLU A 54 3.47 -5.51 -5.58
CA GLU A 54 4.93 -5.64 -5.61
C GLU A 54 5.59 -4.35 -6.05
N ALA A 55 6.55 -3.88 -5.26
CA ALA A 55 7.26 -2.65 -5.58
C ALA A 55 7.64 -2.61 -7.06
N ASP A 56 7.66 -1.40 -7.62
CA ASP A 56 8.01 -1.22 -9.02
C ASP A 56 9.31 -0.44 -9.17
N LYS A 57 9.74 0.21 -8.09
CA LYS A 57 10.97 0.99 -8.12
C LYS A 57 11.45 1.28 -6.71
N SER A 58 11.28 0.33 -5.81
CA SER A 58 11.70 0.49 -4.42
C SER A 58 11.06 1.73 -3.81
N GLY A 59 11.45 2.05 -2.58
CA GLY A 59 10.89 3.21 -1.91
C GLY A 59 10.83 3.04 -0.41
N THR A 60 10.32 4.06 0.28
CA THR A 60 10.21 4.02 1.74
C THR A 60 8.86 4.55 2.19
N VAL A 61 8.07 3.70 2.84
CA VAL A 61 6.77 4.09 3.34
C VAL A 61 6.86 5.38 4.13
N LYS A 62 5.88 6.27 3.96
CA LYS A 62 5.89 7.54 4.65
C LYS A 62 4.60 7.74 5.44
N ALA A 63 3.56 7.01 5.09
CA ALA A 63 2.28 7.12 5.77
C ALA A 63 1.17 6.39 5.03
N ILE A 64 0.09 6.08 5.73
CA ILE A 64 -1.05 5.39 5.14
C ILE A 64 -2.26 6.32 5.05
N LEU A 65 -2.30 7.12 3.99
CA LEU A 65 -3.41 8.05 3.79
C LEU A 65 -4.74 7.37 4.07
N VAL A 66 -4.80 6.09 3.74
CA VAL A 66 -6.01 5.30 3.95
C VAL A 66 -5.91 4.53 5.26
N GLU A 67 -7.05 4.08 5.77
CA GLU A 67 -7.07 3.31 7.00
C GLU A 67 -6.23 2.05 6.82
N SER A 68 -6.60 0.98 7.51
CA SER A 68 -5.87 -0.26 7.39
C SER A 68 -6.62 -1.26 6.53
N GLY A 69 -7.80 -1.66 6.99
CA GLY A 69 -8.62 -2.59 6.25
C GLY A 69 -10.01 -2.07 5.98
N GLN A 70 -10.21 -1.52 4.78
CA GLN A 70 -11.51 -1.00 4.40
C GLN A 70 -11.56 -0.73 2.90
N PRO A 71 -12.78 -0.71 2.33
CA PRO A 71 -12.99 -0.47 0.90
C PRO A 71 -12.46 0.88 0.46
N VAL A 72 -12.23 1.02 -0.84
CA VAL A 72 -11.71 2.28 -1.40
C VAL A 72 -12.16 2.44 -2.84
N GLU A 73 -11.81 3.59 -3.44
CA GLU A 73 -12.17 3.87 -4.82
C GLU A 73 -10.94 4.26 -5.63
N PHE A 74 -10.93 3.86 -6.90
CA PHE A 74 -9.82 4.17 -7.79
C PHE A 74 -9.23 5.54 -7.47
N ASP A 75 -7.91 5.63 -7.52
CA ASP A 75 -7.22 6.90 -7.23
C ASP A 75 -7.36 7.28 -5.76
N GLU A 76 -7.52 6.27 -4.91
CA GLU A 76 -7.67 6.49 -3.48
C GLU A 76 -6.40 6.12 -2.73
N PRO A 77 -5.36 6.96 -2.85
CA PRO A 77 -4.08 6.73 -2.18
C PRO A 77 -4.26 6.08 -0.81
N LEU A 78 -3.48 5.03 -0.55
CA LEU A 78 -3.57 4.31 0.72
C LEU A 78 -2.21 4.26 1.41
N VAL A 79 -1.23 3.68 0.73
CA VAL A 79 0.11 3.55 1.29
C VAL A 79 1.08 4.48 0.58
N VAL A 80 1.55 5.49 1.31
CA VAL A 80 2.49 6.46 0.76
C VAL A 80 3.94 6.00 0.95
N ILE A 81 4.74 6.18 -0.09
CA ILE A 81 6.15 5.78 -0.05
C ILE A 81 7.04 6.87 -0.63
N GLU A 82 8.18 7.12 0.02
CA GLU A 82 9.11 8.14 -0.45
C GLU A 82 9.76 7.74 -1.76
N ALA A 1 16.66 16.69 -1.09
CA ALA A 1 16.19 17.95 -0.53
C ALA A 1 14.80 18.30 -1.05
N ALA A 2 13.91 18.65 -0.14
CA ALA A 2 12.54 19.02 -0.50
C ALA A 2 11.86 17.87 -1.24
N GLU A 3 10.55 17.77 -1.10
CA GLU A 3 9.78 16.72 -1.76
C GLU A 3 9.86 16.87 -3.28
N ILE A 4 10.45 15.88 -3.94
CA ILE A 4 10.58 15.90 -5.38
C ILE A 4 9.58 14.97 -6.05
N SER A 5 8.94 14.15 -5.23
CA SER A 5 7.95 13.18 -5.70
C SER A 5 7.50 12.27 -4.57
N GLY A 6 7.09 11.06 -4.92
CA GLY A 6 6.64 10.11 -3.91
C GLY A 6 6.56 8.69 -4.44
N HIS A 7 5.53 7.97 -4.03
CA HIS A 7 5.34 6.58 -4.46
C HIS A 7 4.17 5.95 -3.72
N ILE A 8 2.96 6.20 -4.21
CA ILE A 8 1.76 5.64 -3.61
C ILE A 8 1.06 4.69 -4.55
N VAL A 9 0.35 3.72 -3.98
CA VAL A 9 -0.37 2.73 -4.77
C VAL A 9 -1.88 2.94 -4.65
N ARG A 10 -2.31 4.20 -4.74
CA ARG A 10 -3.72 4.54 -4.63
C ARG A 10 -4.60 3.45 -5.23
N SER A 11 -5.62 3.05 -4.49
CA SER A 11 -6.53 2.00 -4.95
C SER A 11 -6.76 2.11 -6.45
N PRO A 12 -6.03 1.31 -7.24
CA PRO A 12 -6.16 1.30 -8.70
C PRO A 12 -7.59 1.01 -9.15
N MET A 13 -8.39 0.50 -8.22
CA MET A 13 -9.78 0.17 -8.49
C MET A 13 -10.62 0.31 -7.23
N VAL A 14 -11.94 0.34 -7.41
CA VAL A 14 -12.85 0.46 -6.29
C VAL A 14 -12.89 -0.83 -5.46
N GLY A 15 -11.86 -1.03 -4.65
CA GLY A 15 -11.79 -2.22 -3.82
C GLY A 15 -11.56 -1.90 -2.35
N THR A 16 -10.55 -2.55 -1.76
CA THR A 16 -10.24 -2.32 -0.35
C THR A 16 -8.74 -2.46 -0.10
N PHE A 17 -8.18 -1.52 0.65
CA PHE A 17 -6.76 -1.54 0.97
C PHE A 17 -6.52 -2.20 2.32
N TYR A 18 -5.40 -2.92 2.42
CA TYR A 18 -5.04 -3.60 3.66
C TYR A 18 -3.54 -3.51 3.93
N ARG A 19 -3.16 -3.73 5.18
CA ARG A 19 -1.76 -3.68 5.56
C ARG A 19 -1.44 -4.75 6.61
N THR A 20 -2.25 -5.81 6.62
CA THR A 20 -2.06 -6.90 7.56
C THR A 20 -2.11 -8.25 6.84
N PRO A 21 -0.94 -8.86 6.59
CA PRO A 21 -0.84 -10.15 5.91
C PRO A 21 -1.42 -11.29 6.74
N SER A 22 -1.11 -11.29 8.03
CA SER A 22 -1.60 -12.33 8.93
C SER A 22 -2.22 -11.72 10.18
N PRO A 23 -3.05 -12.50 10.89
CA PRO A 23 -3.72 -12.03 12.11
C PRO A 23 -2.75 -11.87 13.27
N ASP A 24 -2.45 -10.63 13.62
CA ASP A 24 -1.54 -10.34 14.72
C ASP A 24 -0.09 -10.48 14.27
N ALA A 25 0.21 -9.95 13.09
CA ALA A 25 1.56 -10.00 12.55
C ALA A 25 2.22 -8.63 12.56
N LYS A 26 3.26 -8.47 11.75
CA LYS A 26 3.98 -7.21 11.67
C LYS A 26 3.42 -6.34 10.54
N ALA A 27 2.18 -6.59 10.16
CA ALA A 27 1.52 -5.84 9.10
C ALA A 27 2.23 -6.07 7.77
N PHE A 28 1.68 -5.47 6.70
CA PHE A 28 2.26 -5.61 5.37
C PHE A 28 3.35 -4.56 5.15
N ILE A 29 3.09 -3.34 5.60
CA ILE A 29 4.03 -2.24 5.45
C ILE A 29 3.56 -1.00 6.20
N GLU A 30 4.51 -0.25 6.75
CA GLU A 30 4.18 0.96 7.49
C GLU A 30 5.30 1.99 7.38
N VAL A 31 5.02 3.22 7.79
CA VAL A 31 6.01 4.29 7.74
C VAL A 31 7.36 3.81 8.26
N GLY A 32 8.40 4.03 7.46
CA GLY A 32 9.74 3.62 7.86
C GLY A 32 10.16 2.32 7.21
N GLN A 33 9.20 1.61 6.62
CA GLN A 33 9.49 0.35 5.95
C GLN A 33 10.23 0.57 4.64
N LYS A 34 11.46 0.10 4.57
CA LYS A 34 12.27 0.25 3.37
C LYS A 34 11.94 -0.82 2.35
N VAL A 35 10.88 -0.58 1.57
CA VAL A 35 10.47 -1.53 0.54
C VAL A 35 11.49 -1.62 -0.58
N ASN A 36 11.37 -2.66 -1.40
CA ASN A 36 12.28 -2.86 -2.51
C ASN A 36 11.65 -3.74 -3.58
N VAL A 37 11.72 -3.28 -4.82
CA VAL A 37 11.16 -4.01 -5.96
C VAL A 37 11.28 -5.51 -5.75
N GLY A 38 10.13 -6.18 -5.58
CA GLY A 38 10.13 -7.61 -5.37
C GLY A 38 9.73 -7.99 -3.96
N ASP A 39 9.20 -7.03 -3.22
CA ASP A 39 8.78 -7.26 -1.85
C ASP A 39 7.30 -6.92 -1.67
N THR A 40 6.46 -7.96 -1.63
CA THR A 40 5.02 -7.77 -1.47
C THR A 40 4.72 -6.56 -0.58
N LEU A 41 4.51 -5.41 -1.21
CA LEU A 41 4.22 -4.19 -0.49
C LEU A 41 3.09 -4.42 0.51
N CYS A 42 1.86 -4.48 -0.01
CA CYS A 42 0.69 -4.70 0.83
C CYS A 42 -0.36 -5.51 0.08
N ILE A 43 -1.62 -5.37 0.49
CA ILE A 43 -2.71 -6.08 -0.15
C ILE A 43 -3.91 -5.16 -0.36
N VAL A 44 -4.72 -5.48 -1.37
CA VAL A 44 -5.89 -4.67 -1.69
C VAL A 44 -7.08 -5.56 -2.07
N GLU A 45 -7.85 -5.97 -1.06
CA GLU A 45 -9.01 -6.82 -1.30
C GLU A 45 -9.90 -6.24 -2.38
N ALA A 46 -9.58 -6.55 -3.63
CA ALA A 46 -10.37 -6.05 -4.77
C ALA A 46 -11.24 -7.15 -5.34
N MET A 47 -12.47 -6.80 -5.71
CA MET A 47 -13.42 -7.76 -6.27
C MET A 47 -13.52 -8.99 -5.38
N LYS A 48 -13.16 -8.81 -4.12
CA LYS A 48 -13.21 -9.90 -3.14
C LYS A 48 -11.92 -10.72 -3.19
N MET A 49 -10.80 -10.04 -3.41
CA MET A 49 -9.50 -10.71 -3.46
C MET A 49 -8.39 -9.77 -3.01
N MET A 50 -7.57 -10.25 -2.09
CA MET A 50 -6.45 -9.46 -1.57
C MET A 50 -5.40 -9.22 -2.65
N ASN A 51 -5.51 -8.11 -3.34
CA ASN A 51 -4.57 -7.76 -4.40
C ASN A 51 -3.20 -7.41 -3.82
N GLN A 52 -2.45 -8.42 -3.42
CA GLN A 52 -1.13 -8.22 -2.84
C GLN A 52 -0.24 -7.42 -3.79
N ILE A 53 0.03 -6.16 -3.43
CA ILE A 53 0.86 -5.29 -4.25
C ILE A 53 2.34 -5.69 -4.13
N GLU A 54 3.09 -5.42 -5.20
CA GLU A 54 4.52 -5.73 -5.23
C GLU A 54 5.34 -4.49 -5.51
N ALA A 55 6.28 -4.19 -4.61
CA ALA A 55 7.14 -3.02 -4.77
C ALA A 55 7.59 -2.87 -6.22
N ASP A 56 7.34 -1.71 -6.79
CA ASP A 56 7.72 -1.44 -8.17
C ASP A 56 8.80 -0.37 -8.23
N LYS A 57 9.43 -0.09 -7.10
CA LYS A 57 10.48 0.91 -7.02
C LYS A 57 10.97 1.09 -5.59
N SER A 58 12.14 0.56 -5.29
CA SER A 58 12.71 0.67 -3.95
C SER A 58 12.39 2.03 -3.34
N GLY A 59 11.59 2.02 -2.27
CA GLY A 59 11.23 3.26 -1.62
C GLY A 59 11.05 3.11 -0.13
N THR A 60 10.57 4.17 0.52
CA THR A 60 10.36 4.15 1.96
C THR A 60 8.95 4.61 2.32
N VAL A 61 8.10 3.69 2.76
CA VAL A 61 6.75 4.04 3.13
C VAL A 61 6.73 5.37 3.88
N LYS A 62 5.68 6.16 3.67
CA LYS A 62 5.58 7.45 4.32
C LYS A 62 4.31 7.54 5.17
N ALA A 63 3.35 6.69 4.87
CA ALA A 63 2.10 6.68 5.62
C ALA A 63 0.99 5.97 4.84
N ILE A 64 -0.10 5.64 5.53
CA ILE A 64 -1.23 4.97 4.90
C ILE A 64 -2.41 5.94 4.77
N LEU A 65 -2.37 6.76 3.72
CA LEU A 65 -3.45 7.71 3.48
C LEU A 65 -4.80 7.09 3.75
N VAL A 66 -4.88 5.78 3.54
CA VAL A 66 -6.10 5.04 3.76
C VAL A 66 -6.05 4.27 5.07
N GLU A 67 -7.15 4.30 5.81
CA GLU A 67 -7.23 3.59 7.08
C GLU A 67 -7.16 2.09 6.86
N SER A 68 -5.96 1.54 6.95
CA SER A 68 -5.77 0.10 6.76
C SER A 68 -6.96 -0.68 7.30
N GLY A 69 -7.40 -1.67 6.54
CA GLY A 69 -8.53 -2.48 6.96
C GLY A 69 -9.86 -1.86 6.59
N GLN A 70 -9.90 -1.20 5.44
CA GLN A 70 -11.14 -0.56 4.98
C GLN A 70 -11.14 -0.41 3.47
N PRO A 71 -12.35 -0.24 2.88
CA PRO A 71 -12.51 -0.08 1.43
C PRO A 71 -11.95 1.23 0.92
N VAL A 72 -12.02 1.43 -0.39
CA VAL A 72 -11.51 2.65 -1.02
C VAL A 72 -12.18 2.89 -2.37
N GLU A 73 -11.70 3.90 -3.09
CA GLU A 73 -12.25 4.24 -4.39
C GLU A 73 -11.15 4.64 -5.37
N PHE A 74 -11.35 4.35 -6.64
CA PHE A 74 -10.37 4.68 -7.67
C PHE A 74 -9.71 6.02 -7.38
N ASP A 75 -8.39 6.02 -7.26
CA ASP A 75 -7.64 7.24 -6.99
C ASP A 75 -7.70 7.58 -5.50
N GLU A 76 -7.69 6.55 -4.66
CA GLU A 76 -7.73 6.75 -3.22
C GLU A 76 -6.42 6.31 -2.57
N PRO A 77 -5.36 7.12 -2.73
CA PRO A 77 -4.06 6.83 -2.16
C PRO A 77 -4.17 6.09 -0.83
N LEU A 78 -3.59 4.90 -0.77
CA LEU A 78 -3.65 4.08 0.44
C LEU A 78 -2.30 3.99 1.13
N VAL A 79 -1.30 3.45 0.42
CA VAL A 79 0.03 3.28 0.98
C VAL A 79 1.04 4.19 0.28
N VAL A 80 1.51 5.20 1.01
CA VAL A 80 2.48 6.15 0.48
C VAL A 80 3.91 5.72 0.78
N ILE A 81 4.82 6.00 -0.15
CA ILE A 81 6.23 5.63 0.02
C ILE A 81 7.14 6.72 -0.56
N GLU A 82 8.21 7.02 0.16
CA GLU A 82 9.16 8.04 -0.27
C GLU A 82 10.06 7.50 -1.38
N ALA A 1 19.66 15.80 -1.49
CA ALA A 1 18.52 14.90 -1.64
C ALA A 1 18.54 14.20 -2.99
N ALA A 2 18.17 14.94 -4.04
CA ALA A 2 18.15 14.38 -5.39
C ALA A 2 17.02 13.37 -5.55
N GLU A 3 16.20 13.57 -6.57
CA GLU A 3 15.07 12.69 -6.84
C GLU A 3 14.30 12.38 -5.56
N ILE A 4 13.75 13.43 -4.95
CA ILE A 4 12.97 13.27 -3.72
C ILE A 4 11.55 12.82 -4.01
N SER A 5 11.25 12.67 -5.29
CA SER A 5 9.92 12.25 -5.72
C SER A 5 9.38 11.13 -4.83
N GLY A 6 8.14 11.27 -4.41
CA GLY A 6 7.53 10.25 -3.55
C GLY A 6 7.14 9.00 -4.32
N HIS A 7 6.01 8.41 -3.95
CA HIS A 7 5.53 7.21 -4.61
C HIS A 7 4.39 6.58 -3.82
N ILE A 8 3.17 7.04 -4.08
CA ILE A 8 2.01 6.51 -3.38
C ILE A 8 1.49 5.25 -4.05
N VAL A 9 0.65 4.51 -3.34
CA VAL A 9 0.08 3.28 -3.85
C VAL A 9 -1.44 3.35 -3.90
N ARG A 10 -1.97 4.43 -4.48
CA ARG A 10 -3.41 4.62 -4.58
C ARG A 10 -4.08 3.37 -5.12
N SER A 11 -5.19 2.98 -4.52
CA SER A 11 -5.93 1.80 -4.94
C SER A 11 -6.07 1.77 -6.46
N PRO A 12 -5.40 0.81 -7.12
CA PRO A 12 -5.47 0.67 -8.57
C PRO A 12 -6.87 0.39 -9.07
N MET A 13 -7.78 0.11 -8.14
CA MET A 13 -9.17 -0.18 -8.48
C MET A 13 -10.07 0.02 -7.27
N VAL A 14 -11.33 -0.41 -7.40
CA VAL A 14 -12.29 -0.27 -6.31
C VAL A 14 -12.21 -1.47 -5.37
N GLY A 15 -11.29 -1.41 -4.42
CA GLY A 15 -11.13 -2.51 -3.46
C GLY A 15 -10.96 -2.02 -2.04
N THR A 16 -10.06 -2.66 -1.31
CA THR A 16 -9.81 -2.28 0.08
C THR A 16 -8.32 -2.37 0.41
N PHE A 17 -7.83 -1.41 1.21
CA PHE A 17 -6.43 -1.38 1.60
C PHE A 17 -6.20 -2.23 2.84
N TYR A 18 -5.04 -2.88 2.90
CA TYR A 18 -4.68 -3.73 4.04
C TYR A 18 -3.19 -3.67 4.31
N ARG A 19 -2.80 -4.03 5.54
CA ARG A 19 -1.40 -4.03 5.92
C ARG A 19 -1.13 -5.10 6.97
N THR A 20 -2.00 -6.10 7.02
CA THR A 20 -1.87 -7.19 7.98
C THR A 20 -2.45 -8.48 7.43
N PRO A 21 -1.59 -9.44 7.05
CA PRO A 21 -2.03 -10.72 6.50
C PRO A 21 -2.65 -11.63 7.56
N SER A 22 -2.42 -11.30 8.83
CA SER A 22 -2.97 -12.08 9.93
C SER A 22 -2.86 -11.32 11.25
N PRO A 23 -3.81 -11.56 12.17
CA PRO A 23 -3.82 -10.89 13.48
C PRO A 23 -2.48 -11.01 14.20
N ASP A 24 -1.72 -12.05 13.87
CA ASP A 24 -0.42 -12.27 14.49
C ASP A 24 0.67 -12.40 13.43
N ALA A 25 0.72 -11.46 12.51
CA ALA A 25 1.70 -11.47 11.44
C ALA A 25 2.68 -10.30 11.57
N LYS A 26 3.38 -10.01 10.47
CA LYS A 26 4.35 -8.92 10.46
C LYS A 26 3.91 -7.81 9.52
N ALA A 27 2.61 -7.74 9.25
CA ALA A 27 2.06 -6.74 8.35
C ALA A 27 2.83 -6.70 7.03
N PHE A 28 2.32 -5.93 6.08
CA PHE A 28 2.95 -5.82 4.77
C PHE A 28 3.80 -4.55 4.69
N ILE A 29 3.25 -3.44 5.16
CA ILE A 29 3.97 -2.16 5.14
C ILE A 29 3.36 -1.18 6.14
N GLU A 30 4.22 -0.40 6.79
CA GLU A 30 3.78 0.58 7.77
C GLU A 30 4.45 1.93 7.53
N VAL A 31 4.00 2.95 8.25
CA VAL A 31 4.55 4.28 8.12
C VAL A 31 6.06 4.28 8.37
N GLY A 32 6.83 4.59 7.33
CA GLY A 32 8.26 4.62 7.45
C GLY A 32 8.91 3.31 7.08
N GLN A 33 8.09 2.33 6.68
CA GLN A 33 8.58 1.02 6.30
C GLN A 33 9.24 1.07 4.92
N LYS A 34 10.55 0.81 4.88
CA LYS A 34 11.29 0.83 3.64
C LYS A 34 10.95 -0.37 2.76
N VAL A 35 10.61 -0.12 1.50
CA VAL A 35 10.26 -1.19 0.58
C VAL A 35 11.31 -1.34 -0.52
N ASN A 36 11.15 -2.37 -1.34
CA ASN A 36 12.08 -2.63 -2.42
C ASN A 36 11.47 -3.58 -3.45
N VAL A 37 11.55 -3.20 -4.71
CA VAL A 37 11.01 -4.01 -5.79
C VAL A 37 11.30 -5.49 -5.58
N GLY A 38 10.25 -6.31 -5.62
CA GLY A 38 10.41 -7.73 -5.42
C GLY A 38 9.77 -8.22 -4.14
N ASP A 39 9.20 -7.30 -3.38
CA ASP A 39 8.53 -7.65 -2.12
C ASP A 39 7.03 -7.43 -2.24
N THR A 40 6.40 -7.07 -1.12
CA THR A 40 4.96 -6.84 -1.09
C THR A 40 4.63 -5.53 -0.38
N LEU A 41 3.75 -4.75 -0.99
CA LEU A 41 3.34 -3.47 -0.42
C LEU A 41 2.17 -3.65 0.54
N CYS A 42 0.99 -3.91 -0.01
CA CYS A 42 -0.20 -4.11 0.79
C CYS A 42 -1.23 -4.95 0.04
N ILE A 43 -2.41 -5.11 0.63
CA ILE A 43 -3.47 -5.89 0.02
C ILE A 43 -4.62 -5.00 -0.42
N VAL A 44 -4.85 -4.96 -1.73
CA VAL A 44 -5.92 -4.15 -2.29
C VAL A 44 -7.15 -5.01 -2.59
N GLU A 45 -7.64 -5.68 -1.56
CA GLU A 45 -8.81 -6.56 -1.70
C GLU A 45 -9.80 -6.00 -2.72
N ALA A 46 -9.66 -6.46 -3.96
CA ALA A 46 -10.54 -6.02 -5.03
C ALA A 46 -11.47 -7.14 -5.48
N MET A 47 -12.73 -6.80 -5.73
CA MET A 47 -13.71 -7.79 -6.16
C MET A 47 -13.92 -8.86 -5.09
N LYS A 48 -13.42 -8.58 -3.89
CA LYS A 48 -13.55 -9.51 -2.77
C LYS A 48 -12.43 -10.54 -2.79
N MET A 49 -11.19 -10.06 -2.84
CA MET A 49 -10.04 -10.94 -2.86
C MET A 49 -8.74 -10.14 -2.70
N MET A 50 -7.87 -10.61 -1.82
CA MET A 50 -6.60 -9.95 -1.57
C MET A 50 -5.87 -9.65 -2.87
N ASN A 51 -5.51 -8.39 -3.07
CA ASN A 51 -4.81 -7.97 -4.27
C ASN A 51 -3.35 -7.65 -3.96
N GLN A 52 -2.62 -8.64 -3.47
CA GLN A 52 -1.22 -8.46 -3.11
C GLN A 52 -0.53 -7.53 -4.11
N ILE A 53 0.19 -6.54 -3.59
CA ILE A 53 0.90 -5.58 -4.43
C ILE A 53 2.41 -5.78 -4.32
N GLU A 54 3.04 -6.11 -5.45
CA GLU A 54 4.48 -6.31 -5.49
C GLU A 54 5.21 -5.00 -5.76
N ALA A 55 6.13 -4.65 -4.87
CA ALA A 55 6.91 -3.41 -5.02
C ALA A 55 7.39 -3.24 -6.45
N ASP A 56 6.91 -2.19 -7.12
CA ASP A 56 7.30 -1.92 -8.50
C ASP A 56 8.34 -0.81 -8.55
N LYS A 57 8.91 -0.47 -7.39
CA LYS A 57 9.93 0.57 -7.30
C LYS A 57 10.39 0.75 -5.86
N SER A 58 11.70 0.59 -5.65
CA SER A 58 12.26 0.75 -4.31
C SER A 58 11.92 2.11 -3.72
N GLY A 59 11.36 2.11 -2.53
CA GLY A 59 10.99 3.36 -1.89
C GLY A 59 10.88 3.23 -0.38
N THR A 60 10.42 4.30 0.27
CA THR A 60 10.27 4.30 1.72
C THR A 60 8.94 4.91 2.12
N VAL A 61 8.02 4.07 2.61
CA VAL A 61 6.72 4.53 3.04
C VAL A 61 6.85 5.77 3.91
N LYS A 62 5.91 6.70 3.79
CA LYS A 62 5.93 7.92 4.56
C LYS A 62 4.73 7.95 5.49
N ALA A 63 3.62 7.41 5.00
CA ALA A 63 2.39 7.38 5.78
C ALA A 63 1.25 6.77 4.98
N ILE A 64 0.40 6.00 5.66
CA ILE A 64 -0.74 5.37 5.00
C ILE A 64 -1.95 6.28 5.04
N LEU A 65 -2.05 7.16 4.04
CA LEU A 65 -3.15 8.12 3.96
C LEU A 65 -4.46 7.43 4.34
N VAL A 66 -4.52 6.14 4.09
CA VAL A 66 -5.71 5.35 4.40
C VAL A 66 -5.53 4.55 5.67
N GLU A 67 -6.64 4.15 6.28
CA GLU A 67 -6.59 3.36 7.50
C GLU A 67 -5.85 2.06 7.20
N SER A 68 -6.24 0.98 7.87
CA SER A 68 -5.61 -0.30 7.64
C SER A 68 -6.46 -1.19 6.75
N GLY A 69 -7.68 -1.47 7.20
CA GLY A 69 -8.58 -2.31 6.43
C GLY A 69 -9.91 -1.65 6.16
N GLN A 70 -10.09 -1.14 4.95
CA GLN A 70 -11.32 -0.49 4.58
C GLN A 70 -11.40 -0.25 3.08
N PRO A 71 -12.57 -0.53 2.48
CA PRO A 71 -12.79 -0.35 1.04
C PRO A 71 -12.41 1.05 0.56
N VAL A 72 -12.07 1.16 -0.72
CA VAL A 72 -11.69 2.44 -1.30
C VAL A 72 -12.16 2.54 -2.75
N GLU A 73 -11.49 3.39 -3.52
CA GLU A 73 -11.84 3.58 -4.93
C GLU A 73 -10.61 3.95 -5.75
N PHE A 74 -10.62 3.58 -7.02
CA PHE A 74 -9.51 3.88 -7.92
C PHE A 74 -9.00 5.30 -7.70
N ASP A 75 -7.69 5.48 -7.76
CA ASP A 75 -7.08 6.79 -7.57
C ASP A 75 -7.30 7.28 -6.15
N GLU A 76 -7.39 6.34 -5.21
CA GLU A 76 -7.59 6.68 -3.82
C GLU A 76 -6.34 6.38 -2.99
N PRO A 77 -5.30 7.22 -3.14
CA PRO A 77 -4.05 7.07 -2.41
C PRO A 77 -4.26 6.46 -1.03
N LEU A 78 -3.42 5.49 -0.66
CA LEU A 78 -3.53 4.84 0.63
C LEU A 78 -2.18 4.73 1.30
N VAL A 79 -1.16 4.47 0.48
CA VAL A 79 0.20 4.31 0.98
C VAL A 79 1.19 5.19 0.22
N VAL A 80 1.77 6.13 0.95
CA VAL A 80 2.75 7.04 0.36
C VAL A 80 4.18 6.57 0.62
N ILE A 81 4.96 6.45 -0.44
CA ILE A 81 6.35 6.00 -0.33
C ILE A 81 7.31 7.05 -0.88
N GLU A 82 8.52 7.10 -0.32
CA GLU A 82 9.53 8.06 -0.76
C GLU A 82 10.76 7.33 -1.29
N ALA A 1 10.93 21.48 -9.53
CA ALA A 1 11.83 20.33 -9.56
C ALA A 1 11.14 19.09 -9.03
N ALA A 2 10.80 19.10 -7.73
CA ALA A 2 10.15 17.97 -7.10
C ALA A 2 8.74 17.77 -7.66
N GLU A 3 8.61 16.84 -8.61
CA GLU A 3 7.31 16.56 -9.22
C GLU A 3 6.72 15.26 -8.67
N ILE A 4 5.81 15.39 -7.71
CA ILE A 4 5.16 14.25 -7.11
C ILE A 4 6.16 13.44 -6.27
N SER A 5 7.29 14.06 -6.00
CA SER A 5 8.36 13.43 -5.22
C SER A 5 7.77 12.49 -4.16
N GLY A 6 7.59 11.22 -4.54
CA GLY A 6 7.05 10.24 -3.63
C GLY A 6 6.76 8.92 -4.30
N HIS A 7 5.80 8.17 -3.77
CA HIS A 7 5.43 6.88 -4.34
C HIS A 7 4.25 6.28 -3.59
N ILE A 8 3.05 6.77 -3.88
CA ILE A 8 1.85 6.26 -3.23
C ILE A 8 1.16 5.21 -4.09
N VAL A 9 0.65 4.18 -3.45
CA VAL A 9 -0.04 3.10 -4.14
C VAL A 9 -1.53 3.38 -4.24
N ARG A 10 -1.88 4.58 -4.66
CA ARG A 10 -3.28 4.97 -4.81
C ARG A 10 -4.13 3.79 -5.26
N SER A 11 -5.24 3.57 -4.57
CA SER A 11 -6.14 2.47 -4.90
C SER A 11 -6.20 2.26 -6.41
N PRO A 12 -5.38 1.33 -6.93
CA PRO A 12 -5.34 1.02 -8.36
C PRO A 12 -6.72 0.67 -8.91
N MET A 13 -7.60 0.20 -8.04
CA MET A 13 -8.95 -0.18 -8.42
C MET A 13 -9.88 -0.15 -7.22
N VAL A 14 -11.17 -0.39 -7.47
CA VAL A 14 -12.17 -0.40 -6.41
C VAL A 14 -12.01 -1.62 -5.50
N GLY A 15 -11.13 -1.50 -4.50
CA GLY A 15 -10.91 -2.61 -3.58
C GLY A 15 -10.81 -2.15 -2.14
N THR A 16 -10.05 -2.89 -1.33
CA THR A 16 -9.88 -2.55 0.07
C THR A 16 -8.40 -2.52 0.45
N PHE A 17 -7.99 -1.45 1.11
CA PHE A 17 -6.61 -1.29 1.54
C PHE A 17 -6.32 -2.16 2.76
N TYR A 18 -5.09 -2.66 2.85
CA TYR A 18 -4.69 -3.50 3.98
C TYR A 18 -3.20 -3.35 4.28
N ARG A 19 -2.81 -3.62 5.51
CA ARG A 19 -1.42 -3.51 5.92
C ARG A 19 -1.06 -4.63 6.90
N THR A 20 -1.66 -5.80 6.71
CA THR A 20 -1.39 -6.94 7.57
C THR A 20 -1.53 -8.25 6.80
N PRO A 21 -0.41 -8.95 6.57
CA PRO A 21 -0.41 -10.22 5.84
C PRO A 21 -1.09 -11.33 6.62
N SER A 22 -1.13 -11.19 7.94
CA SER A 22 -1.76 -12.18 8.80
C SER A 22 -2.51 -11.51 9.95
N PRO A 23 -3.66 -12.08 10.34
CA PRO A 23 -4.48 -11.54 11.43
C PRO A 23 -3.65 -11.27 12.69
N ASP A 24 -2.49 -11.90 12.78
CA ASP A 24 -1.61 -11.72 13.93
C ASP A 24 -0.15 -11.75 13.51
N ALA A 25 0.29 -10.66 12.89
CA ALA A 25 1.67 -10.55 12.43
C ALA A 25 2.23 -9.15 12.67
N LYS A 26 3.22 -8.78 11.88
CA LYS A 26 3.84 -7.46 12.01
C LYS A 26 3.40 -6.54 10.88
N ALA A 27 2.14 -6.66 10.48
CA ALA A 27 1.58 -5.84 9.42
C ALA A 27 2.24 -6.18 8.08
N PHE A 28 1.90 -5.40 7.05
CA PHE A 28 2.46 -5.61 5.72
C PHE A 28 3.53 -4.56 5.40
N ILE A 29 3.21 -3.31 5.69
CA ILE A 29 4.14 -2.21 5.44
C ILE A 29 3.71 -0.95 6.18
N GLU A 30 4.67 -0.33 6.88
CA GLU A 30 4.38 0.89 7.63
C GLU A 30 5.45 1.96 7.36
N VAL A 31 5.19 3.17 7.82
CA VAL A 31 6.12 4.27 7.63
C VAL A 31 7.52 3.90 8.10
N GLY A 32 8.50 4.10 7.24
CA GLY A 32 9.87 3.78 7.58
C GLY A 32 10.36 2.50 6.92
N GLN A 33 9.42 1.72 6.40
CA GLN A 33 9.74 0.47 5.74
C GLN A 33 10.22 0.72 4.31
N LYS A 34 11.53 0.65 4.11
CA LYS A 34 12.10 0.87 2.78
C LYS A 34 11.84 -0.32 1.87
N VAL A 35 10.61 -0.42 1.38
CA VAL A 35 10.23 -1.51 0.49
C VAL A 35 11.24 -1.67 -0.63
N ASN A 36 11.06 -2.71 -1.45
CA ASN A 36 11.95 -2.98 -2.57
C ASN A 36 11.30 -3.92 -3.56
N VAL A 37 11.34 -3.54 -4.83
CA VAL A 37 10.76 -4.36 -5.89
C VAL A 37 10.99 -5.84 -5.64
N GLY A 38 10.03 -6.66 -6.04
CA GLY A 38 10.15 -8.08 -5.85
C GLY A 38 9.53 -8.55 -4.55
N ASP A 39 9.08 -7.61 -3.74
CA ASP A 39 8.46 -7.91 -2.45
C ASP A 39 6.95 -7.71 -2.53
N THR A 40 6.35 -7.27 -1.42
CA THR A 40 4.92 -7.04 -1.37
C THR A 40 4.59 -5.85 -0.47
N LEU A 41 4.02 -4.80 -1.06
CA LEU A 41 3.66 -3.60 -0.31
C LEU A 41 2.50 -3.89 0.63
N CYS A 42 1.28 -3.77 0.12
CA CYS A 42 0.08 -4.01 0.91
C CYS A 42 -0.92 -4.86 0.13
N ILE A 43 -2.13 -4.99 0.68
CA ILE A 43 -3.18 -5.77 0.04
C ILE A 43 -4.30 -4.87 -0.46
N VAL A 44 -4.59 -4.95 -1.76
CA VAL A 44 -5.64 -4.16 -2.36
C VAL A 44 -6.86 -5.02 -2.67
N GLU A 45 -7.40 -5.66 -1.64
CA GLU A 45 -8.57 -6.52 -1.79
C GLU A 45 -9.51 -6.00 -2.88
N ALA A 46 -9.43 -6.62 -4.06
CA ALA A 46 -10.27 -6.24 -5.18
C ALA A 46 -11.09 -7.42 -5.66
N MET A 47 -12.28 -7.14 -6.20
CA MET A 47 -13.15 -8.19 -6.70
C MET A 47 -13.34 -9.28 -5.65
N LYS A 48 -13.09 -8.93 -4.40
CA LYS A 48 -13.21 -9.88 -3.30
C LYS A 48 -12.01 -10.83 -3.23
N MET A 49 -10.82 -10.26 -3.05
CA MET A 49 -9.60 -11.05 -2.97
C MET A 49 -8.40 -10.18 -2.66
N MET A 50 -7.66 -10.57 -1.64
CA MET A 50 -6.46 -9.84 -1.22
C MET A 50 -5.52 -9.62 -2.40
N ASN A 51 -5.63 -8.46 -3.04
CA ASN A 51 -4.79 -8.12 -4.19
C ASN A 51 -3.43 -7.61 -3.72
N GLN A 52 -2.61 -8.50 -3.18
CA GLN A 52 -1.29 -8.13 -2.70
C GLN A 52 -0.50 -7.38 -3.77
N ILE A 53 -0.10 -6.15 -3.46
CA ILE A 53 0.65 -5.33 -4.40
C ILE A 53 2.15 -5.58 -4.27
N GLU A 54 2.72 -6.22 -5.28
CA GLU A 54 4.16 -6.52 -5.28
C GLU A 54 4.97 -5.25 -5.55
N ALA A 55 5.89 -4.94 -4.65
CA ALA A 55 6.74 -3.76 -4.80
C ALA A 55 7.09 -3.52 -6.27
N ASP A 56 6.57 -2.44 -6.82
CA ASP A 56 6.84 -2.09 -8.21
C ASP A 56 7.90 -0.99 -8.30
N LYS A 57 8.59 -0.76 -7.19
CA LYS A 57 9.64 0.26 -7.14
C LYS A 57 10.09 0.50 -5.70
N SER A 58 11.37 0.24 -5.43
CA SER A 58 11.93 0.44 -4.11
C SER A 58 11.56 1.82 -3.56
N GLY A 59 11.04 1.85 -2.34
CA GLY A 59 10.66 3.11 -1.72
C GLY A 59 10.58 3.02 -0.22
N THR A 60 10.20 4.12 0.42
CA THR A 60 10.10 4.17 1.87
C THR A 60 8.75 4.74 2.31
N VAL A 61 7.89 3.88 2.84
CA VAL A 61 6.57 4.33 3.29
C VAL A 61 6.69 5.65 4.03
N LYS A 62 5.70 6.53 3.84
CA LYS A 62 5.72 7.83 4.49
C LYS A 62 4.45 8.07 5.29
N ALA A 63 3.41 7.31 5.00
CA ALA A 63 2.15 7.45 5.70
C ALA A 63 1.01 6.74 4.97
N ILE A 64 -0.02 6.35 5.72
CA ILE A 64 -1.17 5.67 5.14
C ILE A 64 -2.36 6.59 5.07
N LEU A 65 -2.38 7.47 4.08
CA LEU A 65 -3.48 8.41 3.90
C LEU A 65 -4.82 7.73 4.14
N VAL A 66 -4.84 6.44 3.84
CA VAL A 66 -6.05 5.64 4.03
C VAL A 66 -5.98 4.82 5.31
N GLU A 67 -7.12 4.36 5.78
CA GLU A 67 -7.17 3.56 6.99
C GLU A 67 -6.30 2.32 6.82
N SER A 68 -6.68 1.23 7.48
CA SER A 68 -5.92 -0.01 7.38
C SER A 68 -6.67 -1.04 6.55
N GLY A 69 -7.83 -1.46 7.05
CA GLY A 69 -8.62 -2.44 6.34
C GLY A 69 -10.02 -1.96 6.04
N GLN A 70 -10.20 -1.34 4.88
CA GLN A 70 -11.50 -0.83 4.48
C GLN A 70 -11.59 -0.69 2.96
N PRO A 71 -12.81 -0.72 2.42
CA PRO A 71 -13.04 -0.59 0.97
C PRO A 71 -12.72 0.80 0.46
N VAL A 72 -11.78 0.89 -0.48
CA VAL A 72 -11.37 2.16 -1.05
C VAL A 72 -11.92 2.33 -2.47
N GLU A 73 -11.52 3.40 -3.14
CA GLU A 73 -11.97 3.68 -4.49
C GLU A 73 -10.84 4.22 -5.35
N PHE A 74 -10.83 3.85 -6.63
CA PHE A 74 -9.80 4.30 -7.55
C PHE A 74 -9.39 5.74 -7.24
N ASP A 75 -8.07 5.99 -7.31
CA ASP A 75 -7.55 7.33 -7.03
C ASP A 75 -7.69 7.68 -5.56
N GLU A 76 -7.70 6.66 -4.71
CA GLU A 76 -7.82 6.85 -3.27
C GLU A 76 -6.50 6.56 -2.57
N PRO A 77 -5.52 7.47 -2.70
CA PRO A 77 -4.21 7.31 -2.07
C PRO A 77 -4.31 6.62 -0.72
N LEU A 78 -3.58 5.51 -0.57
CA LEU A 78 -3.61 4.75 0.67
C LEU A 78 -2.22 4.64 1.29
N VAL A 79 -1.35 3.87 0.66
CA VAL A 79 0.01 3.66 1.13
C VAL A 79 1.00 4.58 0.44
N VAL A 80 1.45 5.59 1.16
CA VAL A 80 2.41 6.55 0.64
C VAL A 80 3.84 6.09 0.90
N ILE A 81 4.68 6.15 -0.13
CA ILE A 81 6.07 5.74 -0.01
C ILE A 81 7.01 6.76 -0.63
N GLU A 82 8.10 7.08 0.06
CA GLU A 82 9.07 8.04 -0.44
C GLU A 82 10.03 7.38 -1.43
N ALA A 1 2.17 17.36 -17.04
CA ALA A 1 2.45 17.05 -15.65
C ALA A 1 3.76 16.27 -15.50
N ALA A 2 4.60 16.72 -14.57
CA ALA A 2 5.87 16.06 -14.33
C ALA A 2 5.86 15.27 -13.03
N GLU A 3 7.00 14.69 -12.68
CA GLU A 3 7.11 13.90 -11.46
C GLU A 3 6.37 14.58 -10.31
N ILE A 4 5.87 13.78 -9.37
CA ILE A 4 5.14 14.30 -8.23
C ILE A 4 5.90 14.03 -6.93
N SER A 5 7.20 13.81 -7.05
CA SER A 5 8.04 13.54 -5.88
C SER A 5 7.28 12.72 -4.85
N GLY A 6 6.56 11.70 -5.32
CA GLY A 6 5.80 10.86 -4.41
C GLY A 6 5.88 9.39 -4.78
N HIS A 7 4.95 8.60 -4.25
CA HIS A 7 4.92 7.17 -4.54
C HIS A 7 3.87 6.47 -3.68
N ILE A 8 2.62 6.51 -4.14
CA ILE A 8 1.53 5.88 -3.42
C ILE A 8 0.88 4.78 -4.24
N VAL A 9 0.34 3.79 -3.54
CA VAL A 9 -0.32 2.66 -4.20
C VAL A 9 -1.83 2.89 -4.30
N ARG A 10 -2.22 4.12 -4.55
CA ARG A 10 -3.63 4.47 -4.67
C ARG A 10 -4.40 3.36 -5.37
N SER A 11 -5.48 2.91 -4.74
CA SER A 11 -6.29 1.85 -5.31
C SER A 11 -6.56 2.09 -6.79
N PRO A 12 -5.95 1.27 -7.65
CA PRO A 12 -6.11 1.39 -9.11
C PRO A 12 -7.55 1.20 -9.54
N MET A 13 -8.38 0.68 -8.63
CA MET A 13 -9.78 0.44 -8.92
C MET A 13 -10.63 0.57 -7.65
N VAL A 14 -11.82 -0.03 -7.67
CA VAL A 14 -12.71 0.02 -6.53
C VAL A 14 -12.51 -1.18 -5.62
N GLY A 15 -11.58 -1.06 -4.69
CA GLY A 15 -11.29 -2.15 -3.77
C GLY A 15 -10.99 -1.66 -2.37
N THR A 16 -10.40 -2.53 -1.56
CA THR A 16 -10.06 -2.18 -0.18
C THR A 16 -8.56 -2.32 0.05
N PHE A 17 -8.01 -1.44 0.89
CA PHE A 17 -6.59 -1.45 1.20
C PHE A 17 -6.32 -2.09 2.56
N TYR A 18 -5.18 -2.75 2.68
CA TYR A 18 -4.80 -3.40 3.92
C TYR A 18 -3.30 -3.27 4.17
N ARG A 19 -2.87 -3.60 5.38
CA ARG A 19 -1.45 -3.52 5.74
C ARG A 19 -1.13 -4.52 6.85
N THR A 20 -1.97 -5.54 6.98
CA THR A 20 -1.78 -6.57 8.00
C THR A 20 -2.45 -7.87 7.58
N PRO A 21 -1.65 -8.92 7.32
CA PRO A 21 -2.16 -10.24 6.92
C PRO A 21 -2.92 -10.93 8.04
N SER A 22 -2.40 -10.80 9.27
CA SER A 22 -3.02 -11.42 10.43
C SER A 22 -3.08 -10.45 11.60
N PRO A 23 -3.76 -10.84 12.69
CA PRO A 23 -3.90 -10.00 13.88
C PRO A 23 -2.58 -9.86 14.63
N ASP A 24 -1.72 -10.86 14.50
CA ASP A 24 -0.43 -10.84 15.18
C ASP A 24 0.68 -11.30 14.22
N ALA A 25 0.59 -10.86 12.96
CA ALA A 25 1.58 -11.23 11.96
C ALA A 25 2.66 -10.14 11.83
N LYS A 26 3.31 -10.09 10.67
CA LYS A 26 4.34 -9.11 10.43
C LYS A 26 3.83 -7.97 9.55
N ALA A 27 2.56 -7.62 9.73
CA ALA A 27 1.93 -6.55 8.97
C ALA A 27 2.28 -6.67 7.48
N PHE A 28 2.16 -5.56 6.76
CA PHE A 28 2.46 -5.53 5.34
C PHE A 28 3.19 -4.26 4.96
N ILE A 29 4.12 -3.83 5.81
CA ILE A 29 4.88 -2.62 5.55
C ILE A 29 4.15 -1.39 6.08
N GLU A 30 4.81 -0.66 6.98
CA GLU A 30 4.21 0.54 7.56
C GLU A 30 5.20 1.72 7.49
N VAL A 31 4.80 2.84 8.07
CA VAL A 31 5.63 4.04 8.08
C VAL A 31 7.03 3.72 8.63
N GLY A 32 8.05 4.21 7.93
CA GLY A 32 9.42 3.98 8.37
C GLY A 32 10.02 2.75 7.71
N GLN A 33 9.17 1.80 7.33
CA GLN A 33 9.63 0.57 6.69
C GLN A 33 10.10 0.85 5.27
N LYS A 34 11.28 0.34 4.92
CA LYS A 34 11.83 0.53 3.59
C LYS A 34 11.54 -0.67 2.70
N VAL A 35 10.81 -0.43 1.61
CA VAL A 35 10.46 -1.48 0.67
C VAL A 35 11.52 -1.63 -0.41
N ASN A 36 11.32 -2.60 -1.31
CA ASN A 36 12.25 -2.83 -2.40
C ASN A 36 11.60 -3.71 -3.48
N VAL A 37 11.73 -3.28 -4.71
CA VAL A 37 11.16 -4.02 -5.84
C VAL A 37 11.33 -5.52 -5.65
N GLY A 38 10.52 -6.29 -6.36
CA GLY A 38 10.59 -7.73 -6.26
C GLY A 38 9.88 -8.26 -5.02
N ASP A 39 9.43 -7.36 -4.17
CA ASP A 39 8.73 -7.74 -2.95
C ASP A 39 7.25 -7.41 -3.04
N THR A 40 6.64 -7.06 -1.91
CA THR A 40 5.23 -6.73 -1.88
C THR A 40 4.98 -5.48 -1.03
N LEU A 41 3.94 -4.73 -1.38
CA LEU A 41 3.60 -3.51 -0.65
C LEU A 41 2.51 -3.78 0.38
N CYS A 42 1.27 -3.92 -0.09
CA CYS A 42 0.14 -4.18 0.78
C CYS A 42 -0.92 -5.03 0.07
N ILE A 43 -2.09 -5.13 0.68
CA ILE A 43 -3.18 -5.92 0.11
C ILE A 43 -4.29 -5.00 -0.41
N VAL A 44 -4.57 -5.11 -1.71
CA VAL A 44 -5.61 -4.29 -2.33
C VAL A 44 -6.71 -5.17 -2.91
N GLU A 45 -7.52 -5.75 -2.03
CA GLU A 45 -8.63 -6.61 -2.46
C GLU A 45 -9.59 -5.86 -3.38
N ALA A 46 -9.74 -6.35 -4.61
CA ALA A 46 -10.62 -5.71 -5.58
C ALA A 46 -11.99 -6.36 -5.56
N MET A 47 -12.06 -7.58 -6.05
CA MET A 47 -13.30 -8.33 -6.10
C MET A 47 -13.46 -9.19 -4.85
N LYS A 48 -13.02 -8.64 -3.72
CA LYS A 48 -13.11 -9.33 -2.45
C LYS A 48 -11.87 -10.20 -2.21
N MET A 49 -11.03 -10.31 -3.23
CA MET A 49 -9.80 -11.09 -3.13
C MET A 49 -8.58 -10.20 -3.06
N MET A 50 -7.75 -10.43 -2.05
CA MET A 50 -6.53 -9.65 -1.86
C MET A 50 -5.80 -9.43 -3.18
N ASN A 51 -5.10 -8.31 -3.28
CA ASN A 51 -4.36 -7.97 -4.49
C ASN A 51 -2.92 -7.58 -4.14
N GLN A 52 -2.11 -8.57 -3.78
CA GLN A 52 -0.73 -8.32 -3.42
C GLN A 52 -0.05 -7.41 -4.44
N ILE A 53 0.30 -6.21 -4.00
CA ILE A 53 0.95 -5.24 -4.87
C ILE A 53 2.47 -5.34 -4.76
N GLU A 54 3.10 -5.90 -5.78
CA GLU A 54 4.55 -6.06 -5.79
C GLU A 54 5.25 -4.71 -5.95
N ALA A 55 6.37 -4.55 -5.27
CA ALA A 55 7.14 -3.31 -5.34
C ALA A 55 7.70 -3.07 -6.73
N ASP A 56 7.29 -1.97 -7.35
CA ASP A 56 7.76 -1.64 -8.70
C ASP A 56 8.91 -0.64 -8.64
N LYS A 57 9.15 -0.08 -7.45
CA LYS A 57 10.21 0.89 -7.26
C LYS A 57 10.57 1.04 -5.79
N SER A 58 11.74 0.54 -5.41
CA SER A 58 12.19 0.61 -4.03
C SER A 58 11.75 1.91 -3.38
N GLY A 59 11.36 1.83 -2.10
CA GLY A 59 10.91 3.01 -1.40
C GLY A 59 10.76 2.77 0.09
N THR A 60 10.08 3.68 0.77
CA THR A 60 9.85 3.56 2.22
C THR A 60 8.55 4.24 2.62
N VAL A 61 7.56 3.43 3.00
CA VAL A 61 6.27 3.96 3.41
C VAL A 61 6.44 5.20 4.29
N LYS A 62 5.58 6.17 4.11
CA LYS A 62 5.63 7.40 4.88
C LYS A 62 4.39 7.50 5.75
N ALA A 63 3.28 7.04 5.19
CA ALA A 63 2.01 7.07 5.89
C ALA A 63 0.93 6.37 5.07
N ILE A 64 -0.10 5.87 5.74
CA ILE A 64 -1.19 5.18 5.07
C ILE A 64 -2.40 6.10 4.96
N LEU A 65 -2.42 6.94 3.94
CA LEU A 65 -3.53 7.87 3.73
C LEU A 65 -4.86 7.17 4.01
N VAL A 66 -4.87 5.87 3.78
CA VAL A 66 -6.06 5.07 4.00
C VAL A 66 -5.95 4.28 5.30
N GLU A 67 -7.01 4.29 6.09
CA GLU A 67 -7.02 3.57 7.36
C GLU A 67 -7.00 2.07 7.10
N SER A 68 -5.82 1.47 7.26
CA SER A 68 -5.66 0.05 7.03
C SER A 68 -6.92 -0.72 7.45
N GLY A 69 -7.36 -1.65 6.62
CA GLY A 69 -8.55 -2.42 6.93
C GLY A 69 -9.82 -1.67 6.61
N GLN A 70 -9.81 -0.94 5.49
CA GLN A 70 -10.99 -0.17 5.08
C GLN A 70 -11.07 -0.09 3.56
N PRO A 71 -12.30 -0.20 3.01
CA PRO A 71 -12.53 -0.14 1.57
C PRO A 71 -12.07 1.18 0.97
N VAL A 72 -11.83 1.17 -0.35
CA VAL A 72 -11.39 2.35 -1.06
C VAL A 72 -11.93 2.38 -2.49
N GLU A 73 -11.48 3.35 -3.27
CA GLU A 73 -11.92 3.47 -4.65
C GLU A 73 -10.75 3.81 -5.57
N PHE A 74 -11.02 3.83 -6.88
CA PHE A 74 -9.99 4.15 -7.86
C PHE A 74 -9.33 5.49 -7.54
N ASP A 75 -8.01 5.56 -7.72
CA ASP A 75 -7.27 6.79 -7.45
C ASP A 75 -7.42 7.22 -6.00
N GLU A 76 -7.52 6.24 -5.11
CA GLU A 76 -7.68 6.52 -3.69
C GLU A 76 -6.41 6.16 -2.93
N PRO A 77 -5.37 6.98 -3.05
CA PRO A 77 -4.09 6.76 -2.36
C PRO A 77 -4.28 6.11 -1.01
N LEU A 78 -3.47 5.09 -0.72
CA LEU A 78 -3.57 4.38 0.55
C LEU A 78 -2.22 4.29 1.25
N VAL A 79 -1.21 3.83 0.52
CA VAL A 79 0.13 3.68 1.09
C VAL A 79 1.14 4.56 0.38
N VAL A 80 1.64 5.55 1.09
CA VAL A 80 2.63 6.47 0.53
C VAL A 80 4.05 6.04 0.90
N ILE A 81 4.92 5.96 -0.10
CA ILE A 81 6.30 5.56 0.10
C ILE A 81 7.26 6.71 -0.18
N GLU A 82 8.46 6.65 0.40
CA GLU A 82 9.46 7.69 0.21
C GLU A 82 10.67 7.16 -0.54
N ALA A 1 1.24 19.40 -9.24
CA ALA A 1 2.08 18.36 -8.65
C ALA A 1 3.56 18.64 -8.92
N ALA A 2 4.02 18.24 -10.09
CA ALA A 2 5.42 18.45 -10.47
C ALA A 2 6.35 18.18 -9.29
N GLU A 3 6.18 17.03 -8.66
CA GLU A 3 7.02 16.67 -7.51
C GLU A 3 7.32 15.18 -7.52
N ILE A 4 8.59 14.83 -7.74
CA ILE A 4 9.00 13.44 -7.77
C ILE A 4 9.21 12.89 -6.37
N SER A 5 9.04 13.75 -5.38
CA SER A 5 9.20 13.37 -3.98
C SER A 5 7.96 12.65 -3.47
N GLY A 6 7.89 11.35 -3.73
CA GLY A 6 6.75 10.57 -3.28
C GLY A 6 6.69 9.19 -3.93
N HIS A 7 5.66 8.43 -3.61
CA HIS A 7 5.47 7.09 -4.16
C HIS A 7 4.31 6.38 -3.48
N ILE A 8 3.11 6.65 -3.96
CA ILE A 8 1.91 6.03 -3.41
C ILE A 8 1.47 4.83 -4.23
N VAL A 9 0.44 4.16 -3.76
CA VAL A 9 -0.10 2.99 -4.46
C VAL A 9 -1.61 3.07 -4.57
N ARG A 10 -2.12 4.30 -4.61
CA ARG A 10 -3.56 4.55 -4.71
C ARG A 10 -4.28 3.39 -5.40
N SER A 11 -5.22 2.78 -4.69
CA SER A 11 -5.98 1.67 -5.23
C SER A 11 -6.29 1.89 -6.71
N PRO A 12 -5.75 1.01 -7.58
CA PRO A 12 -5.97 1.10 -9.02
C PRO A 12 -7.41 0.76 -9.41
N MET A 13 -8.15 0.25 -8.44
CA MET A 13 -9.55 -0.13 -8.66
C MET A 13 -10.35 -0.01 -7.37
N VAL A 14 -11.57 -0.54 -7.37
CA VAL A 14 -12.43 -0.48 -6.20
C VAL A 14 -12.20 -1.68 -5.29
N GLY A 15 -11.18 -1.59 -4.45
CA GLY A 15 -10.88 -2.67 -3.54
C GLY A 15 -10.80 -2.22 -2.09
N THR A 16 -9.84 -2.77 -1.34
CA THR A 16 -9.66 -2.42 0.06
C THR A 16 -8.19 -2.46 0.46
N PHE A 17 -7.72 -1.37 1.05
CA PHE A 17 -6.34 -1.28 1.50
C PHE A 17 -6.14 -2.08 2.77
N TYR A 18 -5.03 -2.80 2.87
CA TYR A 18 -4.73 -3.62 4.03
C TYR A 18 -3.24 -3.57 4.38
N ARG A 19 -2.94 -3.85 5.64
CA ARG A 19 -1.55 -3.85 6.11
C ARG A 19 -1.32 -4.96 7.12
N THR A 20 -1.89 -6.13 6.85
CA THR A 20 -1.76 -7.28 7.73
C THR A 20 -1.73 -8.59 6.94
N PRO A 21 -0.53 -9.08 6.62
CA PRO A 21 -0.37 -10.33 5.85
C PRO A 21 -0.78 -11.55 6.64
N SER A 22 -0.47 -11.56 7.94
CA SER A 22 -0.82 -12.68 8.80
C SER A 22 -1.52 -12.19 10.07
N PRO A 23 -2.23 -13.10 10.75
CA PRO A 23 -2.96 -12.76 11.98
C PRO A 23 -2.06 -12.10 13.02
N ASP A 24 -2.16 -10.78 13.13
CA ASP A 24 -1.36 -10.03 14.08
C ASP A 24 0.13 -10.14 13.76
N ALA A 25 0.45 -10.18 12.47
CA ALA A 25 1.83 -10.29 12.02
C ALA A 25 2.57 -8.97 12.16
N LYS A 26 3.64 -8.81 11.40
CA LYS A 26 4.43 -7.58 11.43
C LYS A 26 3.91 -6.57 10.42
N ALA A 27 2.63 -6.70 10.06
CA ALA A 27 2.01 -5.80 9.10
C ALA A 27 2.61 -5.97 7.72
N PHE A 28 1.87 -5.52 6.70
CA PHE A 28 2.32 -5.63 5.32
C PHE A 28 3.21 -4.46 4.95
N ILE A 29 2.78 -3.25 5.32
CA ILE A 29 3.54 -2.04 5.02
C ILE A 29 3.06 -0.87 5.87
N GLU A 30 3.90 -0.43 6.79
CA GLU A 30 3.57 0.68 7.67
C GLU A 30 4.60 1.80 7.56
N VAL A 31 4.32 2.93 8.20
CA VAL A 31 5.22 4.07 8.17
C VAL A 31 6.64 3.66 8.58
N GLY A 32 7.58 3.85 7.68
CA GLY A 32 8.97 3.49 7.97
C GLY A 32 9.41 2.25 7.22
N GLN A 33 8.48 1.62 6.51
CA GLN A 33 8.79 0.41 5.75
C GLN A 33 9.60 0.74 4.50
N LYS A 34 10.70 0.02 4.31
CA LYS A 34 11.56 0.24 3.15
C LYS A 34 11.28 -0.78 2.06
N VAL A 35 10.13 -0.65 1.40
CA VAL A 35 9.74 -1.57 0.35
C VAL A 35 10.88 -1.77 -0.65
N ASN A 36 10.75 -2.78 -1.51
CA ASN A 36 11.76 -3.07 -2.51
C ASN A 36 11.18 -3.91 -3.64
N VAL A 37 11.42 -3.46 -4.86
CA VAL A 37 10.94 -4.16 -6.05
C VAL A 37 10.94 -5.67 -5.83
N GLY A 38 9.76 -6.27 -5.83
CA GLY A 38 9.65 -7.71 -5.64
C GLY A 38 9.26 -8.06 -4.22
N ASP A 39 8.84 -7.07 -3.46
CA ASP A 39 8.44 -7.29 -2.07
C ASP A 39 7.01 -6.81 -1.84
N THR A 40 6.08 -7.75 -1.78
CA THR A 40 4.67 -7.43 -1.56
C THR A 40 4.52 -6.23 -0.63
N LEU A 41 3.67 -5.29 -1.01
CA LEU A 41 3.43 -4.09 -0.22
C LEU A 41 2.23 -4.28 0.69
N CYS A 42 1.03 -4.09 0.14
CA CYS A 42 -0.20 -4.24 0.90
C CYS A 42 -1.21 -5.08 0.13
N ILE A 43 -2.43 -5.17 0.66
CA ILE A 43 -3.49 -5.95 0.03
C ILE A 43 -4.58 -5.03 -0.52
N VAL A 44 -4.84 -5.16 -1.82
CA VAL A 44 -5.87 -4.35 -2.47
C VAL A 44 -7.13 -5.17 -2.71
N GLU A 45 -7.66 -5.75 -1.64
CA GLU A 45 -8.87 -6.56 -1.71
C GLU A 45 -9.80 -6.09 -2.83
N ALA A 46 -9.59 -6.63 -4.02
CA ALA A 46 -10.43 -6.28 -5.17
C ALA A 46 -11.64 -7.20 -5.24
N MET A 47 -12.81 -6.63 -5.46
CA MET A 47 -14.03 -7.41 -5.52
C MET A 47 -14.14 -8.34 -4.32
N LYS A 48 -13.45 -7.96 -3.25
CA LYS A 48 -13.45 -8.73 -1.99
C LYS A 48 -12.24 -9.67 -1.91
N MET A 49 -11.52 -9.81 -3.02
CA MET A 49 -10.34 -10.68 -3.04
C MET A 49 -9.06 -9.89 -2.87
N MET A 50 -8.21 -10.37 -1.97
CA MET A 50 -6.93 -9.71 -1.70
C MET A 50 -6.12 -9.56 -2.98
N ASN A 51 -5.63 -8.35 -3.23
CA ASN A 51 -4.82 -8.08 -4.42
C ASN A 51 -3.45 -7.56 -4.04
N GLN A 52 -2.65 -8.40 -3.39
CA GLN A 52 -1.31 -8.03 -2.98
C GLN A 52 -0.62 -7.17 -4.05
N ILE A 53 0.18 -6.21 -3.60
CA ILE A 53 0.89 -5.33 -4.52
C ILE A 53 2.40 -5.56 -4.45
N GLU A 54 2.99 -5.87 -5.60
CA GLU A 54 4.43 -6.12 -5.66
C GLU A 54 5.20 -4.82 -5.84
N ALA A 55 6.05 -4.50 -4.87
CA ALA A 55 6.84 -3.27 -4.92
C ALA A 55 7.26 -2.96 -6.34
N ASP A 56 6.99 -1.73 -6.77
CA ASP A 56 7.35 -1.30 -8.13
C ASP A 56 8.62 -0.46 -8.12
N LYS A 57 9.06 -0.08 -6.93
CA LYS A 57 10.27 0.73 -6.78
C LYS A 57 10.70 0.80 -5.31
N SER A 58 11.93 0.39 -5.05
CA SER A 58 12.47 0.43 -3.69
C SER A 58 12.26 1.81 -3.07
N GLY A 59 11.41 1.87 -2.07
CA GLY A 59 11.14 3.13 -1.40
C GLY A 59 10.89 2.99 0.08
N THR A 60 10.63 4.11 0.74
CA THR A 60 10.39 4.10 2.19
C THR A 60 9.03 4.71 2.51
N VAL A 61 8.10 3.89 2.99
CA VAL A 61 6.78 4.36 3.35
C VAL A 61 6.87 5.64 4.18
N LYS A 62 5.93 6.55 3.98
CA LYS A 62 5.92 7.81 4.71
C LYS A 62 4.69 7.87 5.61
N ALA A 63 3.61 7.31 5.12
CA ALA A 63 2.35 7.28 5.86
C ALA A 63 1.26 6.58 5.06
N ILE A 64 0.11 6.37 5.69
CA ILE A 64 -1.00 5.72 5.04
C ILE A 64 -2.22 6.63 4.99
N LEU A 65 -2.24 7.51 3.98
CA LEU A 65 -3.35 8.43 3.82
C LEU A 65 -4.66 7.72 4.09
N VAL A 66 -4.68 6.43 3.81
CA VAL A 66 -5.86 5.60 4.03
C VAL A 66 -5.74 4.83 5.32
N GLU A 67 -6.88 4.39 5.86
CA GLU A 67 -6.88 3.60 7.09
C GLU A 67 -6.05 2.35 6.89
N SER A 68 -6.39 1.29 7.61
CA SER A 68 -5.66 0.04 7.49
C SER A 68 -6.44 -0.96 6.63
N GLY A 69 -7.64 -1.32 7.09
CA GLY A 69 -8.45 -2.26 6.36
C GLY A 69 -9.84 -1.74 6.07
N GLN A 70 -9.99 -1.05 4.95
CA GLN A 70 -11.29 -0.50 4.56
C GLN A 70 -11.39 -0.37 3.04
N PRO A 71 -12.64 -0.37 2.52
CA PRO A 71 -12.89 -0.24 1.09
C PRO A 71 -12.28 1.02 0.49
N VAL A 72 -11.96 0.98 -0.79
CA VAL A 72 -11.37 2.11 -1.48
C VAL A 72 -11.94 2.25 -2.89
N GLU A 73 -11.37 3.16 -3.68
CA GLU A 73 -11.83 3.39 -5.04
C GLU A 73 -10.66 3.79 -5.95
N PHE A 74 -10.70 3.34 -7.20
CA PHE A 74 -9.67 3.66 -8.16
C PHE A 74 -9.13 5.07 -7.95
N ASP A 75 -7.82 5.20 -7.76
CA ASP A 75 -7.19 6.49 -7.54
C ASP A 75 -7.38 6.95 -6.10
N GLU A 76 -7.40 5.99 -5.18
CA GLU A 76 -7.57 6.29 -3.76
C GLU A 76 -6.27 6.05 -3.00
N PRO A 77 -5.29 6.96 -3.15
CA PRO A 77 -4.01 6.86 -2.47
C PRO A 77 -4.16 6.30 -1.05
N LEU A 78 -3.37 5.28 -0.73
CA LEU A 78 -3.43 4.65 0.59
C LEU A 78 -2.07 4.68 1.29
N VAL A 79 -1.09 4.03 0.68
CA VAL A 79 0.24 3.96 1.23
C VAL A 79 1.22 4.82 0.45
N VAL A 80 1.83 5.77 1.14
CA VAL A 80 2.80 6.67 0.53
C VAL A 80 4.24 6.25 0.84
N ILE A 81 5.10 6.33 -0.16
CA ILE A 81 6.50 5.94 0.00
C ILE A 81 7.43 7.09 -0.38
N GLU A 82 8.57 7.19 0.30
CA GLU A 82 9.54 8.24 0.01
C GLU A 82 10.63 7.75 -0.93
N ALA A 1 9.30 21.53 -11.81
CA ALA A 1 9.24 22.39 -10.62
C ALA A 1 9.70 21.64 -9.38
N ALA A 2 10.79 20.88 -9.51
CA ALA A 2 11.32 20.11 -8.39
C ALA A 2 10.39 18.98 -7.99
N GLU A 3 10.92 17.77 -7.90
CA GLU A 3 10.13 16.60 -7.54
C GLU A 3 9.55 16.76 -6.13
N ILE A 4 8.50 16.00 -5.85
CA ILE A 4 7.85 16.05 -4.54
C ILE A 4 8.03 14.74 -3.79
N SER A 5 9.05 13.97 -4.18
CA SER A 5 9.34 12.69 -3.54
C SER A 5 8.04 11.99 -3.14
N GLY A 6 7.30 11.50 -4.11
CA GLY A 6 6.05 10.82 -3.84
C GLY A 6 5.97 9.46 -4.50
N HIS A 7 5.24 8.55 -3.87
CA HIS A 7 5.09 7.19 -4.40
C HIS A 7 4.01 6.43 -3.62
N ILE A 8 2.75 6.76 -3.90
CA ILE A 8 1.63 6.09 -3.24
C ILE A 8 1.00 5.04 -4.13
N VAL A 9 0.36 4.07 -3.51
CA VAL A 9 -0.29 3.00 -4.25
C VAL A 9 -1.80 3.21 -4.31
N ARG A 10 -2.20 4.41 -4.72
CA ARG A 10 -3.62 4.75 -4.82
C ARG A 10 -4.43 3.54 -5.26
N SER A 11 -5.54 3.30 -4.57
CA SER A 11 -6.41 2.17 -4.90
C SER A 11 -6.52 2.01 -6.42
N PRO A 12 -5.75 1.08 -6.99
CA PRO A 12 -5.76 0.82 -8.44
C PRO A 12 -7.17 0.47 -8.93
N MET A 13 -8.05 0.14 -8.00
CA MET A 13 -9.42 -0.20 -8.33
C MET A 13 -10.32 -0.06 -7.11
N VAL A 14 -11.63 -0.19 -7.31
CA VAL A 14 -12.58 -0.08 -6.22
C VAL A 14 -12.43 -1.24 -5.23
N GLY A 15 -11.30 -1.25 -4.52
CA GLY A 15 -11.06 -2.31 -3.56
C GLY A 15 -10.91 -1.79 -2.14
N THR A 16 -10.21 -2.55 -1.31
CA THR A 16 -9.99 -2.16 0.09
C THR A 16 -8.52 -2.30 0.48
N PHE A 17 -7.94 -1.20 0.97
CA PHE A 17 -6.54 -1.19 1.38
C PHE A 17 -6.32 -2.17 2.54
N TYR A 18 -5.18 -2.85 2.51
CA TYR A 18 -4.85 -3.82 3.56
C TYR A 18 -3.34 -3.87 3.79
N ARG A 19 -2.94 -3.72 5.04
CA ARG A 19 -1.53 -3.75 5.40
C ARG A 19 -1.26 -4.81 6.47
N THR A 20 -2.12 -5.82 6.52
CA THR A 20 -1.98 -6.90 7.48
C THR A 20 -2.52 -8.21 6.93
N PRO A 21 -1.62 -9.16 6.60
CA PRO A 21 -1.99 -10.46 6.05
C PRO A 21 -2.68 -11.35 7.08
N SER A 22 -2.13 -11.38 8.29
CA SER A 22 -2.69 -12.19 9.37
C SER A 22 -3.30 -11.31 10.45
N PRO A 23 -4.08 -11.92 11.35
CA PRO A 23 -4.73 -11.19 12.45
C PRO A 23 -3.73 -10.70 13.49
N ASP A 24 -2.59 -11.38 13.58
CA ASP A 24 -1.55 -11.02 14.53
C ASP A 24 -0.18 -11.07 13.87
N ALA A 25 -0.15 -10.87 12.57
CA ALA A 25 1.10 -10.90 11.81
C ALA A 25 1.95 -9.66 12.12
N LYS A 26 2.94 -9.41 11.26
CA LYS A 26 3.81 -8.26 11.44
C LYS A 26 3.45 -7.15 10.46
N ALA A 27 2.23 -7.19 9.94
CA ALA A 27 1.75 -6.20 9.00
C ALA A 27 2.43 -6.36 7.63
N PHE A 28 1.83 -5.75 6.61
CA PHE A 28 2.37 -5.83 5.26
C PHE A 28 3.44 -4.75 5.04
N ILE A 29 3.21 -3.58 5.63
CA ILE A 29 4.16 -2.47 5.50
C ILE A 29 3.92 -1.43 6.59
N GLU A 30 4.95 -0.63 6.86
CA GLU A 30 4.86 0.40 7.88
C GLU A 30 5.55 1.67 7.43
N VAL A 31 5.08 2.81 7.93
CA VAL A 31 5.66 4.11 7.58
C VAL A 31 7.17 4.12 7.85
N GLY A 32 7.94 4.51 6.84
CA GLY A 32 9.38 4.57 7.00
C GLY A 32 10.06 3.29 6.53
N GLN A 33 9.26 2.27 6.25
CA GLN A 33 9.79 0.99 5.80
C GLN A 33 10.38 1.11 4.40
N LYS A 34 11.70 1.24 4.31
CA LYS A 34 12.38 1.37 3.03
C LYS A 34 12.10 0.16 2.14
N VAL A 35 10.91 0.12 1.57
CA VAL A 35 10.52 -0.98 0.69
C VAL A 35 11.55 -1.18 -0.43
N ASN A 36 11.39 -2.26 -1.19
CA ASN A 36 12.29 -2.55 -2.28
C ASN A 36 11.69 -3.57 -3.23
N VAL A 37 11.77 -3.27 -4.52
CA VAL A 37 11.24 -4.15 -5.55
C VAL A 37 11.46 -5.62 -5.19
N GLY A 38 10.39 -6.41 -5.27
CA GLY A 38 10.50 -7.82 -4.96
C GLY A 38 9.94 -8.14 -3.58
N ASP A 39 9.43 -7.12 -2.90
CA ASP A 39 8.86 -7.29 -1.57
C ASP A 39 7.38 -6.94 -1.55
N THR A 40 6.54 -7.96 -1.61
CA THR A 40 5.10 -7.77 -1.61
C THR A 40 4.70 -6.60 -0.72
N LEU A 41 4.53 -5.43 -1.33
CA LEU A 41 4.16 -4.23 -0.59
C LEU A 41 3.01 -4.53 0.39
N CYS A 42 1.79 -4.36 -0.09
CA CYS A 42 0.61 -4.62 0.73
C CYS A 42 -0.45 -5.37 -0.06
N ILE A 43 -1.66 -5.47 0.49
CA ILE A 43 -2.75 -6.17 -0.16
C ILE A 43 -3.97 -5.27 -0.29
N VAL A 44 -4.80 -5.55 -1.28
CA VAL A 44 -6.01 -4.78 -1.52
C VAL A 44 -7.15 -5.69 -1.98
N GLU A 45 -8.06 -6.00 -1.05
CA GLU A 45 -9.19 -6.86 -1.36
C GLU A 45 -10.10 -6.22 -2.42
N ALA A 46 -9.81 -6.51 -3.68
CA ALA A 46 -10.59 -5.97 -4.78
C ALA A 46 -11.99 -6.60 -4.81
N MET A 47 -12.45 -6.98 -6.00
CA MET A 47 -13.76 -7.60 -6.15
C MET A 47 -14.08 -8.47 -4.93
N LYS A 48 -13.06 -9.16 -4.47
CA LYS A 48 -13.17 -10.02 -3.31
C LYS A 48 -11.92 -10.88 -3.17
N MET A 49 -10.78 -10.27 -3.46
CA MET A 49 -9.51 -10.96 -3.40
C MET A 49 -8.39 -10.01 -2.98
N MET A 50 -7.59 -10.44 -2.01
CA MET A 50 -6.48 -9.64 -1.51
C MET A 50 -5.44 -9.41 -2.60
N ASN A 51 -5.46 -8.23 -3.21
CA ASN A 51 -4.51 -7.89 -4.26
C ASN A 51 -3.15 -7.56 -3.68
N GLN A 52 -2.35 -8.58 -3.40
CA GLN A 52 -1.02 -8.40 -2.83
C GLN A 52 -0.12 -7.65 -3.81
N ILE A 53 0.10 -6.37 -3.54
CA ILE A 53 0.95 -5.54 -4.39
C ILE A 53 2.43 -5.87 -4.18
N GLU A 54 3.18 -5.91 -5.28
CA GLU A 54 4.61 -6.22 -5.21
C GLU A 54 5.44 -4.98 -5.54
N ALA A 55 6.30 -4.58 -4.61
CA ALA A 55 7.16 -3.42 -4.81
C ALA A 55 7.62 -3.33 -6.26
N ASP A 56 7.19 -2.27 -6.95
CA ASP A 56 7.56 -2.08 -8.35
C ASP A 56 8.56 -0.92 -8.49
N LYS A 57 9.17 -0.55 -7.37
CA LYS A 57 10.15 0.53 -7.37
C LYS A 57 10.66 0.81 -5.95
N SER A 58 11.94 0.54 -5.73
CA SER A 58 12.55 0.74 -4.42
C SER A 58 12.11 2.08 -3.83
N GLY A 59 11.49 2.03 -2.65
CA GLY A 59 11.02 3.25 -2.01
C GLY A 59 10.97 3.12 -0.50
N THR A 60 10.40 4.12 0.15
CA THR A 60 10.28 4.12 1.61
C THR A 60 8.94 4.66 2.06
N VAL A 61 8.08 3.78 2.55
CA VAL A 61 6.76 4.19 3.04
C VAL A 61 6.86 5.49 3.82
N LYS A 62 5.86 6.36 3.67
CA LYS A 62 5.87 7.63 4.37
C LYS A 62 4.60 7.82 5.19
N ALA A 63 3.56 7.06 4.86
CA ALA A 63 2.30 7.15 5.57
C ALA A 63 1.19 6.39 4.86
N ILE A 64 0.18 5.98 5.63
CA ILE A 64 -0.95 5.25 5.08
C ILE A 64 -2.22 6.10 5.12
N LEU A 65 -2.32 7.03 4.17
CA LEU A 65 -3.48 7.91 4.09
C LEU A 65 -4.77 7.13 4.24
N VAL A 66 -4.72 5.84 3.90
CA VAL A 66 -5.90 4.98 3.99
C VAL A 66 -5.81 4.06 5.20
N GLU A 67 -6.96 3.80 5.82
CA GLU A 67 -7.01 2.94 6.98
C GLU A 67 -6.56 1.53 6.60
N SER A 68 -5.76 0.91 7.46
CA SER A 68 -5.24 -0.43 7.20
C SER A 68 -6.23 -1.27 6.39
N GLY A 69 -7.41 -1.51 6.96
CA GLY A 69 -8.41 -2.30 6.27
C GLY A 69 -9.74 -1.59 6.14
N GLN A 70 -10.02 -1.11 4.95
CA GLN A 70 -11.27 -0.41 4.69
C GLN A 70 -11.50 -0.22 3.19
N PRO A 71 -12.77 -0.06 2.78
CA PRO A 71 -13.13 0.14 1.38
C PRO A 71 -12.61 1.46 0.82
N VAL A 72 -12.10 1.42 -0.41
CA VAL A 72 -11.58 2.62 -1.05
C VAL A 72 -12.11 2.75 -2.47
N GLU A 73 -11.62 3.75 -3.20
CA GLU A 73 -12.06 3.98 -4.57
C GLU A 73 -10.91 4.51 -5.43
N PHE A 74 -10.88 4.10 -6.69
CA PHE A 74 -9.83 4.53 -7.61
C PHE A 74 -9.40 5.96 -7.33
N ASP A 75 -8.09 6.18 -7.31
CA ASP A 75 -7.55 7.51 -7.05
C ASP A 75 -7.63 7.85 -5.56
N GLU A 76 -7.66 6.80 -4.74
CA GLU A 76 -7.75 6.98 -3.30
C GLU A 76 -6.43 6.56 -2.63
N PRO A 77 -5.39 7.39 -2.76
CA PRO A 77 -4.08 7.12 -2.18
C PRO A 77 -4.19 6.37 -0.85
N LEU A 78 -3.43 5.28 -0.72
CA LEU A 78 -3.45 4.48 0.49
C LEU A 78 -2.08 4.39 1.13
N VAL A 79 -1.18 3.64 0.50
CA VAL A 79 0.17 3.45 1.01
C VAL A 79 1.14 4.41 0.36
N VAL A 80 1.50 5.46 1.08
CA VAL A 80 2.44 6.46 0.59
C VAL A 80 3.88 6.01 0.79
N ILE A 81 4.73 6.25 -0.21
CA ILE A 81 6.13 5.87 -0.13
C ILE A 81 7.04 6.97 -0.66
N GLU A 82 8.19 7.13 -0.03
CA GLU A 82 9.14 8.16 -0.44
C GLU A 82 9.84 7.77 -1.74
N ALA A 1 5.43 24.46 -7.77
CA ALA A 1 6.47 23.57 -8.27
C ALA A 1 6.93 22.60 -7.19
N ALA A 2 6.02 22.24 -6.29
CA ALA A 2 6.34 21.32 -5.21
C ALA A 2 6.28 19.87 -5.69
N GLU A 3 7.07 19.01 -5.06
CA GLU A 3 7.12 17.60 -5.42
C GLU A 3 7.03 16.72 -4.18
N ILE A 4 5.81 16.50 -3.71
CA ILE A 4 5.58 15.67 -2.52
C ILE A 4 5.15 14.26 -2.91
N SER A 5 5.12 14.00 -4.20
CA SER A 5 4.73 12.70 -4.72
C SER A 5 5.87 11.70 -4.61
N GLY A 6 6.00 11.08 -3.43
CA GLY A 6 7.06 10.12 -3.21
C GLY A 6 6.83 8.83 -3.97
N HIS A 7 5.80 8.09 -3.58
CA HIS A 7 5.47 6.82 -4.23
C HIS A 7 4.30 6.14 -3.53
N ILE A 8 3.09 6.55 -3.86
CA ILE A 8 1.89 5.97 -3.26
C ILE A 8 1.28 4.93 -4.18
N VAL A 9 0.51 4.02 -3.59
CA VAL A 9 -0.14 2.96 -4.36
C VAL A 9 -1.66 3.13 -4.34
N ARG A 10 -2.12 4.31 -4.73
CA ARG A 10 -3.56 4.60 -4.77
C ARG A 10 -4.33 3.41 -5.30
N SER A 11 -5.43 3.07 -4.62
CA SER A 11 -6.27 1.95 -5.03
C SER A 11 -6.32 1.84 -6.56
N PRO A 12 -5.67 0.80 -7.11
CA PRO A 12 -5.64 0.58 -8.57
C PRO A 12 -7.03 0.27 -9.13
N MET A 13 -7.99 0.08 -8.22
CA MET A 13 -9.36 -0.22 -8.63
C MET A 13 -10.31 -0.08 -7.44
N VAL A 14 -11.60 -0.26 -7.70
CA VAL A 14 -12.61 -0.16 -6.65
C VAL A 14 -12.54 -1.36 -5.71
N GLY A 15 -11.63 -1.30 -4.74
CA GLY A 15 -11.48 -2.39 -3.79
C GLY A 15 -11.18 -1.90 -2.40
N THR A 16 -10.60 -2.78 -1.57
CA THR A 16 -10.26 -2.44 -0.20
C THR A 16 -8.75 -2.52 0.02
N PHE A 17 -8.22 -1.60 0.82
CA PHE A 17 -6.80 -1.57 1.11
C PHE A 17 -6.49 -2.20 2.47
N TYR A 18 -5.40 -2.97 2.53
CA TYR A 18 -4.99 -3.63 3.75
C TYR A 18 -3.49 -3.54 3.96
N ARG A 19 -3.07 -3.45 5.21
CA ARG A 19 -1.66 -3.35 5.54
C ARG A 19 -1.26 -4.43 6.54
N THR A 20 -1.98 -5.55 6.50
CA THR A 20 -1.70 -6.67 7.41
C THR A 20 -2.00 -8.00 6.73
N PRO A 21 -0.97 -8.83 6.52
CA PRO A 21 -1.12 -10.14 5.87
C PRO A 21 -1.86 -11.14 6.76
N SER A 22 -1.57 -11.10 8.05
CA SER A 22 -2.21 -12.00 9.01
C SER A 22 -2.78 -11.24 10.20
N PRO A 23 -3.72 -11.85 10.93
CA PRO A 23 -4.35 -11.22 12.09
C PRO A 23 -3.32 -10.70 13.09
N ASP A 24 -2.24 -11.45 13.26
CA ASP A 24 -1.18 -11.07 14.18
C ASP A 24 0.19 -11.15 13.52
N ALA A 25 0.23 -10.88 12.22
CA ALA A 25 1.47 -10.93 11.47
C ALA A 25 2.33 -9.69 11.74
N LYS A 26 3.24 -9.39 10.82
CA LYS A 26 4.11 -8.24 10.97
C LYS A 26 3.68 -7.10 10.06
N ALA A 27 2.40 -7.10 9.69
CA ALA A 27 1.85 -6.06 8.82
C ALA A 27 2.42 -6.17 7.41
N PHE A 28 1.80 -5.46 6.47
CA PHE A 28 2.24 -5.48 5.08
C PHE A 28 3.18 -4.31 4.81
N ILE A 29 2.94 -3.19 5.47
CA ILE A 29 3.77 -2.00 5.30
C ILE A 29 3.52 -0.99 6.41
N GLU A 30 4.55 -0.21 6.74
CA GLU A 30 4.44 0.79 7.80
C GLU A 30 5.45 1.91 7.59
N VAL A 31 5.07 3.12 7.97
CA VAL A 31 5.96 4.28 7.83
C VAL A 31 7.31 4.02 8.48
N GLY A 32 8.36 4.02 7.68
CA GLY A 32 9.70 3.79 8.20
C GLY A 32 10.44 2.71 7.44
N GLN A 33 9.71 1.68 7.00
CA GLN A 33 10.31 0.58 6.26
C GLN A 33 10.60 0.99 4.81
N LYS A 34 11.82 0.73 4.36
CA LYS A 34 12.22 1.07 3.00
C LYS A 34 11.93 -0.08 2.05
N VAL A 35 10.75 -0.08 1.45
CA VAL A 35 10.36 -1.13 0.52
C VAL A 35 11.42 -1.33 -0.56
N ASN A 36 11.24 -2.35 -1.38
CA ASN A 36 12.17 -2.65 -2.46
C ASN A 36 11.54 -3.59 -3.47
N VAL A 37 11.66 -3.22 -4.75
CA VAL A 37 11.10 -4.02 -5.83
C VAL A 37 11.25 -5.52 -5.54
N GLY A 38 10.18 -6.28 -5.78
CA GLY A 38 10.23 -7.70 -5.54
C GLY A 38 9.80 -8.07 -4.14
N ASP A 39 9.31 -7.08 -3.40
CA ASP A 39 8.88 -7.30 -2.02
C ASP A 39 7.41 -6.92 -1.86
N THR A 40 6.54 -7.94 -1.82
CA THR A 40 5.11 -7.71 -1.68
C THR A 40 4.83 -6.53 -0.76
N LEU A 41 4.50 -5.40 -1.36
CA LEU A 41 4.20 -4.19 -0.59
C LEU A 41 3.07 -4.45 0.40
N CYS A 42 1.84 -4.35 -0.09
CA CYS A 42 0.67 -4.58 0.76
C CYS A 42 -0.44 -5.25 -0.04
N ILE A 43 -1.55 -5.54 0.63
CA ILE A 43 -2.68 -6.18 -0.01
C ILE A 43 -3.87 -5.22 -0.12
N VAL A 44 -4.70 -5.45 -1.14
CA VAL A 44 -5.87 -4.61 -1.35
C VAL A 44 -7.06 -5.45 -1.79
N GLU A 45 -7.90 -5.83 -0.84
CA GLU A 45 -9.08 -6.64 -1.12
C GLU A 45 -9.90 -6.04 -2.25
N ALA A 46 -9.52 -6.36 -3.48
CA ALA A 46 -10.22 -5.86 -4.66
C ALA A 46 -11.10 -6.95 -5.27
N MET A 47 -12.41 -6.73 -5.22
CA MET A 47 -13.38 -7.68 -5.77
C MET A 47 -13.64 -8.79 -4.76
N LYS A 48 -13.34 -8.53 -3.49
CA LYS A 48 -13.55 -9.51 -2.42
C LYS A 48 -12.30 -10.36 -2.21
N MET A 49 -11.27 -10.13 -3.01
CA MET A 49 -10.02 -10.88 -2.90
C MET A 49 -8.84 -9.96 -2.66
N MET A 50 -7.98 -10.33 -1.72
CA MET A 50 -6.80 -9.55 -1.39
C MET A 50 -5.85 -9.48 -2.58
N ASN A 51 -5.53 -8.25 -3.00
CA ASN A 51 -4.64 -8.05 -4.13
C ASN A 51 -3.25 -7.61 -3.65
N GLN A 52 -2.45 -8.58 -3.22
CA GLN A 52 -1.10 -8.30 -2.72
C GLN A 52 -0.28 -7.57 -3.79
N ILE A 53 0.11 -6.33 -3.49
CA ILE A 53 0.90 -5.54 -4.43
C ILE A 53 2.38 -5.91 -4.33
N GLU A 54 3.09 -5.79 -5.45
CA GLU A 54 4.51 -6.11 -5.49
C GLU A 54 5.34 -4.85 -5.72
N ALA A 55 6.28 -4.61 -4.82
CA ALA A 55 7.15 -3.44 -4.92
C ALA A 55 7.47 -3.10 -6.37
N ASP A 56 6.87 -2.03 -6.87
CA ASP A 56 7.09 -1.60 -8.25
C ASP A 56 8.18 -0.55 -8.33
N LYS A 57 8.80 -0.24 -7.19
CA LYS A 57 9.85 0.76 -7.14
C LYS A 57 10.32 0.98 -5.71
N SER A 58 11.61 0.75 -5.46
CA SER A 58 12.17 0.93 -4.12
C SER A 58 11.74 2.27 -3.52
N GLY A 59 11.33 2.24 -2.26
CA GLY A 59 10.90 3.46 -1.60
C GLY A 59 10.84 3.30 -0.09
N THR A 60 10.28 4.29 0.58
CA THR A 60 10.16 4.27 2.04
C THR A 60 8.78 4.74 2.47
N VAL A 61 7.95 3.81 2.94
CA VAL A 61 6.61 4.16 3.40
C VAL A 61 6.64 5.47 4.18
N LYS A 62 5.63 6.30 3.96
CA LYS A 62 5.55 7.59 4.63
C LYS A 62 4.25 7.71 5.42
N ALA A 63 3.27 6.90 5.06
CA ALA A 63 1.98 6.95 5.74
C ALA A 63 0.89 6.29 4.89
N ILE A 64 -0.15 5.80 5.56
CA ILE A 64 -1.26 5.16 4.87
C ILE A 64 -2.44 6.11 4.75
N LEU A 65 -2.44 6.92 3.70
CA LEU A 65 -3.52 7.89 3.49
C LEU A 65 -4.87 7.24 3.76
N VAL A 66 -4.92 5.92 3.56
CA VAL A 66 -6.14 5.17 3.78
C VAL A 66 -6.06 4.36 5.07
N GLU A 67 -7.13 4.40 5.84
CA GLU A 67 -7.17 3.66 7.11
C GLU A 67 -7.15 2.16 6.85
N SER A 68 -5.96 1.57 6.95
CA SER A 68 -5.79 0.15 6.72
C SER A 68 -7.00 -0.62 7.23
N GLY A 69 -7.43 -1.61 6.47
CA GLY A 69 -8.58 -2.40 6.88
C GLY A 69 -9.90 -1.72 6.54
N GLN A 70 -9.93 -1.02 5.42
CA GLN A 70 -11.13 -0.32 4.99
C GLN A 70 -11.23 -0.26 3.47
N PRO A 71 -12.44 -0.03 2.95
CA PRO A 71 -12.68 0.06 1.51
C PRO A 71 -12.05 1.30 0.89
N VAL A 72 -12.19 1.44 -0.42
CA VAL A 72 -11.63 2.59 -1.13
C VAL A 72 -12.12 2.66 -2.57
N GLU A 73 -11.60 3.61 -3.33
CA GLU A 73 -11.98 3.78 -4.72
C GLU A 73 -10.79 4.19 -5.58
N PHE A 74 -10.86 3.88 -6.87
CA PHE A 74 -9.78 4.23 -7.79
C PHE A 74 -9.24 5.62 -7.52
N ASP A 75 -7.93 5.78 -7.62
CA ASP A 75 -7.28 7.07 -7.38
C ASP A 75 -7.42 7.48 -5.92
N GLU A 76 -7.50 6.50 -5.04
CA GLU A 76 -7.63 6.75 -3.61
C GLU A 76 -6.34 6.38 -2.89
N PRO A 77 -5.30 7.20 -3.04
CA PRO A 77 -4.01 6.98 -2.39
C PRO A 77 -4.16 6.31 -1.03
N LEU A 78 -3.53 5.14 -0.87
CA LEU A 78 -3.62 4.40 0.37
C LEU A 78 -2.25 4.26 1.04
N VAL A 79 -1.34 3.55 0.37
CA VAL A 79 0.00 3.33 0.90
C VAL A 79 1.01 4.30 0.29
N VAL A 80 1.39 5.30 1.07
CA VAL A 80 2.36 6.30 0.62
C VAL A 80 3.78 5.85 0.93
N ILE A 81 4.68 6.02 -0.04
CA ILE A 81 6.07 5.63 0.12
C ILE A 81 7.01 6.68 -0.46
N GLU A 82 8.07 7.00 0.28
CA GLU A 82 9.04 8.00 -0.17
C GLU A 82 9.80 7.50 -1.40
N ALA A 1 18.58 21.48 -1.87
CA ALA A 1 18.00 20.40 -2.66
C ALA A 1 16.51 20.63 -2.90
N ALA A 2 15.89 19.70 -3.62
CA ALA A 2 14.46 19.81 -3.92
C ALA A 2 13.91 18.47 -4.41
N GLU A 3 13.12 17.82 -3.58
CA GLU A 3 12.53 16.54 -3.93
C GLU A 3 11.74 15.96 -2.76
N ILE A 4 10.43 15.85 -2.92
CA ILE A 4 9.56 15.32 -1.88
C ILE A 4 9.61 13.79 -1.83
N SER A 5 10.32 13.21 -2.78
CA SER A 5 10.46 11.76 -2.87
C SER A 5 9.19 11.06 -2.38
N GLY A 6 8.16 11.08 -3.22
CA GLY A 6 6.91 10.45 -2.86
C GLY A 6 6.62 9.21 -3.68
N HIS A 7 5.59 8.47 -3.29
CA HIS A 7 5.21 7.24 -4.00
C HIS A 7 4.09 6.51 -3.26
N ILE A 8 2.86 6.95 -3.50
CA ILE A 8 1.71 6.32 -2.86
C ILE A 8 1.05 5.33 -3.81
N VAL A 9 0.85 4.11 -3.31
CA VAL A 9 0.23 3.06 -4.11
C VAL A 9 -1.28 3.15 -4.07
N ARG A 10 -1.82 4.30 -4.47
CA ARG A 10 -3.27 4.51 -4.49
C ARG A 10 -3.97 3.28 -5.04
N SER A 11 -5.05 2.87 -4.37
CA SER A 11 -5.81 1.70 -4.80
C SER A 11 -5.87 1.62 -6.32
N PRO A 12 -4.98 0.81 -6.92
CA PRO A 12 -4.93 0.65 -8.37
C PRO A 12 -6.32 0.42 -8.98
N MET A 13 -7.23 -0.12 -8.17
CA MET A 13 -8.59 -0.38 -8.62
C MET A 13 -9.58 -0.23 -7.46
N VAL A 14 -10.87 -0.21 -7.79
CA VAL A 14 -11.90 -0.07 -6.77
C VAL A 14 -12.00 -1.33 -5.91
N GLY A 15 -11.25 -1.33 -4.80
CA GLY A 15 -11.26 -2.48 -3.91
C GLY A 15 -11.08 -2.07 -2.46
N THR A 16 -10.20 -2.78 -1.76
CA THR A 16 -9.93 -2.49 -0.36
C THR A 16 -8.43 -2.51 -0.06
N PHE A 17 -8.01 -1.78 0.96
CA PHE A 17 -6.60 -1.72 1.34
C PHE A 17 -6.39 -2.25 2.76
N TYR A 18 -5.31 -2.99 2.95
CA TYR A 18 -4.98 -3.57 4.25
C TYR A 18 -3.48 -3.49 4.52
N ARG A 19 -3.11 -3.66 5.79
CA ARG A 19 -1.71 -3.62 6.18
C ARG A 19 -1.34 -4.83 7.03
N THR A 20 -2.23 -5.82 7.05
CA THR A 20 -1.99 -7.03 7.84
C THR A 20 -2.69 -8.23 7.20
N PRO A 21 -1.92 -9.16 6.63
CA PRO A 21 -2.46 -10.35 5.98
C PRO A 21 -2.94 -11.39 6.99
N SER A 22 -2.71 -11.12 8.27
CA SER A 22 -3.12 -12.04 9.33
C SER A 22 -3.42 -11.28 10.62
N PRO A 23 -4.04 -11.96 11.59
CA PRO A 23 -4.37 -11.36 12.89
C PRO A 23 -3.14 -11.19 13.79
N ASP A 24 -2.69 -9.95 13.93
CA ASP A 24 -1.52 -9.66 14.76
C ASP A 24 -0.24 -10.11 14.06
N ALA A 25 -0.24 -10.04 12.74
CA ALA A 25 0.93 -10.43 11.95
C ALA A 25 2.01 -9.35 12.00
N LYS A 26 2.99 -9.46 11.12
CA LYS A 26 4.09 -8.51 11.06
C LYS A 26 3.76 -7.36 10.11
N ALA A 27 2.47 -7.01 10.05
CA ALA A 27 2.02 -5.92 9.17
C ALA A 27 2.52 -6.13 7.75
N PHE A 28 2.10 -5.25 6.85
CA PHE A 28 2.50 -5.33 5.45
C PHE A 28 3.41 -4.16 5.07
N ILE A 29 3.15 -3.01 5.67
CA ILE A 29 3.95 -1.81 5.40
C ILE A 29 3.61 -0.69 6.38
N GLU A 30 4.65 -0.12 6.99
CA GLU A 30 4.46 0.96 7.94
C GLU A 30 5.49 2.06 7.72
N VAL A 31 5.11 3.29 8.02
CA VAL A 31 6.01 4.43 7.85
C VAL A 31 7.45 4.05 8.18
N GLY A 32 8.20 3.64 7.15
CA GLY A 32 9.58 3.25 7.36
C GLY A 32 9.93 1.95 6.67
N GLN A 33 8.93 1.35 6.00
CA GLN A 33 9.14 0.09 5.29
C GLN A 33 9.99 0.31 4.05
N LYS A 34 11.20 -0.25 4.06
CA LYS A 34 12.12 -0.13 2.94
C LYS A 34 11.80 -1.16 1.86
N VAL A 35 10.79 -0.87 1.05
CA VAL A 35 10.39 -1.76 -0.03
C VAL A 35 11.33 -1.64 -1.22
N ASN A 36 11.27 -2.62 -2.11
CA ASN A 36 12.12 -2.63 -3.30
C ASN A 36 11.46 -3.42 -4.42
N VAL A 37 11.40 -2.81 -5.59
CA VAL A 37 10.79 -3.44 -6.76
C VAL A 37 10.97 -4.95 -6.74
N GLY A 38 9.86 -5.67 -6.63
CA GLY A 38 9.91 -7.13 -6.60
C GLY A 38 9.52 -7.69 -5.24
N ASP A 39 9.01 -6.83 -4.36
CA ASP A 39 8.61 -7.25 -3.03
C ASP A 39 7.10 -7.11 -2.86
N THR A 40 6.66 -6.83 -1.64
CA THR A 40 5.24 -6.67 -1.35
C THR A 40 4.99 -5.38 -0.56
N LEU A 41 3.83 -4.78 -0.77
CA LEU A 41 3.48 -3.55 -0.09
C LEU A 41 2.26 -3.75 0.80
N CYS A 42 1.07 -3.70 0.20
CA CYS A 42 -0.17 -3.87 0.94
C CYS A 42 -1.14 -4.78 0.20
N ILE A 43 -2.34 -4.94 0.76
CA ILE A 43 -3.36 -5.78 0.16
C ILE A 43 -4.42 -4.95 -0.54
N VAL A 44 -4.54 -5.14 -1.85
CA VAL A 44 -5.50 -4.41 -2.66
C VAL A 44 -6.78 -5.23 -2.86
N GLU A 45 -7.32 -5.75 -1.76
CA GLU A 45 -8.54 -6.56 -1.83
C GLU A 45 -9.48 -6.03 -2.91
N ALA A 46 -9.40 -6.65 -4.09
CA ALA A 46 -10.26 -6.25 -5.20
C ALA A 46 -11.20 -7.39 -5.62
N MET A 47 -12.49 -7.16 -5.44
CA MET A 47 -13.50 -8.16 -5.79
C MET A 47 -13.68 -9.16 -4.66
N LYS A 48 -13.25 -8.79 -3.46
CA LYS A 48 -13.37 -9.64 -2.29
C LYS A 48 -12.19 -10.61 -2.20
N MET A 49 -11.06 -10.22 -2.78
CA MET A 49 -9.86 -11.06 -2.76
C MET A 49 -8.60 -10.22 -2.58
N MET A 50 -7.79 -10.59 -1.61
CA MET A 50 -6.55 -9.88 -1.33
C MET A 50 -5.57 -10.04 -2.48
N ASN A 51 -4.99 -8.92 -2.92
CA ASN A 51 -4.03 -8.94 -4.01
C ASN A 51 -2.73 -8.25 -3.60
N GLN A 52 -1.82 -9.03 -3.03
CA GLN A 52 -0.53 -8.50 -2.59
C GLN A 52 0.14 -7.70 -3.70
N ILE A 53 0.25 -6.39 -3.50
CA ILE A 53 0.87 -5.52 -4.49
C ILE A 53 2.39 -5.72 -4.52
N GLU A 54 2.95 -5.75 -5.73
CA GLU A 54 4.38 -5.93 -5.90
C GLU A 54 5.08 -4.59 -6.08
N ALA A 55 6.10 -4.34 -5.25
CA ALA A 55 6.85 -3.10 -5.34
C ALA A 55 7.06 -2.67 -6.78
N ASP A 56 6.64 -1.44 -7.10
CA ASP A 56 6.79 -0.91 -8.45
C ASP A 56 7.97 0.05 -8.54
N LYS A 57 8.49 0.45 -7.38
CA LYS A 57 9.62 1.37 -7.33
C LYS A 57 10.19 1.43 -5.91
N SER A 58 11.45 1.07 -5.77
CA SER A 58 12.12 1.10 -4.47
C SER A 58 11.76 2.37 -3.71
N GLY A 59 11.19 2.20 -2.52
CA GLY A 59 10.80 3.36 -1.72
C GLY A 59 10.68 3.02 -0.25
N THR A 60 10.25 4.00 0.55
CA THR A 60 10.10 3.83 1.98
C THR A 60 8.75 4.34 2.46
N VAL A 61 7.86 3.44 2.86
CA VAL A 61 6.55 3.84 3.35
C VAL A 61 6.65 5.09 4.21
N LYS A 62 5.68 5.99 4.08
CA LYS A 62 5.69 7.23 4.85
C LYS A 62 4.39 7.42 5.62
N ALA A 63 3.34 6.72 5.20
CA ALA A 63 2.05 6.85 5.87
C ALA A 63 0.94 6.17 5.07
N ILE A 64 -0.17 5.87 5.74
CA ILE A 64 -1.30 5.23 5.08
C ILE A 64 -2.46 6.21 4.92
N LEU A 65 -2.38 7.06 3.91
CA LEU A 65 -3.44 8.03 3.65
C LEU A 65 -4.80 7.39 3.87
N VAL A 66 -4.86 6.09 3.61
CA VAL A 66 -6.10 5.33 3.76
C VAL A 66 -6.11 4.59 5.10
N GLU A 67 -7.26 4.59 5.76
CA GLU A 67 -7.40 3.90 7.03
C GLU A 67 -7.35 2.40 6.83
N SER A 68 -6.19 1.81 7.05
CA SER A 68 -6.02 0.37 6.90
C SER A 68 -7.28 -0.37 7.32
N GLY A 69 -7.48 -1.55 6.77
CA GLY A 69 -8.66 -2.34 7.12
C GLY A 69 -9.95 -1.64 6.74
N GLN A 70 -9.94 -0.97 5.59
CA GLN A 70 -11.12 -0.26 5.11
C GLN A 70 -11.15 -0.21 3.58
N PRO A 71 -12.35 -0.27 3.00
CA PRO A 71 -12.54 -0.24 1.55
C PRO A 71 -11.87 0.99 0.91
N VAL A 72 -11.86 1.03 -0.42
CA VAL A 72 -11.27 2.15 -1.14
C VAL A 72 -11.69 2.14 -2.61
N GLU A 73 -11.26 3.16 -3.34
CA GLU A 73 -11.60 3.27 -4.76
C GLU A 73 -10.38 3.66 -5.58
N PHE A 74 -10.45 3.44 -6.89
CA PHE A 74 -9.35 3.77 -7.78
C PHE A 74 -8.87 5.20 -7.53
N ASP A 75 -7.55 5.38 -7.61
CA ASP A 75 -6.96 6.70 -7.39
C ASP A 75 -7.16 7.14 -5.95
N GLU A 76 -7.23 6.17 -5.05
CA GLU A 76 -7.42 6.47 -3.62
C GLU A 76 -6.14 6.19 -2.84
N PRO A 77 -5.14 7.07 -3.00
CA PRO A 77 -3.86 6.95 -2.30
C PRO A 77 -4.01 6.30 -0.92
N LEU A 78 -3.36 5.16 -0.74
CA LEU A 78 -3.44 4.44 0.53
C LEU A 78 -2.08 4.35 1.20
N VAL A 79 -1.19 3.55 0.64
CA VAL A 79 0.15 3.36 1.19
C VAL A 79 1.17 4.30 0.57
N VAL A 80 1.55 5.32 1.31
CA VAL A 80 2.52 6.30 0.85
C VAL A 80 3.94 5.80 1.08
N ILE A 81 4.79 5.96 0.08
CA ILE A 81 6.18 5.53 0.18
C ILE A 81 7.14 6.60 -0.33
N GLU A 82 8.22 6.83 0.41
CA GLU A 82 9.21 7.84 0.05
C GLU A 82 9.98 7.40 -1.19
N ALA A 1 12.06 16.08 -11.27
CA ALA A 1 11.93 15.27 -10.07
C ALA A 1 10.69 15.65 -9.28
N ALA A 2 10.38 16.94 -9.25
CA ALA A 2 9.22 17.44 -8.53
C ALA A 2 9.54 17.66 -7.06
N GLU A 3 10.69 17.15 -6.62
CA GLU A 3 11.12 17.29 -5.23
C GLU A 3 9.96 16.99 -4.28
N ILE A 4 9.17 15.97 -4.60
CA ILE A 4 8.04 15.58 -3.77
C ILE A 4 8.17 14.15 -3.30
N SER A 5 9.24 13.49 -3.71
CA SER A 5 9.50 12.10 -3.33
C SER A 5 8.20 11.33 -3.11
N GLY A 6 7.24 11.55 -4.01
CA GLY A 6 5.96 10.88 -3.89
C GLY A 6 5.98 9.48 -4.49
N HIS A 7 5.03 8.66 -4.06
CA HIS A 7 4.92 7.28 -4.54
C HIS A 7 3.88 6.51 -3.74
N ILE A 8 2.62 6.65 -4.14
CA ILE A 8 1.53 5.96 -3.47
C ILE A 8 1.05 4.76 -4.26
N VAL A 9 0.03 4.08 -3.74
CA VAL A 9 -0.53 2.91 -4.40
C VAL A 9 -2.04 3.02 -4.50
N ARG A 10 -2.53 4.25 -4.64
CA ARG A 10 -3.96 4.51 -4.74
C ARG A 10 -4.69 3.35 -5.39
N SER A 11 -5.63 2.76 -4.66
CA SER A 11 -6.40 1.62 -5.16
C SER A 11 -6.70 1.79 -6.65
N PRO A 12 -5.96 1.05 -7.50
CA PRO A 12 -6.14 1.11 -8.94
C PRO A 12 -7.59 0.91 -9.36
N MET A 13 -8.36 0.28 -8.48
CA MET A 13 -9.77 0.02 -8.74
C MET A 13 -10.60 0.19 -7.48
N VAL A 14 -11.90 -0.09 -7.58
CA VAL A 14 -12.79 0.04 -6.44
C VAL A 14 -12.73 -1.20 -5.55
N GLY A 15 -11.88 -1.14 -4.53
CA GLY A 15 -11.74 -2.26 -3.62
C GLY A 15 -11.45 -1.83 -2.20
N THR A 16 -10.58 -2.57 -1.51
CA THR A 16 -10.22 -2.26 -0.14
C THR A 16 -8.72 -2.40 0.07
N PHE A 17 -8.15 -1.50 0.87
CA PHE A 17 -6.72 -1.53 1.16
C PHE A 17 -6.45 -2.15 2.52
N TYR A 18 -5.32 -2.85 2.63
CA TYR A 18 -4.94 -3.50 3.88
C TYR A 18 -3.43 -3.43 4.08
N ARG A 19 -3.00 -3.65 5.32
CA ARG A 19 -1.58 -3.62 5.66
C ARG A 19 -1.22 -4.74 6.63
N THR A 20 -1.93 -5.86 6.52
CA THR A 20 -1.69 -7.01 7.39
C THR A 20 -1.93 -8.32 6.63
N PRO A 21 -0.89 -9.18 6.57
CA PRO A 21 -0.99 -10.46 5.88
C PRO A 21 -1.89 -11.46 6.62
N SER A 22 -2.09 -11.23 7.91
CA SER A 22 -2.92 -12.09 8.72
C SER A 22 -3.33 -11.41 10.03
N PRO A 23 -4.49 -11.81 10.59
CA PRO A 23 -5.00 -11.23 11.83
C PRO A 23 -3.94 -11.21 12.93
N ASP A 24 -2.92 -12.05 12.79
CA ASP A 24 -1.84 -12.11 13.76
C ASP A 24 -0.49 -12.23 13.08
N ALA A 25 -0.04 -11.12 12.48
CA ALA A 25 1.24 -11.10 11.79
C ALA A 25 2.02 -9.83 12.10
N LYS A 26 2.90 -9.44 11.19
CA LYS A 26 3.71 -8.24 11.38
C LYS A 26 3.34 -7.17 10.34
N ALA A 27 2.04 -7.09 10.03
CA ALA A 27 1.55 -6.12 9.06
C ALA A 27 2.16 -6.35 7.69
N PHE A 28 1.81 -5.49 6.74
CA PHE A 28 2.33 -5.61 5.37
C PHE A 28 3.40 -4.56 5.11
N ILE A 29 3.20 -3.37 5.67
CA ILE A 29 4.15 -2.27 5.49
C ILE A 29 3.70 -1.04 6.27
N GLU A 30 4.68 -0.28 6.76
CA GLU A 30 4.38 0.93 7.53
C GLU A 30 5.47 1.99 7.29
N VAL A 31 5.14 3.24 7.62
CA VAL A 31 6.08 4.34 7.46
C VAL A 31 7.47 3.97 7.95
N GLY A 32 8.48 4.30 7.15
CA GLY A 32 9.85 3.99 7.51
C GLY A 32 10.33 2.68 6.92
N GLN A 33 9.40 1.90 6.38
CA GLN A 33 9.73 0.62 5.77
C GLN A 33 10.36 0.81 4.39
N LYS A 34 11.68 0.82 4.35
CA LYS A 34 12.39 0.99 3.08
C LYS A 34 12.13 -0.17 2.14
N VAL A 35 10.93 -0.20 1.56
CA VAL A 35 10.56 -1.26 0.63
C VAL A 35 11.56 -1.38 -0.50
N ASN A 36 11.47 -2.46 -1.26
CA ASN A 36 12.37 -2.70 -2.37
C ASN A 36 11.74 -3.64 -3.38
N VAL A 37 11.81 -3.25 -4.65
CA VAL A 37 11.26 -4.05 -5.73
C VAL A 37 11.42 -5.54 -5.46
N GLY A 38 10.36 -6.30 -5.72
CA GLY A 38 10.40 -7.73 -5.48
C GLY A 38 10.04 -8.10 -4.06
N ASP A 39 9.50 -7.13 -3.32
CA ASP A 39 9.09 -7.35 -1.93
C ASP A 39 7.63 -6.97 -1.73
N THR A 40 6.77 -7.98 -1.67
CA THR A 40 5.35 -7.77 -1.48
C THR A 40 5.09 -6.58 -0.56
N LEU A 41 4.52 -5.51 -1.11
CA LEU A 41 4.22 -4.31 -0.34
C LEU A 41 3.09 -4.57 0.64
N CYS A 42 1.86 -4.39 0.17
CA CYS A 42 0.68 -4.62 1.01
C CYS A 42 -0.38 -5.40 0.24
N ILE A 43 -1.60 -5.42 0.77
CA ILE A 43 -2.69 -6.13 0.14
C ILE A 43 -3.90 -5.21 -0.04
N VAL A 44 -4.72 -5.51 -1.03
CA VAL A 44 -5.90 -4.72 -1.32
C VAL A 44 -7.08 -5.61 -1.72
N GLU A 45 -8.00 -5.80 -0.78
CA GLU A 45 -9.17 -6.64 -1.03
C GLU A 45 -10.03 -6.07 -2.16
N ALA A 46 -9.51 -6.13 -3.38
CA ALA A 46 -10.22 -5.62 -4.54
C ALA A 46 -11.04 -6.74 -5.21
N MET A 47 -12.20 -6.37 -5.75
CA MET A 47 -13.07 -7.33 -6.40
C MET A 47 -13.33 -8.53 -5.49
N LYS A 48 -13.13 -8.34 -4.21
CA LYS A 48 -13.34 -9.40 -3.22
C LYS A 48 -12.14 -10.34 -3.18
N MET A 49 -10.96 -9.77 -3.02
CA MET A 49 -9.73 -10.56 -2.94
C MET A 49 -8.54 -9.69 -2.56
N MET A 50 -7.75 -10.18 -1.62
CA MET A 50 -6.58 -9.46 -1.15
C MET A 50 -5.51 -9.39 -2.23
N ASN A 51 -5.48 -8.26 -2.95
CA ASN A 51 -4.51 -8.07 -4.02
C ASN A 51 -3.15 -7.68 -3.45
N GLN A 52 -2.38 -8.68 -3.02
CA GLN A 52 -1.07 -8.44 -2.46
C GLN A 52 -0.17 -7.72 -3.46
N ILE A 53 0.09 -6.44 -3.20
CA ILE A 53 0.94 -5.64 -4.09
C ILE A 53 2.40 -5.99 -3.92
N GLU A 54 3.22 -5.61 -4.90
CA GLU A 54 4.65 -5.89 -4.86
C GLU A 54 5.46 -4.63 -5.14
N ALA A 55 6.56 -4.47 -4.42
CA ALA A 55 7.42 -3.31 -4.59
C ALA A 55 7.68 -3.02 -6.06
N ASP A 56 7.16 -1.89 -6.55
CA ASP A 56 7.33 -1.50 -7.94
C ASP A 56 8.43 -0.46 -8.09
N LYS A 57 9.19 -0.25 -7.02
CA LYS A 57 10.27 0.72 -7.03
C LYS A 57 10.83 0.95 -5.63
N SER A 58 12.09 0.62 -5.42
CA SER A 58 12.73 0.77 -4.12
C SER A 58 12.38 2.13 -3.51
N GLY A 59 11.59 2.11 -2.44
CA GLY A 59 11.19 3.33 -1.79
C GLY A 59 11.06 3.18 -0.29
N THR A 60 10.60 4.24 0.37
CA THR A 60 10.43 4.23 1.82
C THR A 60 9.04 4.72 2.21
N VAL A 61 8.20 3.80 2.68
CA VAL A 61 6.85 4.16 3.10
C VAL A 61 6.87 5.46 3.91
N LYS A 62 5.85 6.29 3.73
CA LYS A 62 5.77 7.55 4.43
C LYS A 62 4.47 7.66 5.23
N ALA A 63 3.50 6.84 4.88
CA ALA A 63 2.22 6.86 5.57
C ALA A 63 1.13 6.15 4.76
N ILE A 64 0.02 5.83 5.42
CA ILE A 64 -1.09 5.16 4.78
C ILE A 64 -2.25 6.13 4.59
N LEU A 65 -2.25 6.85 3.47
CA LEU A 65 -3.31 7.81 3.18
C LEU A 65 -4.67 7.22 3.53
N VAL A 66 -4.76 5.90 3.45
CA VAL A 66 -6.00 5.18 3.74
C VAL A 66 -5.90 4.47 5.09
N GLU A 67 -7.00 4.51 5.84
CA GLU A 67 -7.03 3.85 7.14
C GLU A 67 -7.01 2.34 6.96
N SER A 68 -5.83 1.75 7.11
CA SER A 68 -5.67 0.31 6.96
C SER A 68 -6.91 -0.43 7.45
N GLY A 69 -7.19 -1.58 6.86
CA GLY A 69 -8.35 -2.36 7.26
C GLY A 69 -9.65 -1.66 6.89
N GLN A 70 -9.65 -0.98 5.75
CA GLN A 70 -10.83 -0.27 5.29
C GLN A 70 -10.91 -0.25 3.77
N PRO A 71 -12.14 -0.14 3.22
CA PRO A 71 -12.36 -0.11 1.77
C PRO A 71 -11.89 1.20 1.14
N VAL A 72 -11.94 1.25 -0.19
CA VAL A 72 -11.53 2.45 -0.92
C VAL A 72 -12.05 2.41 -2.36
N GLU A 73 -11.62 3.38 -3.16
CA GLU A 73 -12.04 3.46 -4.55
C GLU A 73 -10.89 3.89 -5.45
N PHE A 74 -11.12 3.87 -6.75
CA PHE A 74 -10.09 4.26 -7.72
C PHE A 74 -9.47 5.60 -7.35
N ASP A 75 -8.18 5.75 -7.66
CA ASP A 75 -7.46 6.98 -7.36
C ASP A 75 -7.59 7.33 -5.88
N GLU A 76 -7.65 6.31 -5.04
CA GLU A 76 -7.77 6.51 -3.60
C GLU A 76 -6.48 6.12 -2.90
N PRO A 77 -5.43 6.97 -3.01
CA PRO A 77 -4.15 6.72 -2.37
C PRO A 77 -4.30 6.05 -1.01
N LEU A 78 -3.58 4.95 -0.80
CA LEU A 78 -3.67 4.22 0.45
C LEU A 78 -2.30 4.10 1.13
N VAL A 79 -1.29 3.69 0.38
CA VAL A 79 0.05 3.53 0.92
C VAL A 79 1.04 4.48 0.25
N VAL A 80 1.53 5.42 1.04
CA VAL A 80 2.50 6.40 0.55
C VAL A 80 3.94 5.95 0.81
N ILE A 81 4.83 6.27 -0.12
CA ILE A 81 6.23 5.90 0.01
C ILE A 81 7.15 6.98 -0.55
N GLU A 82 8.28 7.21 0.11
CA GLU A 82 9.23 8.22 -0.33
C GLU A 82 9.91 7.81 -1.63
N ALA A 1 17.57 11.27 -5.64
CA ALA A 1 17.89 12.44 -6.46
C ALA A 1 16.64 12.95 -7.19
N ALA A 2 16.59 14.25 -7.43
CA ALA A 2 15.47 14.86 -8.11
C ALA A 2 14.18 14.74 -7.28
N GLU A 3 13.07 15.18 -7.86
CA GLU A 3 11.79 15.12 -7.18
C GLU A 3 10.79 14.29 -7.98
N ILE A 4 9.94 13.54 -7.28
CA ILE A 4 8.93 12.71 -7.93
C ILE A 4 7.59 12.81 -7.21
N SER A 5 7.38 13.92 -6.50
CA SER A 5 6.14 14.14 -5.78
C SER A 5 5.78 12.92 -4.93
N GLY A 6 6.76 12.42 -4.19
CA GLY A 6 6.52 11.26 -3.34
C GLY A 6 6.40 9.98 -4.13
N HIS A 7 5.39 9.18 -3.81
CA HIS A 7 5.17 7.91 -4.49
C HIS A 7 4.10 7.09 -3.78
N ILE A 8 2.84 7.35 -4.11
CA ILE A 8 1.74 6.62 -3.49
C ILE A 8 1.20 5.55 -4.42
N VAL A 9 0.52 4.57 -3.82
CA VAL A 9 -0.05 3.46 -4.58
C VAL A 9 -1.57 3.56 -4.64
N ARG A 10 -2.07 4.76 -4.95
CA ARG A 10 -3.51 4.99 -5.04
C ARG A 10 -4.26 3.75 -5.50
N SER A 11 -5.38 3.45 -4.85
CA SER A 11 -6.18 2.29 -5.19
C SER A 11 -6.31 2.13 -6.70
N PRO A 12 -5.60 1.15 -7.28
CA PRO A 12 -5.63 0.88 -8.73
C PRO A 12 -7.05 0.63 -9.22
N MET A 13 -7.93 0.25 -8.31
CA MET A 13 -9.32 -0.03 -8.65
C MET A 13 -10.22 0.14 -7.43
N VAL A 14 -11.50 -0.18 -7.60
CA VAL A 14 -12.47 -0.06 -6.51
C VAL A 14 -12.43 -1.27 -5.60
N GLY A 15 -11.41 -1.35 -4.76
CA GLY A 15 -11.27 -2.47 -3.85
C GLY A 15 -11.04 -2.04 -2.41
N THR A 16 -10.26 -2.82 -1.67
CA THR A 16 -9.96 -2.51 -0.29
C THR A 16 -8.46 -2.61 -0.02
N PHE A 17 -7.99 -1.89 0.99
CA PHE A 17 -6.58 -1.90 1.34
C PHE A 17 -6.36 -2.49 2.73
N TYR A 18 -5.23 -3.18 2.90
CA TYR A 18 -4.88 -3.79 4.17
C TYR A 18 -3.38 -3.72 4.42
N ARG A 19 -2.98 -3.95 5.66
CA ARG A 19 -1.57 -3.93 6.03
C ARG A 19 -1.29 -4.89 7.17
N THR A 20 -2.16 -5.88 7.34
CA THR A 20 -2.00 -6.86 8.40
C THR A 20 -2.53 -8.23 7.95
N PRO A 21 -1.68 -9.02 7.27
CA PRO A 21 -2.07 -10.35 6.79
C PRO A 21 -2.30 -11.34 7.92
N SER A 22 -1.73 -11.04 9.10
CA SER A 22 -1.88 -11.90 10.26
C SER A 22 -2.54 -11.16 11.41
N PRO A 23 -3.37 -11.85 12.20
CA PRO A 23 -4.07 -11.27 13.34
C PRO A 23 -3.12 -10.49 14.26
N ASP A 24 -1.94 -11.06 14.51
CA ASP A 24 -0.96 -10.44 15.36
C ASP A 24 0.42 -10.47 14.73
N ALA A 25 0.56 -9.86 13.56
CA ALA A 25 1.83 -9.83 12.85
C ALA A 25 2.42 -8.43 12.83
N LYS A 26 3.46 -8.24 12.03
CA LYS A 26 4.11 -6.94 11.92
C LYS A 26 3.54 -6.14 10.74
N ALA A 27 2.30 -6.46 10.37
CA ALA A 27 1.65 -5.78 9.27
C ALA A 27 2.32 -6.08 7.94
N PHE A 28 1.82 -5.48 6.87
CA PHE A 28 2.38 -5.70 5.54
C PHE A 28 3.49 -4.68 5.26
N ILE A 29 3.13 -3.41 5.32
CA ILE A 29 4.09 -2.33 5.07
C ILE A 29 3.66 -1.05 5.78
N GLU A 30 4.19 -0.84 6.97
CA GLU A 30 3.86 0.35 7.75
C GLU A 30 4.89 1.45 7.54
N VAL A 31 4.54 2.67 7.95
CA VAL A 31 5.44 3.81 7.80
C VAL A 31 6.80 3.51 8.40
N GLY A 32 7.77 3.21 7.54
CA GLY A 32 9.11 2.90 8.00
C GLY A 32 9.76 1.78 7.23
N GLN A 33 8.93 0.85 6.74
CA GLN A 33 9.43 -0.29 5.98
C GLN A 33 9.90 0.15 4.60
N LYS A 34 11.18 -0.10 4.31
CA LYS A 34 11.75 0.25 3.01
C LYS A 34 11.51 -0.84 1.98
N VAL A 35 10.47 -0.65 1.17
CA VAL A 35 10.13 -1.62 0.14
C VAL A 35 11.26 -1.77 -0.87
N ASN A 36 11.09 -2.68 -1.82
CA ASN A 36 12.10 -2.92 -2.86
C ASN A 36 11.53 -3.81 -3.95
N VAL A 37 11.77 -3.41 -5.20
CA VAL A 37 11.29 -4.16 -6.35
C VAL A 37 11.33 -5.66 -6.08
N GLY A 38 10.18 -6.31 -6.24
CA GLY A 38 10.09 -7.74 -6.00
C GLY A 38 9.71 -8.08 -4.57
N ASP A 39 9.10 -7.11 -3.90
CA ASP A 39 8.67 -7.30 -2.51
C ASP A 39 7.23 -6.84 -2.32
N THR A 40 6.32 -7.80 -2.15
CA THR A 40 4.92 -7.49 -1.96
C THR A 40 4.74 -6.20 -1.15
N LEU A 41 3.86 -5.33 -1.63
CA LEU A 41 3.61 -4.05 -0.95
C LEU A 41 2.50 -4.20 0.07
N CYS A 42 1.25 -4.13 -0.38
CA CYS A 42 0.10 -4.25 0.51
C CYS A 42 -0.96 -5.14 -0.09
N ILE A 43 -2.16 -5.11 0.49
CA ILE A 43 -3.27 -5.92 0.01
C ILE A 43 -4.38 -5.05 -0.56
N VAL A 44 -4.60 -5.19 -1.87
CA VAL A 44 -5.65 -4.42 -2.54
C VAL A 44 -6.87 -5.29 -2.82
N GLU A 45 -7.44 -5.85 -1.76
CA GLU A 45 -8.61 -6.71 -1.88
C GLU A 45 -9.53 -6.23 -3.00
N ALA A 46 -9.30 -6.77 -4.20
CA ALA A 46 -10.10 -6.40 -5.37
C ALA A 46 -11.03 -7.54 -5.77
N MET A 47 -12.23 -7.19 -6.26
CA MET A 47 -13.20 -8.18 -6.69
C MET A 47 -13.34 -9.27 -5.64
N LYS A 48 -13.02 -8.93 -4.39
CA LYS A 48 -13.12 -9.87 -3.29
C LYS A 48 -11.91 -10.81 -3.27
N MET A 49 -10.71 -10.22 -3.35
CA MET A 49 -9.48 -11.01 -3.33
C MET A 49 -8.29 -10.14 -2.99
N MET A 50 -7.54 -10.55 -1.98
CA MET A 50 -6.37 -9.82 -1.53
C MET A 50 -5.33 -9.72 -2.65
N ASN A 51 -5.56 -8.81 -3.59
CA ASN A 51 -4.65 -8.62 -4.71
C ASN A 51 -3.35 -7.97 -4.25
N GLN A 52 -2.52 -8.75 -3.56
CA GLN A 52 -1.25 -8.26 -3.06
C GLN A 52 -0.46 -7.56 -4.16
N ILE A 53 0.05 -6.37 -3.84
CA ILE A 53 0.82 -5.59 -4.80
C ILE A 53 2.31 -5.84 -4.63
N GLU A 54 3.09 -5.51 -5.67
CA GLU A 54 4.52 -5.71 -5.62
C GLU A 54 5.27 -4.42 -5.98
N ALA A 55 6.38 -4.17 -5.31
CA ALA A 55 7.18 -2.99 -5.55
C ALA A 55 7.71 -2.96 -6.98
N ASP A 56 7.65 -1.80 -7.61
CA ASP A 56 8.12 -1.64 -8.98
C ASP A 56 9.30 -0.68 -9.04
N LYS A 57 9.59 -0.02 -7.92
CA LYS A 57 10.69 0.94 -7.86
C LYS A 57 11.11 1.17 -6.41
N SER A 58 11.05 0.12 -5.60
CA SER A 58 11.43 0.20 -4.19
C SER A 58 10.86 1.48 -3.57
N GLY A 59 11.29 1.75 -2.34
CA GLY A 59 10.81 2.94 -1.65
C GLY A 59 10.73 2.74 -0.14
N THR A 60 9.90 3.55 0.50
CA THR A 60 9.73 3.46 1.95
C THR A 60 8.44 4.17 2.38
N VAL A 61 7.46 3.39 2.81
CA VAL A 61 6.19 3.95 3.26
C VAL A 61 6.40 5.12 4.21
N LYS A 62 5.54 6.12 4.12
CA LYS A 62 5.62 7.29 4.96
C LYS A 62 4.41 7.36 5.87
N ALA A 63 3.28 6.93 5.32
CA ALA A 63 2.03 6.94 6.06
C ALA A 63 0.90 6.41 5.20
N ILE A 64 0.05 5.56 5.80
CA ILE A 64 -1.08 5.01 5.07
C ILE A 64 -2.30 5.90 5.21
N LEU A 65 -2.38 6.90 4.32
CA LEU A 65 -3.50 7.84 4.35
C LEU A 65 -4.80 7.12 4.70
N VAL A 66 -4.88 5.85 4.31
CA VAL A 66 -6.05 5.04 4.58
C VAL A 66 -5.88 4.23 5.86
N GLU A 67 -6.98 4.09 6.60
CA GLU A 67 -6.95 3.32 7.84
C GLU A 67 -6.97 1.83 7.54
N SER A 68 -5.82 1.18 7.70
CA SER A 68 -5.71 -0.24 7.42
C SER A 68 -7.01 -0.96 7.77
N GLY A 69 -7.45 -1.86 6.90
CA GLY A 69 -8.68 -2.58 7.14
C GLY A 69 -9.89 -1.78 6.71
N GLN A 70 -9.74 -1.01 5.63
CA GLN A 70 -10.83 -0.19 5.13
C GLN A 70 -10.83 -0.15 3.60
N PRO A 71 -12.01 -0.10 2.98
CA PRO A 71 -12.14 -0.05 1.52
C PRO A 71 -11.71 1.30 0.94
N VAL A 72 -11.64 1.38 -0.37
CA VAL A 72 -11.23 2.61 -1.05
C VAL A 72 -11.82 2.69 -2.45
N GLU A 73 -11.29 3.60 -3.26
CA GLU A 73 -11.77 3.79 -4.62
C GLU A 73 -10.63 4.17 -5.56
N PHE A 74 -10.82 3.93 -6.86
CA PHE A 74 -9.80 4.25 -7.84
C PHE A 74 -9.27 5.67 -7.64
N ASP A 75 -7.95 5.83 -7.71
CA ASP A 75 -7.32 7.13 -7.53
C ASP A 75 -7.49 7.62 -6.10
N GLU A 76 -7.46 6.69 -5.16
CA GLU A 76 -7.60 7.04 -3.75
C GLU A 76 -6.32 6.70 -2.98
N PRO A 77 -5.28 7.53 -3.14
CA PRO A 77 -4.01 7.34 -2.45
C PRO A 77 -4.20 6.81 -1.05
N LEU A 78 -3.54 5.69 -0.73
CA LEU A 78 -3.67 5.08 0.58
C LEU A 78 -2.30 4.80 1.18
N VAL A 79 -1.37 4.42 0.32
CA VAL A 79 -0.02 4.09 0.74
C VAL A 79 1.00 5.06 0.15
N VAL A 80 1.56 5.90 1.01
CA VAL A 80 2.55 6.87 0.59
C VAL A 80 3.96 6.36 0.88
N ILE A 81 4.76 6.20 -0.16
CA ILE A 81 6.13 5.71 -0.01
C ILE A 81 7.14 6.82 -0.31
N GLU A 82 8.33 6.69 0.27
CA GLU A 82 9.38 7.69 0.07
C GLU A 82 10.70 7.02 -0.31
N ALA A 1 7.80 19.11 -3.20
CA ALA A 1 8.30 17.99 -2.43
C ALA A 1 9.21 17.10 -3.29
N ALA A 2 10.44 16.91 -2.84
CA ALA A 2 11.40 16.08 -3.56
C ALA A 2 11.24 16.26 -5.06
N GLU A 3 11.72 15.27 -5.83
CA GLU A 3 11.63 15.32 -7.28
C GLU A 3 11.01 14.04 -7.83
N ILE A 4 10.18 13.39 -7.01
CA ILE A 4 9.51 12.16 -7.41
C ILE A 4 8.09 12.11 -6.88
N SER A 5 7.53 13.27 -6.56
CA SER A 5 6.18 13.35 -6.02
C SER A 5 5.86 12.17 -5.13
N GLY A 6 6.78 11.84 -4.23
CA GLY A 6 6.59 10.73 -3.32
C GLY A 6 6.49 9.40 -4.05
N HIS A 7 5.58 8.55 -3.61
CA HIS A 7 5.39 7.24 -4.22
C HIS A 7 4.27 6.47 -3.53
N ILE A 8 3.03 6.80 -3.88
CA ILE A 8 1.87 6.14 -3.30
C ILE A 8 1.44 4.94 -4.15
N VAL A 9 0.34 4.31 -3.74
CA VAL A 9 -0.18 3.16 -4.47
C VAL A 9 -1.71 3.18 -4.49
N ARG A 10 -2.27 4.37 -4.71
CA ARG A 10 -3.71 4.54 -4.75
C ARG A 10 -4.39 3.31 -5.34
N SER A 11 -5.44 2.85 -4.68
CA SER A 11 -6.18 1.68 -5.14
C SER A 11 -6.43 1.74 -6.64
N PRO A 12 -5.66 0.96 -7.42
CA PRO A 12 -5.80 0.93 -8.88
C PRO A 12 -7.25 0.70 -9.31
N MET A 13 -8.06 0.18 -8.39
CA MET A 13 -9.46 -0.08 -8.68
C MET A 13 -10.29 0.02 -7.40
N VAL A 14 -11.61 0.08 -7.57
CA VAL A 14 -12.51 0.19 -6.42
C VAL A 14 -12.50 -1.09 -5.60
N GLY A 15 -11.70 -1.11 -4.54
CA GLY A 15 -11.60 -2.27 -3.69
C GLY A 15 -11.34 -1.91 -2.23
N THR A 16 -10.38 -2.61 -1.63
CA THR A 16 -10.02 -2.35 -0.24
C THR A 16 -8.51 -2.43 -0.04
N PHE A 17 -8.01 -1.70 0.95
CA PHE A 17 -6.58 -1.68 1.24
C PHE A 17 -6.31 -2.20 2.66
N TYR A 18 -5.13 -2.78 2.84
CA TYR A 18 -4.74 -3.32 4.15
C TYR A 18 -3.24 -3.18 4.36
N ARG A 19 -2.80 -3.43 5.59
CA ARG A 19 -1.39 -3.33 5.94
C ARG A 19 -0.97 -4.52 6.80
N THR A 20 -1.79 -5.57 6.78
CA THR A 20 -1.51 -6.77 7.56
C THR A 20 -1.67 -8.03 6.71
N PRO A 21 -0.56 -8.69 6.37
CA PRO A 21 -0.59 -9.90 5.54
C PRO A 21 -1.51 -10.96 6.12
N SER A 22 -1.86 -10.82 7.40
CA SER A 22 -2.73 -11.78 8.07
C SER A 22 -2.98 -11.36 9.51
N PRO A 23 -3.96 -12.01 10.17
CA PRO A 23 -4.31 -11.71 11.56
C PRO A 23 -3.25 -12.22 12.54
N ASP A 24 -2.58 -11.29 13.21
CA ASP A 24 -1.54 -11.65 14.18
C ASP A 24 -0.21 -11.86 13.49
N ALA A 25 0.19 -10.90 12.65
CA ALA A 25 1.46 -10.98 11.94
C ALA A 25 2.31 -9.74 12.17
N LYS A 26 3.31 -9.55 11.33
CA LYS A 26 4.19 -8.39 11.45
C LYS A 26 3.82 -7.30 10.44
N ALA A 27 2.52 -7.12 10.23
CA ALA A 27 2.03 -6.12 9.30
C ALA A 27 2.66 -6.29 7.93
N PHE A 28 2.22 -5.49 6.97
CA PHE A 28 2.75 -5.55 5.61
C PHE A 28 3.77 -4.44 5.37
N ILE A 29 3.53 -3.28 5.99
CA ILE A 29 4.43 -2.15 5.84
C ILE A 29 3.96 -0.96 6.67
N GLU A 30 4.90 -0.21 7.23
CA GLU A 30 4.57 0.95 8.04
C GLU A 30 5.62 2.05 7.89
N VAL A 31 5.19 3.30 7.99
CA VAL A 31 6.09 4.44 7.86
C VAL A 31 7.46 4.12 8.45
N GLY A 32 8.49 4.27 7.62
CA GLY A 32 9.85 4.00 8.08
C GLY A 32 10.44 2.77 7.40
N GLN A 33 9.57 1.87 6.95
CA GLN A 33 10.00 0.65 6.29
C GLN A 33 10.30 0.91 4.81
N LYS A 34 11.56 0.72 4.43
CA LYS A 34 11.99 0.94 3.05
C LYS A 34 11.65 -0.26 2.18
N VAL A 35 10.56 -0.16 1.43
CA VAL A 35 10.12 -1.25 0.56
C VAL A 35 11.20 -1.58 -0.47
N ASN A 36 10.95 -2.60 -1.28
CA ASN A 36 11.90 -3.01 -2.31
C ASN A 36 11.22 -3.92 -3.34
N VAL A 37 11.43 -3.60 -4.60
CA VAL A 37 10.84 -4.38 -5.69
C VAL A 37 10.79 -5.86 -5.34
N GLY A 38 9.68 -6.49 -5.68
CA GLY A 38 9.52 -7.91 -5.40
C GLY A 38 9.10 -8.16 -3.96
N ASP A 39 8.62 -7.12 -3.30
CA ASP A 39 8.18 -7.22 -1.91
C ASP A 39 6.74 -6.76 -1.76
N THR A 40 5.82 -7.71 -1.65
CA THR A 40 4.41 -7.39 -1.50
C THR A 40 4.21 -6.21 -0.55
N LEU A 41 3.77 -5.07 -1.11
CA LEU A 41 3.54 -3.88 -0.31
C LEU A 41 2.38 -4.09 0.66
N CYS A 42 1.17 -3.83 0.19
CA CYS A 42 -0.02 -3.98 1.02
C CYS A 42 -1.03 -4.91 0.35
N ILE A 43 -2.23 -5.00 0.92
CA ILE A 43 -3.27 -5.85 0.37
C ILE A 43 -4.35 -5.03 -0.32
N VAL A 44 -4.46 -5.18 -1.63
CA VAL A 44 -5.45 -4.46 -2.41
C VAL A 44 -6.69 -5.32 -2.65
N GLU A 45 -7.32 -5.75 -1.57
CA GLU A 45 -8.52 -6.59 -1.66
C GLU A 45 -9.41 -6.13 -2.81
N ALA A 46 -9.19 -6.69 -3.99
CA ALA A 46 -9.98 -6.35 -5.17
C ALA A 46 -10.89 -7.50 -5.58
N MET A 47 -12.08 -7.17 -6.07
CA MET A 47 -13.03 -8.18 -6.50
C MET A 47 -13.35 -9.16 -5.37
N LYS A 48 -13.01 -8.76 -4.14
CA LYS A 48 -13.24 -9.60 -2.98
C LYS A 48 -12.12 -10.62 -2.80
N MET A 49 -10.89 -10.13 -2.77
CA MET A 49 -9.72 -10.99 -2.59
C MET A 49 -8.44 -10.18 -2.42
N MET A 50 -7.65 -10.56 -1.43
CA MET A 50 -6.40 -9.86 -1.14
C MET A 50 -5.53 -9.76 -2.39
N ASN A 51 -5.62 -8.64 -3.08
CA ASN A 51 -4.84 -8.41 -4.29
C ASN A 51 -3.47 -7.82 -3.95
N GLN A 52 -2.65 -8.60 -3.25
CA GLN A 52 -1.32 -8.14 -2.86
C GLN A 52 -0.71 -7.26 -3.94
N ILE A 53 0.22 -6.39 -3.53
CA ILE A 53 0.88 -5.49 -4.46
C ILE A 53 2.40 -5.68 -4.43
N GLU A 54 2.96 -6.03 -5.58
CA GLU A 54 4.41 -6.25 -5.67
C GLU A 54 5.13 -4.92 -5.88
N ALA A 55 6.02 -4.59 -4.95
CA ALA A 55 6.78 -3.36 -5.03
C ALA A 55 7.25 -3.09 -6.45
N ASP A 56 6.74 -2.01 -7.05
CA ASP A 56 7.11 -1.64 -8.41
C ASP A 56 8.50 -1.03 -8.44
N LYS A 57 8.90 -0.43 -7.32
CA LYS A 57 10.21 0.20 -7.22
C LYS A 57 10.57 0.48 -5.76
N SER A 58 11.81 0.18 -5.39
CA SER A 58 12.26 0.39 -4.03
C SER A 58 11.86 1.77 -3.53
N GLY A 59 11.30 1.82 -2.32
CA GLY A 59 10.87 3.09 -1.76
C GLY A 59 10.74 3.04 -0.25
N THR A 60 10.43 4.18 0.36
CA THR A 60 10.29 4.27 1.81
C THR A 60 8.91 4.79 2.19
N VAL A 61 8.07 3.89 2.73
CA VAL A 61 6.73 4.28 3.14
C VAL A 61 6.77 5.54 3.99
N LYS A 62 5.75 6.38 3.86
CA LYS A 62 5.70 7.62 4.62
C LYS A 62 4.40 7.72 5.42
N ALA A 63 3.40 6.94 5.03
CA ALA A 63 2.12 6.95 5.72
C ALA A 63 1.04 6.24 4.90
N ILE A 64 -0.05 5.90 5.57
CA ILE A 64 -1.16 5.23 4.91
C ILE A 64 -2.32 6.19 4.69
N LEU A 65 -2.28 6.93 3.59
CA LEU A 65 -3.33 7.88 3.26
C LEU A 65 -4.70 7.27 3.55
N VAL A 66 -4.77 5.95 3.46
CA VAL A 66 -6.01 5.23 3.71
C VAL A 66 -5.96 4.54 5.07
N GLU A 67 -7.09 4.53 5.76
CA GLU A 67 -7.17 3.90 7.07
C GLU A 67 -7.07 2.39 6.93
N SER A 68 -5.88 1.85 7.13
CA SER A 68 -5.67 0.42 7.03
C SER A 68 -6.86 -0.34 7.58
N GLY A 69 -7.30 -1.37 6.86
CA GLY A 69 -8.44 -2.15 7.30
C GLY A 69 -9.76 -1.56 6.86
N GLN A 70 -9.79 -1.01 5.65
CA GLN A 70 -11.02 -0.40 5.14
C GLN A 70 -11.02 -0.39 3.61
N PRO A 71 -12.21 -0.18 3.01
CA PRO A 71 -12.35 -0.15 1.54
C PRO A 71 -11.72 1.10 0.91
N VAL A 72 -12.01 1.32 -0.36
CA VAL A 72 -11.47 2.47 -1.08
C VAL A 72 -12.04 2.53 -2.49
N GLU A 73 -11.53 3.48 -3.29
CA GLU A 73 -12.00 3.64 -4.66
C GLU A 73 -10.86 4.07 -5.58
N PHE A 74 -11.01 3.80 -6.88
CA PHE A 74 -10.00 4.16 -7.86
C PHE A 74 -9.46 5.56 -7.60
N ASP A 75 -8.13 5.66 -7.47
CA ASP A 75 -7.49 6.93 -7.21
C ASP A 75 -7.60 7.31 -5.74
N GLU A 76 -7.60 6.29 -4.88
CA GLU A 76 -7.70 6.50 -3.46
C GLU A 76 -6.39 6.14 -2.76
N PRO A 77 -5.37 7.00 -2.88
CA PRO A 77 -4.07 6.78 -2.27
C PRO A 77 -4.18 6.11 -0.91
N LEU A 78 -3.54 4.96 -0.76
CA LEU A 78 -3.58 4.21 0.49
C LEU A 78 -2.20 4.11 1.14
N VAL A 79 -1.24 3.62 0.38
CA VAL A 79 0.12 3.45 0.89
C VAL A 79 1.07 4.47 0.27
N VAL A 80 1.50 5.43 1.08
CA VAL A 80 2.41 6.48 0.64
C VAL A 80 3.86 6.06 0.89
N ILE A 81 4.73 6.37 -0.08
CA ILE A 81 6.13 6.03 0.03
C ILE A 81 7.02 7.14 -0.54
N GLU A 82 8.14 7.41 0.12
CA GLU A 82 9.06 8.45 -0.32
C GLU A 82 10.06 7.89 -1.33
N ALA A 1 7.55 22.37 -9.90
CA ALA A 1 7.26 21.42 -8.82
C ALA A 1 6.48 20.23 -9.35
N ALA A 2 6.89 19.72 -10.50
CA ALA A 2 6.23 18.56 -11.12
C ALA A 2 6.47 17.30 -10.31
N GLU A 3 5.81 16.22 -10.69
CA GLU A 3 5.94 14.95 -9.99
C GLU A 3 5.28 15.00 -8.61
N ILE A 4 4.83 13.85 -8.13
CA ILE A 4 4.18 13.76 -6.84
C ILE A 4 5.19 13.76 -5.70
N SER A 5 6.47 13.79 -6.08
CA SER A 5 7.55 13.78 -5.10
C SER A 5 7.34 12.70 -4.05
N GLY A 6 6.78 11.57 -4.47
CA GLY A 6 6.53 10.47 -3.55
C GLY A 6 6.36 9.15 -4.27
N HIS A 7 5.52 8.28 -3.72
CA HIS A 7 5.26 6.97 -4.32
C HIS A 7 4.14 6.26 -3.60
N ILE A 8 2.90 6.66 -3.89
CA ILE A 8 1.73 6.05 -3.27
C ILE A 8 1.11 5.02 -4.19
N VAL A 9 0.48 4.02 -3.60
CA VAL A 9 -0.17 2.96 -4.37
C VAL A 9 -1.66 3.24 -4.54
N ARG A 10 -1.98 4.37 -5.16
CA ARG A 10 -3.37 4.77 -5.38
C ARG A 10 -4.28 3.55 -5.51
N SER A 11 -5.02 3.25 -4.45
CA SER A 11 -5.93 2.11 -4.43
C SER A 11 -6.49 1.83 -5.82
N PRO A 12 -5.83 0.96 -6.60
CA PRO A 12 -6.26 0.61 -7.94
C PRO A 12 -7.73 0.21 -7.99
N MET A 13 -8.42 0.64 -9.04
CA MET A 13 -9.84 0.32 -9.19
C MET A 13 -10.57 0.45 -7.86
N VAL A 14 -11.79 -0.06 -7.80
CA VAL A 14 -12.57 0.00 -6.57
C VAL A 14 -12.34 -1.23 -5.71
N GLY A 15 -11.75 -1.02 -4.53
CA GLY A 15 -11.48 -2.12 -3.63
C GLY A 15 -11.15 -1.66 -2.23
N THR A 16 -10.58 -2.55 -1.43
CA THR A 16 -10.21 -2.24 -0.06
C THR A 16 -8.69 -2.30 0.13
N PHE A 17 -8.18 -1.52 1.07
CA PHE A 17 -6.75 -1.49 1.34
C PHE A 17 -6.44 -2.10 2.71
N TYR A 18 -5.34 -2.84 2.78
CA TYR A 18 -4.91 -3.48 4.02
C TYR A 18 -3.40 -3.44 4.17
N ARG A 19 -2.94 -3.56 5.40
CA ARG A 19 -1.51 -3.54 5.68
C ARG A 19 -1.14 -4.66 6.65
N THR A 20 -2.00 -5.67 6.74
CA THR A 20 -1.77 -6.81 7.61
C THR A 20 -1.77 -8.11 6.82
N PRO A 21 -0.66 -8.87 6.89
CA PRO A 21 -0.53 -10.14 6.17
C PRO A 21 -1.69 -11.10 6.47
N SER A 22 -1.85 -11.44 7.74
CA SER A 22 -2.93 -12.34 8.15
C SER A 22 -2.77 -12.75 9.61
N PRO A 23 -1.71 -13.50 9.90
CA PRO A 23 -1.41 -13.99 11.25
C PRO A 23 -1.01 -12.86 12.20
N ASP A 24 -1.85 -11.84 12.29
CA ASP A 24 -1.59 -10.70 13.16
C ASP A 24 -0.10 -10.39 13.22
N ALA A 25 0.54 -10.38 12.05
CA ALA A 25 1.97 -10.09 11.96
C ALA A 25 2.25 -8.62 12.23
N LYS A 26 3.41 -8.16 11.79
CA LYS A 26 3.81 -6.77 11.99
C LYS A 26 3.36 -5.90 10.81
N ALA A 27 2.29 -6.33 10.15
CA ALA A 27 1.76 -5.60 9.00
C ALA A 27 2.63 -5.81 7.77
N PHE A 28 2.03 -5.65 6.59
CA PHE A 28 2.75 -5.82 5.33
C PHE A 28 3.78 -4.72 5.15
N ILE A 29 3.41 -3.51 5.56
CA ILE A 29 4.30 -2.36 5.45
C ILE A 29 3.83 -1.21 6.35
N GLU A 30 4.75 -0.32 6.69
CA GLU A 30 4.42 0.82 7.54
C GLU A 30 5.37 1.98 7.30
N VAL A 31 4.87 3.20 7.44
CA VAL A 31 5.69 4.39 7.25
C VAL A 31 7.05 4.25 7.91
N GLY A 32 8.08 4.11 7.10
CA GLY A 32 9.43 3.96 7.63
C GLY A 32 10.14 2.74 7.08
N GLN A 33 9.35 1.81 6.54
CA GLN A 33 9.91 0.58 5.98
C GLN A 33 10.34 0.80 4.53
N LYS A 34 11.65 0.86 4.32
CA LYS A 34 12.20 1.06 2.98
C LYS A 34 11.93 -0.15 2.09
N VAL A 35 10.71 -0.23 1.58
CA VAL A 35 10.32 -1.33 0.71
C VAL A 35 11.39 -1.62 -0.34
N ASN A 36 11.19 -2.67 -1.13
CA ASN A 36 12.13 -3.04 -2.16
C ASN A 36 11.50 -4.03 -3.14
N VAL A 37 11.71 -3.79 -4.42
CA VAL A 37 11.16 -4.65 -5.46
C VAL A 37 11.14 -6.10 -5.02
N GLY A 38 10.05 -6.79 -5.31
CA GLY A 38 9.92 -8.19 -4.94
C GLY A 38 9.50 -8.36 -3.49
N ASP A 39 8.99 -7.29 -2.89
CA ASP A 39 8.54 -7.32 -1.51
C ASP A 39 7.08 -6.92 -1.39
N THR A 40 6.21 -7.91 -1.23
CA THR A 40 4.78 -7.67 -1.12
C THR A 40 4.51 -6.37 -0.35
N LEU A 41 4.05 -5.36 -1.06
CA LEU A 41 3.75 -4.07 -0.45
C LEU A 41 2.64 -4.20 0.59
N CYS A 42 1.44 -4.52 0.13
CA CYS A 42 0.30 -4.68 1.03
C CYS A 42 -0.83 -5.45 0.33
N ILE A 43 -2.06 -5.21 0.79
CA ILE A 43 -3.22 -5.90 0.21
C ILE A 43 -4.23 -4.89 -0.31
N VAL A 44 -4.51 -4.95 -1.61
CA VAL A 44 -5.47 -4.05 -2.23
C VAL A 44 -6.73 -4.81 -2.63
N GLU A 45 -7.39 -5.42 -1.65
CA GLU A 45 -8.60 -6.19 -1.88
C GLU A 45 -9.45 -5.54 -2.99
N ALA A 46 -9.41 -6.16 -4.17
CA ALA A 46 -10.17 -5.64 -5.31
C ALA A 46 -11.14 -6.70 -5.83
N MET A 47 -12.43 -6.49 -5.60
CA MET A 47 -13.46 -7.42 -6.04
C MET A 47 -13.67 -8.52 -5.00
N LYS A 48 -13.21 -8.26 -3.78
CA LYS A 48 -13.33 -9.23 -2.69
C LYS A 48 -12.16 -10.20 -2.67
N MET A 49 -11.03 -9.75 -3.20
CA MET A 49 -9.83 -10.58 -3.24
C MET A 49 -8.59 -9.77 -2.91
N MET A 50 -7.84 -10.22 -1.92
CA MET A 50 -6.62 -9.55 -1.49
C MET A 50 -5.65 -9.39 -2.67
N ASN A 51 -5.59 -8.18 -3.22
CA ASN A 51 -4.71 -7.90 -4.34
C ASN A 51 -3.30 -7.58 -3.86
N GLN A 52 -2.64 -8.56 -3.25
CA GLN A 52 -1.29 -8.37 -2.75
C GLN A 52 -0.41 -7.66 -3.77
N ILE A 53 0.10 -6.48 -3.39
CA ILE A 53 0.95 -5.71 -4.28
C ILE A 53 2.43 -6.00 -4.01
N GLU A 54 3.25 -5.85 -5.05
CA GLU A 54 4.68 -6.10 -4.93
C GLU A 54 5.49 -4.90 -5.41
N ALA A 55 6.44 -4.47 -4.58
CA ALA A 55 7.29 -3.33 -4.93
C ALA A 55 7.73 -3.39 -6.39
N ASP A 56 7.62 -2.25 -7.07
CA ASP A 56 8.00 -2.17 -8.48
C ASP A 56 9.14 -1.18 -8.68
N LYS A 57 9.58 -0.56 -7.58
CA LYS A 57 10.66 0.42 -7.65
C LYS A 57 11.14 0.81 -6.25
N SER A 58 11.01 -0.13 -5.31
CA SER A 58 11.42 0.12 -3.94
C SER A 58 10.88 1.45 -3.45
N GLY A 59 11.19 1.80 -2.21
CA GLY A 59 10.73 3.06 -1.64
C GLY A 59 10.59 3.00 -0.14
N THR A 60 10.28 4.15 0.46
CA THR A 60 10.11 4.23 1.91
C THR A 60 8.71 4.73 2.27
N VAL A 61 7.89 3.85 2.84
CA VAL A 61 6.54 4.23 3.23
C VAL A 61 6.57 5.51 4.05
N LYS A 62 5.54 6.33 3.90
CA LYS A 62 5.48 7.59 4.63
C LYS A 62 4.18 7.71 5.42
N ALA A 63 3.19 6.91 5.07
CA ALA A 63 1.91 6.96 5.77
C ALA A 63 0.81 6.24 4.98
N ILE A 64 -0.19 5.76 5.70
CA ILE A 64 -1.31 5.06 5.09
C ILE A 64 -2.47 6.02 4.87
N LEU A 65 -2.36 6.84 3.83
CA LEU A 65 -3.41 7.81 3.51
C LEU A 65 -4.79 7.21 3.76
N VAL A 66 -4.88 5.90 3.58
CA VAL A 66 -6.11 5.18 3.78
C VAL A 66 -6.09 4.43 5.11
N GLU A 67 -7.21 4.46 5.83
CA GLU A 67 -7.31 3.78 7.10
C GLU A 67 -7.30 2.27 6.90
N SER A 68 -6.18 1.64 7.25
CA SER A 68 -6.05 0.20 7.09
C SER A 68 -7.36 -0.50 7.39
N GLY A 69 -7.57 -1.66 6.78
CA GLY A 69 -8.80 -2.40 7.00
C GLY A 69 -10.03 -1.58 6.66
N GLN A 70 -9.99 -0.88 5.55
CA GLN A 70 -11.12 -0.05 5.12
C GLN A 70 -11.21 0.00 3.59
N PRO A 71 -12.44 -0.09 3.06
CA PRO A 71 -12.69 -0.05 1.62
C PRO A 71 -12.45 1.34 1.03
N VAL A 72 -12.17 1.38 -0.27
CA VAL A 72 -11.92 2.64 -0.95
C VAL A 72 -12.29 2.55 -2.42
N GLU A 73 -11.69 3.41 -3.23
CA GLU A 73 -11.95 3.44 -4.66
C GLU A 73 -10.71 3.85 -5.44
N PHE A 74 -10.80 3.80 -6.76
CA PHE A 74 -9.68 4.17 -7.63
C PHE A 74 -9.18 5.57 -7.29
N ASP A 75 -7.89 5.81 -7.52
CA ASP A 75 -7.29 7.11 -7.25
C ASP A 75 -7.41 7.46 -5.76
N GLU A 76 -7.57 6.44 -4.93
CA GLU A 76 -7.70 6.64 -3.49
C GLU A 76 -6.43 6.21 -2.77
N PRO A 77 -5.37 7.03 -2.87
CA PRO A 77 -4.08 6.75 -2.24
C PRO A 77 -4.25 6.07 -0.87
N LEU A 78 -3.55 4.95 -0.69
CA LEU A 78 -3.62 4.20 0.56
C LEU A 78 -2.25 4.07 1.20
N VAL A 79 -1.31 3.45 0.48
CA VAL A 79 0.04 3.26 0.98
C VAL A 79 1.01 4.25 0.35
N VAL A 80 1.35 5.29 1.11
CA VAL A 80 2.27 6.30 0.63
C VAL A 80 3.73 5.92 0.91
N ILE A 81 4.59 6.13 -0.08
CA ILE A 81 6.00 5.80 0.06
C ILE A 81 6.87 6.87 -0.60
N GLU A 82 7.97 7.21 0.05
CA GLU A 82 8.89 8.22 -0.47
C GLU A 82 10.34 7.83 -0.19
N ALA A 1 9.55 21.14 -8.16
CA ALA A 1 8.28 21.84 -8.33
C ALA A 1 7.11 20.88 -8.16
N ALA A 2 6.09 21.33 -7.42
CA ALA A 2 4.91 20.50 -7.19
C ALA A 2 5.27 19.21 -6.46
N GLU A 3 4.67 19.02 -5.29
CA GLU A 3 4.93 17.82 -4.49
C GLU A 3 6.37 17.80 -4.00
N ILE A 4 6.74 16.70 -3.33
CA ILE A 4 8.10 16.56 -2.80
C ILE A 4 8.69 15.21 -3.19
N SER A 5 8.19 14.63 -4.28
CA SER A 5 8.67 13.34 -4.75
C SER A 5 8.30 12.23 -3.78
N GLY A 6 7.18 11.57 -4.03
CA GLY A 6 6.73 10.49 -3.17
C GLY A 6 6.51 9.20 -3.93
N HIS A 7 5.48 8.45 -3.54
CA HIS A 7 5.17 7.18 -4.19
C HIS A 7 4.08 6.44 -3.43
N ILE A 8 2.83 6.79 -3.70
CA ILE A 8 1.70 6.14 -3.04
C ILE A 8 1.07 5.10 -3.95
N VAL A 9 0.56 4.04 -3.34
CA VAL A 9 -0.07 2.96 -4.09
C VAL A 9 -1.58 3.18 -4.18
N ARG A 10 -1.97 4.41 -4.51
CA ARG A 10 -3.38 4.76 -4.64
C ARG A 10 -4.18 3.58 -5.20
N SER A 11 -5.25 3.22 -4.50
CA SER A 11 -6.10 2.11 -4.93
C SER A 11 -6.18 2.05 -6.45
N PRO A 12 -5.53 1.05 -7.06
CA PRO A 12 -5.54 0.86 -8.51
C PRO A 12 -6.94 0.56 -9.05
N MET A 13 -7.81 0.10 -8.16
CA MET A 13 -9.18 -0.23 -8.53
C MET A 13 -10.10 -0.13 -7.32
N VAL A 14 -11.40 -0.25 -7.56
CA VAL A 14 -12.39 -0.18 -6.49
C VAL A 14 -12.26 -1.35 -5.54
N GLY A 15 -11.41 -1.20 -4.53
CA GLY A 15 -11.21 -2.27 -3.57
C GLY A 15 -10.88 -1.75 -2.18
N THR A 16 -10.31 -2.61 -1.34
CA THR A 16 -9.96 -2.24 0.02
C THR A 16 -8.45 -2.33 0.25
N PHE A 17 -7.90 -1.37 0.98
CA PHE A 17 -6.47 -1.35 1.28
C PHE A 17 -6.19 -2.13 2.55
N TYR A 18 -5.07 -2.84 2.58
CA TYR A 18 -4.70 -3.63 3.75
C TYR A 18 -3.20 -3.53 4.03
N ARG A 19 -2.84 -3.62 5.31
CA ARG A 19 -1.44 -3.54 5.72
C ARG A 19 -1.11 -4.63 6.74
N THR A 20 -2.02 -5.59 6.87
CA THR A 20 -1.83 -6.69 7.81
C THR A 20 -2.33 -8.01 7.23
N PRO A 21 -1.40 -8.93 6.92
CA PRO A 21 -1.74 -10.24 6.34
C PRO A 21 -2.43 -11.14 7.35
N SER A 22 -1.96 -11.12 8.59
CA SER A 22 -2.54 -11.94 9.65
C SER A 22 -2.88 -11.10 10.88
N PRO A 23 -3.91 -11.50 11.62
CA PRO A 23 -4.34 -10.79 12.83
C PRO A 23 -3.20 -10.59 13.82
N ASP A 24 -2.30 -11.58 13.88
CA ASP A 24 -1.17 -11.52 14.79
C ASP A 24 0.15 -11.55 14.01
N ALA A 25 0.20 -10.80 12.91
CA ALA A 25 1.39 -10.74 12.08
C ALA A 25 2.20 -9.48 12.36
N LYS A 26 2.97 -9.05 11.38
CA LYS A 26 3.80 -7.84 11.53
C LYS A 26 3.48 -6.83 10.43
N ALA A 27 2.22 -6.75 10.05
CA ALA A 27 1.79 -5.82 9.00
C ALA A 27 2.56 -6.06 7.71
N PHE A 28 2.05 -5.49 6.62
CA PHE A 28 2.69 -5.64 5.32
C PHE A 28 3.73 -4.55 5.09
N ILE A 29 3.46 -3.35 5.60
CA ILE A 29 4.37 -2.22 5.45
C ILE A 29 3.78 -0.96 6.06
N GLU A 30 4.54 -0.31 6.93
CA GLU A 30 4.10 0.91 7.59
C GLU A 30 5.09 2.04 7.35
N VAL A 31 4.66 3.27 7.64
CA VAL A 31 5.52 4.44 7.45
C VAL A 31 6.93 4.18 7.97
N GLY A 32 7.91 4.26 7.08
CA GLY A 32 9.28 4.02 7.47
C GLY A 32 9.87 2.79 6.82
N GLN A 33 9.00 1.97 6.24
CA GLN A 33 9.43 0.74 5.57
C GLN A 33 10.09 1.05 4.23
N LYS A 34 11.31 0.57 4.04
CA LYS A 34 12.05 0.79 2.81
C LYS A 34 11.79 -0.33 1.81
N VAL A 35 10.60 -0.34 1.21
CA VAL A 35 10.23 -1.36 0.24
C VAL A 35 11.35 -1.56 -0.78
N ASN A 36 11.19 -2.56 -1.63
CA ASN A 36 12.18 -2.86 -2.65
C ASN A 36 11.60 -3.78 -3.72
N VAL A 37 11.78 -3.40 -4.97
CA VAL A 37 11.28 -4.18 -6.09
C VAL A 37 11.36 -5.68 -5.80
N GLY A 38 10.19 -6.34 -5.79
CA GLY A 38 10.14 -7.76 -5.52
C GLY A 38 9.72 -8.06 -4.09
N ASP A 39 9.16 -7.06 -3.42
CA ASP A 39 8.71 -7.22 -2.05
C ASP A 39 7.24 -6.82 -1.91
N THR A 40 6.38 -7.82 -1.81
CA THR A 40 4.95 -7.59 -1.67
C THR A 40 4.67 -6.32 -0.87
N LEU A 41 3.94 -5.39 -1.49
CA LEU A 41 3.60 -4.14 -0.84
C LEU A 41 2.45 -4.33 0.14
N CYS A 42 1.22 -4.24 -0.36
CA CYS A 42 0.04 -4.40 0.48
C CYS A 42 -0.99 -5.31 -0.19
N ILE A 43 -2.15 -5.43 0.43
CA ILE A 43 -3.22 -6.27 -0.09
C ILE A 43 -4.33 -5.41 -0.71
N VAL A 44 -4.71 -5.75 -1.94
CA VAL A 44 -5.76 -5.01 -2.64
C VAL A 44 -6.91 -5.92 -3.06
N GLU A 45 -8.00 -5.90 -2.30
CA GLU A 45 -9.17 -6.71 -2.60
C GLU A 45 -10.24 -5.88 -3.29
N ALA A 46 -10.58 -6.25 -4.52
CA ALA A 46 -11.58 -5.52 -5.30
C ALA A 46 -12.82 -6.36 -5.52
N MET A 47 -13.31 -6.99 -4.45
CA MET A 47 -14.51 -7.83 -4.51
C MET A 47 -14.48 -8.85 -3.40
N LYS A 48 -13.29 -9.39 -3.12
CA LYS A 48 -13.09 -10.38 -2.08
C LYS A 48 -11.68 -10.93 -2.15
N MET A 49 -11.10 -10.92 -3.35
CA MET A 49 -9.75 -11.40 -3.55
C MET A 49 -8.78 -10.24 -3.56
N MET A 50 -7.75 -10.33 -2.72
CA MET A 50 -6.75 -9.27 -2.63
C MET A 50 -5.56 -9.54 -3.53
N ASN A 51 -4.89 -8.46 -3.93
CA ASN A 51 -3.73 -8.56 -4.80
C ASN A 51 -2.48 -8.11 -4.05
N GLN A 52 -1.69 -9.07 -3.60
CA GLN A 52 -0.47 -8.78 -2.87
C GLN A 52 0.52 -8.00 -3.74
N ILE A 53 0.17 -6.75 -4.05
CA ILE A 53 1.01 -5.90 -4.88
C ILE A 53 2.49 -6.13 -4.58
N GLU A 54 3.32 -6.00 -5.60
CA GLU A 54 4.76 -6.19 -5.46
C GLU A 54 5.51 -4.89 -5.73
N ALA A 55 6.39 -4.52 -4.80
CA ALA A 55 7.17 -3.30 -4.94
C ALA A 55 7.56 -3.05 -6.39
N ASP A 56 7.05 -1.95 -6.95
CA ASP A 56 7.35 -1.60 -8.32
C ASP A 56 8.63 -0.78 -8.42
N LYS A 57 9.12 -0.32 -7.27
CA LYS A 57 10.34 0.47 -7.21
C LYS A 57 10.75 0.74 -5.76
N SER A 58 11.98 0.41 -5.43
CA SER A 58 12.48 0.62 -4.07
C SER A 58 12.03 1.98 -3.54
N GLY A 59 11.38 1.97 -2.38
CA GLY A 59 10.91 3.21 -1.78
C GLY A 59 10.82 3.13 -0.27
N THR A 60 10.47 4.25 0.35
CA THR A 60 10.35 4.30 1.80
C THR A 60 8.98 4.80 2.23
N VAL A 61 8.15 3.91 2.76
CA VAL A 61 6.82 4.29 3.21
C VAL A 61 6.87 5.60 3.99
N LYS A 62 5.83 6.41 3.86
CA LYS A 62 5.77 7.69 4.55
C LYS A 62 4.52 7.79 5.40
N ALA A 63 3.53 6.95 5.11
CA ALA A 63 2.28 6.97 5.87
C ALA A 63 1.16 6.25 5.12
N ILE A 64 0.12 5.87 5.86
CA ILE A 64 -1.02 5.18 5.29
C ILE A 64 -2.27 6.06 5.31
N LEU A 65 -2.40 6.90 4.29
CA LEU A 65 -3.55 7.80 4.19
C LEU A 65 -4.86 7.05 4.41
N VAL A 66 -4.93 5.83 3.89
CA VAL A 66 -6.13 5.02 4.03
C VAL A 66 -6.14 4.28 5.36
N GLU A 67 -7.33 4.15 5.94
CA GLU A 67 -7.47 3.47 7.22
C GLU A 67 -7.34 1.96 7.05
N SER A 68 -6.10 1.51 6.93
CA SER A 68 -5.78 0.09 6.76
C SER A 68 -6.98 -0.71 6.23
N GLY A 69 -7.51 -1.62 7.04
CA GLY A 69 -8.64 -2.42 6.61
C GLY A 69 -9.87 -1.60 6.34
N GLN A 70 -9.93 -1.00 5.15
CA GLN A 70 -11.07 -0.18 4.78
C GLN A 70 -11.19 -0.05 3.26
N PRO A 71 -12.43 -0.02 2.75
CA PRO A 71 -12.70 0.10 1.31
C PRO A 71 -12.18 1.40 0.72
N VAL A 72 -11.84 1.36 -0.56
CA VAL A 72 -11.34 2.55 -1.25
C VAL A 72 -11.83 2.58 -2.69
N GLU A 73 -11.33 3.53 -3.46
CA GLU A 73 -11.72 3.69 -4.86
C GLU A 73 -10.58 4.27 -5.69
N PHE A 74 -10.54 3.89 -6.97
CA PHE A 74 -9.50 4.38 -7.87
C PHE A 74 -9.11 5.81 -7.53
N ASP A 75 -7.82 6.03 -7.29
CA ASP A 75 -7.32 7.36 -6.94
C ASP A 75 -7.50 7.62 -5.45
N GLU A 76 -7.50 6.56 -4.66
CA GLU A 76 -7.66 6.67 -3.22
C GLU A 76 -6.36 6.32 -2.50
N PRO A 77 -5.36 7.21 -2.56
CA PRO A 77 -4.08 7.00 -1.91
C PRO A 77 -4.21 6.23 -0.60
N LEU A 78 -3.44 5.15 -0.47
CA LEU A 78 -3.49 4.32 0.73
C LEU A 78 -2.12 4.22 1.40
N VAL A 79 -1.17 3.59 0.70
CA VAL A 79 0.17 3.42 1.23
C VAL A 79 1.15 4.40 0.59
N VAL A 80 1.50 5.45 1.33
CA VAL A 80 2.42 6.46 0.84
C VAL A 80 3.87 6.03 1.06
N ILE A 81 4.73 6.37 0.09
CA ILE A 81 6.14 6.02 0.17
C ILE A 81 7.01 7.12 -0.44
N GLU A 82 8.14 7.39 0.19
CA GLU A 82 9.06 8.42 -0.30
C GLU A 82 9.83 7.93 -1.53
N ALA A 1 12.26 23.27 -10.56
CA ALA A 1 12.41 22.00 -11.27
C ALA A 1 13.27 21.03 -10.48
N ALA A 2 12.72 20.54 -9.37
CA ALA A 2 13.44 19.59 -8.51
C ALA A 2 12.55 19.07 -7.40
N GLU A 3 11.61 18.19 -7.74
CA GLU A 3 10.70 17.62 -6.77
C GLU A 3 10.86 16.11 -6.69
N ILE A 4 11.29 15.62 -5.52
CA ILE A 4 11.49 14.20 -5.32
C ILE A 4 10.18 13.49 -5.03
N SER A 5 9.15 14.29 -4.76
CA SER A 5 7.83 13.76 -4.46
C SER A 5 7.92 12.44 -3.70
N GLY A 6 6.88 11.62 -3.82
CA GLY A 6 6.87 10.34 -3.14
C GLY A 6 6.39 9.21 -4.04
N HIS A 7 5.35 8.51 -3.61
CA HIS A 7 4.79 7.41 -4.38
C HIS A 7 3.73 6.66 -3.58
N ILE A 8 2.50 7.17 -3.63
CA ILE A 8 1.40 6.55 -2.91
C ILE A 8 0.67 5.56 -3.81
N VAL A 9 0.71 4.30 -3.42
CA VAL A 9 0.05 3.24 -4.19
C VAL A 9 -1.46 3.36 -4.11
N ARG A 10 -2.00 4.49 -4.55
CA ARG A 10 -3.44 4.73 -4.53
C ARG A 10 -4.19 3.53 -5.09
N SER A 11 -5.25 3.12 -4.40
CA SER A 11 -6.05 2.00 -4.83
C SER A 11 -6.22 1.98 -6.34
N PRO A 12 -5.49 1.09 -7.03
CA PRO A 12 -5.55 0.97 -8.49
C PRO A 12 -6.93 0.49 -8.97
N MET A 13 -7.77 0.10 -8.01
CA MET A 13 -9.10 -0.38 -8.32
C MET A 13 -10.04 -0.17 -7.13
N VAL A 14 -11.33 -0.35 -7.37
CA VAL A 14 -12.33 -0.19 -6.32
C VAL A 14 -12.27 -1.33 -5.31
N GLY A 15 -11.11 -1.48 -4.67
CA GLY A 15 -10.94 -2.54 -3.68
C GLY A 15 -10.68 -2.00 -2.29
N THR A 16 -10.22 -2.87 -1.40
CA THR A 16 -9.93 -2.47 -0.03
C THR A 16 -8.42 -2.46 0.23
N PHE A 17 -8.02 -1.69 1.23
CA PHE A 17 -6.61 -1.58 1.58
C PHE A 17 -6.34 -2.33 2.89
N TYR A 18 -5.20 -3.00 2.96
CA TYR A 18 -4.82 -3.74 4.16
C TYR A 18 -3.32 -3.65 4.42
N ARG A 19 -2.94 -3.75 5.69
CA ARG A 19 -1.54 -3.67 6.08
C ARG A 19 -1.19 -4.81 7.04
N THR A 20 -1.98 -5.89 6.99
CA THR A 20 -1.74 -7.03 7.85
C THR A 20 -2.21 -8.32 7.18
N PRO A 21 -1.26 -9.16 6.74
CA PRO A 21 -1.57 -10.43 6.08
C PRO A 21 -2.13 -11.47 7.05
N SER A 22 -1.96 -11.21 8.35
CA SER A 22 -2.45 -12.12 9.38
C SER A 22 -2.96 -11.34 10.59
N PRO A 23 -3.81 -11.98 11.41
CA PRO A 23 -4.38 -11.36 12.61
C PRO A 23 -3.32 -10.77 13.52
N ASP A 24 -2.45 -11.64 14.05
CA ASP A 24 -1.38 -11.20 14.94
C ASP A 24 -0.02 -11.36 14.27
N ALA A 25 0.33 -10.41 13.42
CA ALA A 25 1.61 -10.45 12.71
C ALA A 25 2.28 -9.08 12.72
N LYS A 26 3.31 -8.92 11.89
CA LYS A 26 4.04 -7.66 11.80
C LYS A 26 3.53 -6.81 10.64
N ALA A 27 2.22 -6.85 10.42
CA ALA A 27 1.60 -6.08 9.34
C ALA A 27 2.33 -6.31 8.02
N PHE A 28 1.89 -5.61 6.98
CA PHE A 28 2.49 -5.72 5.67
C PHE A 28 3.61 -4.70 5.52
N ILE A 29 3.25 -3.43 5.61
CA ILE A 29 4.20 -2.33 5.50
C ILE A 29 3.71 -1.11 6.26
N GLU A 30 4.65 -0.37 6.86
CA GLU A 30 4.30 0.83 7.61
C GLU A 30 5.41 1.87 7.50
N VAL A 31 5.08 3.12 7.83
CA VAL A 31 6.04 4.21 7.76
C VAL A 31 7.36 3.81 8.42
N GLY A 32 8.43 3.82 7.63
CA GLY A 32 9.74 3.46 8.15
C GLY A 32 10.34 2.27 7.41
N GLN A 33 9.47 1.43 6.86
CA GLN A 33 9.91 0.25 6.12
C GLN A 33 10.31 0.62 4.70
N LYS A 34 11.60 0.50 4.41
CA LYS A 34 12.11 0.83 3.08
C LYS A 34 11.84 -0.31 2.11
N VAL A 35 10.64 -0.36 1.57
CA VAL A 35 10.25 -1.39 0.62
C VAL A 35 11.35 -1.60 -0.43
N ASN A 36 11.15 -2.59 -1.30
CA ASN A 36 12.10 -2.88 -2.35
C ASN A 36 11.46 -3.74 -3.44
N VAL A 37 11.64 -3.33 -4.68
CA VAL A 37 11.09 -4.05 -5.82
C VAL A 37 11.16 -5.56 -5.59
N GLY A 38 10.27 -6.29 -6.26
CA GLY A 38 10.25 -7.73 -6.11
C GLY A 38 9.63 -8.16 -4.79
N ASP A 39 9.21 -7.20 -3.99
CA ASP A 39 8.59 -7.49 -2.70
C ASP A 39 7.09 -7.22 -2.76
N THR A 40 6.52 -6.83 -1.61
CA THR A 40 5.09 -6.54 -1.54
C THR A 40 4.83 -5.26 -0.75
N LEU A 41 3.75 -4.58 -1.09
CA LEU A 41 3.39 -3.34 -0.43
C LEU A 41 2.19 -3.54 0.49
N CYS A 42 1.00 -3.56 -0.09
CA CYS A 42 -0.22 -3.75 0.69
C CYS A 42 -1.15 -4.77 0.03
N ILE A 43 -2.39 -4.81 0.47
CA ILE A 43 -3.37 -5.73 -0.07
C ILE A 43 -4.50 -5.00 -0.77
N VAL A 44 -4.73 -5.36 -2.04
CA VAL A 44 -5.79 -4.74 -2.83
C VAL A 44 -6.93 -5.73 -3.05
N GLU A 45 -7.94 -5.65 -2.19
CA GLU A 45 -9.10 -6.55 -2.27
C GLU A 45 -10.30 -5.84 -2.90
N ALA A 46 -10.58 -6.17 -4.16
CA ALA A 46 -11.71 -5.55 -4.86
C ALA A 46 -12.65 -6.60 -5.45
N MET A 47 -13.01 -7.58 -4.63
CA MET A 47 -13.91 -8.65 -5.04
C MET A 47 -13.65 -9.91 -4.24
N LYS A 48 -13.64 -9.77 -2.92
CA LYS A 48 -13.38 -10.90 -2.03
C LYS A 48 -12.05 -11.54 -2.38
N MET A 49 -11.21 -10.80 -3.09
CA MET A 49 -9.89 -11.29 -3.49
C MET A 49 -8.86 -10.18 -3.41
N MET A 50 -7.83 -10.43 -2.62
CA MET A 50 -6.75 -9.47 -2.44
C MET A 50 -5.83 -9.42 -3.66
N ASN A 51 -4.92 -8.45 -3.65
CA ASN A 51 -3.97 -8.29 -4.74
C ASN A 51 -2.68 -7.66 -4.23
N GLN A 52 -1.79 -8.48 -3.70
CA GLN A 52 -0.52 -8.01 -3.17
C GLN A 52 0.19 -7.12 -4.17
N ILE A 53 0.32 -5.84 -3.83
CA ILE A 53 1.00 -4.88 -4.70
C ILE A 53 2.51 -4.97 -4.55
N GLU A 54 3.14 -5.72 -5.44
CA GLU A 54 4.59 -5.90 -5.39
C GLU A 54 5.31 -4.62 -5.84
N ALA A 55 6.44 -4.34 -5.21
CA ALA A 55 7.23 -3.16 -5.53
C ALA A 55 7.85 -3.28 -6.92
N ASP A 56 7.89 -2.18 -7.65
CA ASP A 56 8.45 -2.18 -9.00
C ASP A 56 9.53 -1.10 -9.14
N LYS A 57 9.80 -0.39 -8.05
CA LYS A 57 10.81 0.67 -8.06
C LYS A 57 11.31 0.97 -6.66
N SER A 58 11.15 0.00 -5.76
CA SER A 58 11.58 0.17 -4.37
C SER A 58 11.07 1.47 -3.80
N GLY A 59 11.27 1.68 -2.50
CA GLY A 59 10.83 2.89 -1.85
C GLY A 59 10.64 2.72 -0.35
N THR A 60 10.30 3.81 0.33
CA THR A 60 10.11 3.78 1.77
C THR A 60 8.76 4.38 2.15
N VAL A 61 7.91 3.59 2.79
CA VAL A 61 6.59 4.07 3.21
C VAL A 61 6.75 5.34 4.02
N LYS A 62 5.80 6.26 3.89
CA LYS A 62 5.85 7.52 4.61
C LYS A 62 4.58 7.76 5.40
N ALA A 63 3.51 7.04 5.04
CA ALA A 63 2.24 7.19 5.74
C ALA A 63 1.11 6.52 4.97
N ILE A 64 0.05 6.16 5.68
CA ILE A 64 -1.09 5.52 5.06
C ILE A 64 -2.30 6.45 5.02
N LEU A 65 -2.36 7.31 4.00
CA LEU A 65 -3.45 8.25 3.86
C LEU A 65 -4.79 7.55 4.06
N VAL A 66 -4.80 6.25 3.79
CA VAL A 66 -6.01 5.45 3.95
C VAL A 66 -5.93 4.58 5.20
N GLU A 67 -7.07 4.31 5.81
CA GLU A 67 -7.11 3.49 7.01
C GLU A 67 -6.37 2.18 6.75
N SER A 68 -6.48 1.24 7.68
CA SER A 68 -5.80 -0.04 7.53
C SER A 68 -6.64 -1.02 6.72
N GLY A 69 -7.88 -1.25 7.16
CA GLY A 69 -8.75 -2.17 6.46
C GLY A 69 -10.10 -1.58 6.12
N GLN A 70 -10.28 -1.20 4.86
CA GLN A 70 -11.54 -0.61 4.43
C GLN A 70 -11.55 -0.40 2.91
N PRO A 71 -12.71 -0.59 2.28
CA PRO A 71 -12.88 -0.42 0.84
C PRO A 71 -12.46 0.98 0.38
N VAL A 72 -11.84 1.04 -0.80
CA VAL A 72 -11.40 2.31 -1.34
C VAL A 72 -11.89 2.50 -2.78
N GLU A 73 -11.55 3.63 -3.37
CA GLU A 73 -11.95 3.93 -4.73
C GLU A 73 -10.76 4.37 -5.58
N PHE A 74 -10.72 3.94 -6.83
CA PHE A 74 -9.63 4.29 -7.73
C PHE A 74 -9.14 5.71 -7.46
N ASP A 75 -7.82 5.88 -7.48
CA ASP A 75 -7.23 7.19 -7.23
C ASP A 75 -7.36 7.58 -5.76
N GLU A 76 -7.45 6.57 -4.90
CA GLU A 76 -7.57 6.81 -3.46
C GLU A 76 -6.28 6.47 -2.74
N PRO A 77 -5.26 7.34 -2.88
CA PRO A 77 -3.97 7.14 -2.24
C PRO A 77 -4.10 6.47 -0.87
N LEU A 78 -3.44 5.33 -0.70
CA LEU A 78 -3.51 4.59 0.55
C LEU A 78 -2.13 4.47 1.20
N VAL A 79 -1.25 3.72 0.54
CA VAL A 79 0.10 3.51 1.05
C VAL A 79 1.09 4.47 0.41
N VAL A 80 1.52 5.45 1.20
CA VAL A 80 2.47 6.45 0.74
C VAL A 80 3.91 5.98 0.95
N ILE A 81 4.73 6.16 -0.08
CA ILE A 81 6.14 5.77 -0.02
C ILE A 81 7.04 6.86 -0.60
N GLU A 82 8.19 7.09 0.05
CA GLU A 82 9.12 8.11 -0.43
C GLU A 82 10.15 7.50 -1.37
N ALA A 1 10.41 22.39 -9.98
CA ALA A 1 11.10 21.15 -9.71
C ALA A 1 10.38 19.97 -10.36
N ALA A 2 9.06 20.03 -10.36
CA ALA A 2 8.25 18.96 -10.95
C ALA A 2 8.31 17.70 -10.10
N GLU A 3 8.41 17.88 -8.79
CA GLU A 3 8.47 16.74 -7.86
C GLU A 3 8.26 17.20 -6.43
N ILE A 4 7.54 16.40 -5.66
CA ILE A 4 7.25 16.73 -4.26
C ILE A 4 7.79 15.63 -3.33
N SER A 5 8.78 14.90 -3.80
CA SER A 5 9.38 13.82 -3.01
C SER A 5 8.30 12.90 -2.43
N GLY A 6 7.52 12.28 -3.32
CA GLY A 6 6.47 11.39 -2.88
C GLY A 6 6.51 10.05 -3.59
N HIS A 7 5.54 9.20 -3.30
CA HIS A 7 5.46 7.88 -3.91
C HIS A 7 4.35 7.04 -3.28
N ILE A 8 3.12 7.24 -3.77
CA ILE A 8 1.98 6.50 -3.26
C ILE A 8 1.67 5.31 -4.16
N VAL A 9 0.63 4.57 -3.81
CA VAL A 9 0.23 3.41 -4.59
C VAL A 9 -1.18 3.58 -5.16
N ARG A 10 -1.77 4.75 -4.90
CA ARG A 10 -3.11 5.08 -5.38
C ARG A 10 -3.93 3.82 -5.64
N SER A 11 -4.77 3.44 -4.67
CA SER A 11 -5.60 2.26 -4.80
C SER A 11 -6.04 2.05 -6.24
N PRO A 12 -5.31 1.22 -6.99
CA PRO A 12 -5.62 0.93 -8.39
C PRO A 12 -7.03 0.35 -8.56
N MET A 13 -7.18 -0.91 -8.19
CA MET A 13 -8.47 -1.57 -8.28
C MET A 13 -9.44 -1.03 -7.25
N VAL A 14 -10.73 -1.17 -7.52
CA VAL A 14 -11.75 -0.69 -6.61
C VAL A 14 -11.96 -1.66 -5.45
N GLY A 15 -10.89 -1.92 -4.71
CA GLY A 15 -10.96 -2.83 -3.58
C GLY A 15 -10.71 -2.13 -2.26
N THR A 16 -10.12 -2.84 -1.31
CA THR A 16 -9.84 -2.27 0.00
C THR A 16 -8.35 -2.37 0.35
N PHE A 17 -7.85 -1.34 1.03
CA PHE A 17 -6.44 -1.28 1.42
C PHE A 17 -6.22 -2.06 2.72
N TYR A 18 -5.07 -2.74 2.80
CA TYR A 18 -4.73 -3.53 3.98
C TYR A 18 -3.24 -3.48 4.25
N ARG A 19 -2.86 -3.66 5.52
CA ARG A 19 -1.47 -3.64 5.91
C ARG A 19 -1.17 -4.73 6.94
N THR A 20 -1.87 -5.85 6.82
CA THR A 20 -1.68 -6.97 7.74
C THR A 20 -1.95 -8.29 7.03
N PRO A 21 -0.88 -9.07 6.80
CA PRO A 21 -0.99 -10.38 6.13
C PRO A 21 -1.77 -11.40 6.96
N SER A 22 -1.55 -11.37 8.26
CA SER A 22 -2.22 -12.29 9.17
C SER A 22 -2.87 -11.53 10.33
N PRO A 23 -3.72 -12.22 11.10
CA PRO A 23 -4.41 -11.62 12.25
C PRO A 23 -3.45 -10.92 13.20
N ASP A 24 -2.43 -11.65 13.66
CA ASP A 24 -1.45 -11.11 14.57
C ASP A 24 -0.03 -11.26 14.01
N ALA A 25 0.28 -10.49 12.98
CA ALA A 25 1.59 -10.54 12.35
C ALA A 25 2.31 -9.20 12.45
N LYS A 26 3.39 -9.04 11.70
CA LYS A 26 4.16 -7.80 11.70
C LYS A 26 3.68 -6.86 10.61
N ALA A 27 2.40 -6.96 10.26
CA ALA A 27 1.81 -6.11 9.24
C ALA A 27 2.50 -6.33 7.90
N PHE A 28 1.92 -5.75 6.84
CA PHE A 28 2.49 -5.88 5.50
C PHE A 28 3.54 -4.80 5.24
N ILE A 29 3.23 -3.57 5.65
CA ILE A 29 4.14 -2.45 5.47
C ILE A 29 3.67 -1.23 6.24
N GLU A 30 4.60 -0.58 6.94
CA GLU A 30 4.26 0.60 7.72
C GLU A 30 5.34 1.67 7.57
N VAL A 31 4.97 2.92 7.83
CA VAL A 31 5.91 4.03 7.72
C VAL A 31 7.29 3.64 8.21
N GLY A 32 8.30 3.82 7.37
CA GLY A 32 9.65 3.48 7.74
C GLY A 32 10.17 2.27 6.99
N GLN A 33 9.26 1.39 6.60
CA GLN A 33 9.63 0.19 5.86
C GLN A 33 10.07 0.52 4.44
N LYS A 34 11.35 0.37 4.17
CA LYS A 34 11.90 0.66 2.85
C LYS A 34 11.52 -0.43 1.85
N VAL A 35 10.40 -0.24 1.16
CA VAL A 35 9.94 -1.21 0.17
C VAL A 35 11.05 -1.57 -0.80
N ASN A 36 10.79 -2.54 -1.68
CA ASN A 36 11.76 -2.96 -2.66
C ASN A 36 11.09 -3.73 -3.79
N VAL A 37 11.42 -3.35 -5.02
CA VAL A 37 10.85 -4.00 -6.20
C VAL A 37 10.64 -5.49 -5.96
N GLY A 38 9.49 -5.99 -6.40
CA GLY A 38 9.19 -7.41 -6.22
C GLY A 38 9.02 -7.77 -4.76
N ASP A 39 8.55 -6.81 -3.96
CA ASP A 39 8.34 -7.04 -2.53
C ASP A 39 6.90 -6.69 -2.14
N THR A 40 6.09 -7.72 -1.92
CA THR A 40 4.69 -7.53 -1.54
C THR A 40 4.53 -6.29 -0.67
N LEU A 41 3.60 -5.43 -1.04
CA LEU A 41 3.34 -4.20 -0.29
C LEU A 41 2.18 -4.41 0.69
N CYS A 42 0.97 -4.26 0.19
CA CYS A 42 -0.22 -4.44 1.01
C CYS A 42 -1.23 -5.33 0.31
N ILE A 43 -2.45 -5.39 0.86
CA ILE A 43 -3.51 -6.21 0.28
C ILE A 43 -4.62 -5.35 -0.31
N VAL A 44 -4.89 -5.56 -1.60
CA VAL A 44 -5.94 -4.82 -2.29
C VAL A 44 -7.08 -5.75 -2.67
N GLU A 45 -7.88 -6.15 -1.69
CA GLU A 45 -9.00 -7.06 -1.94
C GLU A 45 -9.96 -6.48 -2.96
N ALA A 46 -9.71 -6.78 -4.23
CA ALA A 46 -10.57 -6.31 -5.31
C ALA A 46 -11.62 -7.35 -5.65
N MET A 47 -12.88 -6.99 -5.46
CA MET A 47 -14.00 -7.89 -5.73
C MET A 47 -14.35 -8.70 -4.49
N LYS A 48 -13.32 -9.02 -3.69
CA LYS A 48 -13.50 -9.80 -2.47
C LYS A 48 -12.24 -10.61 -2.16
N MET A 49 -11.34 -10.73 -3.14
CA MET A 49 -10.11 -11.48 -2.96
C MET A 49 -8.91 -10.56 -2.82
N MET A 50 -8.06 -10.86 -1.84
CA MET A 50 -6.87 -10.06 -1.59
C MET A 50 -6.01 -9.96 -2.85
N ASN A 51 -5.56 -8.74 -3.16
CA ASN A 51 -4.72 -8.51 -4.33
C ASN A 51 -3.38 -7.92 -3.91
N GLN A 52 -2.56 -8.72 -3.24
CA GLN A 52 -1.25 -8.28 -2.79
C GLN A 52 -0.54 -7.47 -3.87
N ILE A 53 -0.01 -6.32 -3.50
CA ILE A 53 0.70 -5.46 -4.44
C ILE A 53 2.19 -5.71 -4.39
N GLU A 54 2.85 -5.50 -5.53
CA GLU A 54 4.30 -5.71 -5.63
C GLU A 54 5.02 -4.37 -5.75
N ALA A 55 6.06 -4.19 -4.95
CA ALA A 55 6.84 -2.95 -4.96
C ALA A 55 7.16 -2.53 -6.39
N ASP A 56 6.53 -1.44 -6.83
CA ASP A 56 6.75 -0.92 -8.18
C ASP A 56 8.16 -0.37 -8.33
N LYS A 57 8.78 -0.06 -7.19
CA LYS A 57 10.14 0.49 -7.19
C LYS A 57 10.62 0.74 -5.77
N SER A 58 11.87 0.37 -5.50
CA SER A 58 12.45 0.56 -4.18
C SER A 58 12.05 1.92 -3.60
N GLY A 59 11.51 1.91 -2.40
CA GLY A 59 11.09 3.15 -1.76
C GLY A 59 10.92 3.00 -0.25
N THR A 60 10.51 4.09 0.40
CA THR A 60 10.32 4.08 1.84
C THR A 60 8.94 4.65 2.21
N VAL A 61 8.05 3.78 2.67
CA VAL A 61 6.72 4.21 3.07
C VAL A 61 6.82 5.41 4.01
N LYS A 62 5.87 6.34 3.91
CA LYS A 62 5.89 7.53 4.75
C LYS A 62 4.61 7.66 5.55
N ALA A 63 3.55 6.98 5.11
CA ALA A 63 2.28 7.05 5.80
C ALA A 63 1.18 6.30 5.06
N ILE A 64 0.01 6.23 5.67
CA ILE A 64 -1.13 5.54 5.07
C ILE A 64 -2.35 6.46 5.01
N LEU A 65 -2.43 7.27 3.97
CA LEU A 65 -3.53 8.20 3.80
C LEU A 65 -4.87 7.48 3.96
N VAL A 66 -4.86 6.17 3.76
CA VAL A 66 -6.05 5.36 3.87
C VAL A 66 -6.03 4.50 5.14
N GLU A 67 -7.21 4.20 5.66
CA GLU A 67 -7.32 3.38 6.86
C GLU A 67 -6.78 1.97 6.57
N SER A 68 -5.99 1.44 7.49
CA SER A 68 -5.40 0.12 7.33
C SER A 68 -6.33 -0.81 6.53
N GLY A 69 -7.52 -1.06 7.08
CA GLY A 69 -8.46 -1.93 6.41
C GLY A 69 -9.80 -1.27 6.17
N GLN A 70 -10.05 -0.87 4.94
CA GLN A 70 -11.30 -0.23 4.58
C GLN A 70 -11.42 -0.05 3.07
N PRO A 71 -12.67 0.00 2.56
CA PRO A 71 -12.92 0.17 1.13
C PRO A 71 -12.48 1.53 0.60
N VAL A 72 -11.91 1.53 -0.59
CA VAL A 72 -11.43 2.76 -1.21
C VAL A 72 -11.94 2.88 -2.64
N GLU A 73 -11.44 3.88 -3.36
CA GLU A 73 -11.85 4.10 -4.75
C GLU A 73 -10.64 4.24 -5.66
N PHE A 74 -10.72 3.62 -6.83
CA PHE A 74 -9.63 3.69 -7.81
C PHE A 74 -8.96 5.06 -7.78
N ASP A 75 -7.66 5.08 -7.48
CA ASP A 75 -6.91 6.33 -7.42
C ASP A 75 -7.03 6.96 -6.04
N GLU A 76 -7.17 6.11 -5.02
CA GLU A 76 -7.29 6.57 -3.65
C GLU A 76 -6.01 6.29 -2.87
N PRO A 77 -4.96 7.08 -3.11
CA PRO A 77 -3.68 6.95 -2.45
C PRO A 77 -3.82 6.39 -1.03
N LEU A 78 -3.39 5.16 -0.84
CA LEU A 78 -3.48 4.51 0.47
C LEU A 78 -2.12 4.45 1.15
N VAL A 79 -1.15 3.86 0.47
CA VAL A 79 0.20 3.71 1.00
C VAL A 79 1.15 4.73 0.37
N VAL A 80 1.60 5.68 1.19
CA VAL A 80 2.53 6.71 0.74
C VAL A 80 3.98 6.28 0.97
N ILE A 81 4.86 6.68 0.06
CA ILE A 81 6.28 6.33 0.17
C ILE A 81 7.17 7.52 -0.20
N GLU A 82 8.33 7.60 0.44
CA GLU A 82 9.27 8.67 0.18
C GLU A 82 9.85 8.57 -1.23
N ALA A 1 1.16 19.58 -10.68
CA ALA A 1 2.45 18.89 -10.68
C ALA A 1 3.27 19.28 -9.46
N ALA A 2 3.83 18.27 -8.80
CA ALA A 2 4.65 18.50 -7.60
C ALA A 2 5.99 17.79 -7.71
N GLU A 3 6.88 18.07 -6.77
CA GLU A 3 8.21 17.47 -6.75
C GLU A 3 8.55 16.94 -5.35
N ILE A 4 7.80 15.93 -4.91
CA ILE A 4 8.03 15.34 -3.60
C ILE A 4 8.72 13.99 -3.72
N SER A 5 9.03 13.60 -4.94
CA SER A 5 9.69 12.33 -5.20
C SER A 5 9.07 11.21 -4.36
N GLY A 6 7.77 11.30 -4.15
CA GLY A 6 7.07 10.29 -3.37
C GLY A 6 6.77 9.05 -4.17
N HIS A 7 5.79 8.28 -3.71
CA HIS A 7 5.40 7.05 -4.39
C HIS A 7 4.22 6.38 -3.69
N ILE A 8 3.02 6.89 -3.95
CA ILE A 8 1.82 6.34 -3.33
C ILE A 8 1.14 5.34 -4.26
N VAL A 9 0.59 4.29 -3.66
CA VAL A 9 -0.09 3.25 -4.44
C VAL A 9 -1.60 3.39 -4.32
N ARG A 10 -2.11 4.57 -4.64
CA ARG A 10 -3.54 4.83 -4.58
C ARG A 10 -4.34 3.62 -5.05
N SER A 11 -5.46 3.36 -4.38
CA SER A 11 -6.30 2.23 -4.73
C SER A 11 -6.32 1.99 -6.23
N PRO A 12 -5.46 1.07 -6.71
CA PRO A 12 -5.37 0.74 -8.13
C PRO A 12 -6.72 0.44 -8.75
N MET A 13 -7.69 0.10 -7.90
CA MET A 13 -9.04 -0.21 -8.35
C MET A 13 -10.03 -0.14 -7.19
N VAL A 14 -11.30 -0.36 -7.48
CA VAL A 14 -12.34 -0.32 -6.48
C VAL A 14 -12.24 -1.52 -5.54
N GLY A 15 -11.61 -1.31 -4.38
CA GLY A 15 -11.46 -2.38 -3.42
C GLY A 15 -11.12 -1.87 -2.03
N THR A 16 -10.70 -2.77 -1.14
CA THR A 16 -10.35 -2.39 0.22
C THR A 16 -8.84 -2.49 0.44
N PHE A 17 -8.25 -1.41 0.91
CA PHE A 17 -6.81 -1.38 1.17
C PHE A 17 -6.48 -2.02 2.52
N TYR A 18 -5.40 -2.78 2.55
CA TYR A 18 -4.97 -3.45 3.77
C TYR A 18 -3.45 -3.35 3.95
N ARG A 19 -3.00 -3.40 5.20
CA ARG A 19 -1.58 -3.32 5.50
C ARG A 19 -1.18 -4.38 6.52
N THR A 20 -2.02 -5.40 6.66
CA THR A 20 -1.75 -6.48 7.60
C THR A 20 -2.27 -7.81 7.05
N PRO A 21 -1.36 -8.68 6.63
CA PRO A 21 -1.71 -10.00 6.07
C PRO A 21 -2.42 -10.88 7.08
N SER A 22 -2.44 -10.44 8.34
CA SER A 22 -3.09 -11.19 9.40
C SER A 22 -3.13 -10.39 10.69
N PRO A 23 -4.12 -10.67 11.56
CA PRO A 23 -4.28 -9.98 12.84
C PRO A 23 -3.02 -10.04 13.69
N ASP A 24 -2.50 -11.26 13.88
CA ASP A 24 -1.29 -11.46 14.68
C ASP A 24 -0.10 -11.77 13.78
N ALA A 25 0.18 -10.87 12.85
CA ALA A 25 1.30 -11.05 11.93
C ALA A 25 2.29 -9.89 12.04
N LYS A 26 3.12 -9.73 11.02
CA LYS A 26 4.11 -8.66 11.00
C LYS A 26 3.68 -7.53 10.08
N ALA A 27 2.37 -7.41 9.86
CA ALA A 27 1.83 -6.36 9.00
C ALA A 27 2.41 -6.45 7.60
N PHE A 28 1.75 -5.80 6.64
CA PHE A 28 2.21 -5.79 5.26
C PHE A 28 3.19 -4.65 5.01
N ILE A 29 2.89 -3.49 5.57
CA ILE A 29 3.74 -2.32 5.41
C ILE A 29 3.22 -1.13 6.23
N GLU A 30 4.14 -0.28 6.66
CA GLU A 30 3.79 0.89 7.45
C GLU A 30 4.80 2.01 7.26
N VAL A 31 4.39 3.24 7.54
CA VAL A 31 5.27 4.39 7.39
C VAL A 31 6.63 4.14 8.02
N GLY A 32 7.64 3.90 7.17
CA GLY A 32 8.98 3.64 7.67
C GLY A 32 9.53 2.32 7.17
N GLN A 33 8.74 1.61 6.38
CA GLN A 33 9.15 0.32 5.84
C GLN A 33 10.10 0.50 4.66
N LYS A 34 11.07 -0.39 4.55
CA LYS A 34 12.05 -0.32 3.46
C LYS A 34 11.67 -1.29 2.34
N VAL A 35 10.90 -0.80 1.36
CA VAL A 35 10.47 -1.62 0.24
C VAL A 35 11.50 -1.56 -0.89
N ASN A 36 11.45 -2.56 -1.77
CA ASN A 36 12.37 -2.62 -2.89
C ASN A 36 11.85 -3.58 -3.96
N VAL A 37 11.84 -3.11 -5.20
CA VAL A 37 11.36 -3.90 -6.32
C VAL A 37 11.74 -5.38 -6.15
N GLY A 38 10.73 -6.24 -6.18
CA GLY A 38 10.98 -7.67 -6.03
C GLY A 38 10.50 -8.20 -4.69
N ASP A 39 9.89 -7.33 -3.90
CA ASP A 39 9.38 -7.71 -2.59
C ASP A 39 7.85 -7.65 -2.55
N THR A 40 7.30 -7.36 -1.38
CA THR A 40 5.85 -7.27 -1.22
C THR A 40 5.49 -6.04 -0.39
N LEU A 41 4.51 -5.28 -0.88
CA LEU A 41 4.06 -4.09 -0.17
C LEU A 41 2.88 -4.40 0.74
N CYS A 42 1.68 -4.40 0.18
CA CYS A 42 0.48 -4.70 0.96
C CYS A 42 -0.53 -5.48 0.14
N ILE A 43 -1.75 -5.57 0.63
CA ILE A 43 -2.82 -6.29 -0.06
C ILE A 43 -4.09 -5.45 -0.12
N VAL A 44 -4.87 -5.66 -1.17
CA VAL A 44 -6.12 -4.94 -1.37
C VAL A 44 -7.19 -5.84 -1.98
N GLU A 45 -8.12 -6.29 -1.16
CA GLU A 45 -9.19 -7.17 -1.62
C GLU A 45 -10.01 -6.51 -2.73
N ALA A 46 -9.49 -6.59 -3.94
CA ALA A 46 -10.17 -6.00 -5.10
C ALA A 46 -11.01 -7.05 -5.82
N MET A 47 -12.31 -7.05 -5.55
CA MET A 47 -13.23 -8.00 -6.16
C MET A 47 -13.32 -9.27 -5.32
N LYS A 48 -13.15 -9.11 -4.01
CA LYS A 48 -13.21 -10.24 -3.07
C LYS A 48 -11.94 -11.06 -3.13
N MET A 49 -10.82 -10.42 -3.44
CA MET A 49 -9.54 -11.11 -3.52
C MET A 49 -8.39 -10.17 -3.16
N MET A 50 -7.60 -10.59 -2.18
CA MET A 50 -6.48 -9.79 -1.71
C MET A 50 -5.48 -9.53 -2.84
N ASN A 51 -5.51 -8.32 -3.38
CA ASN A 51 -4.61 -7.94 -4.46
C ASN A 51 -3.27 -7.51 -3.90
N GLN A 52 -2.42 -8.49 -3.58
CA GLN A 52 -1.10 -8.20 -3.04
C GLN A 52 -0.30 -7.31 -3.98
N ILE A 53 0.17 -6.18 -3.47
CA ILE A 53 0.95 -5.24 -4.26
C ILE A 53 2.44 -5.53 -4.16
N GLU A 54 3.06 -5.81 -5.29
CA GLU A 54 4.49 -6.11 -5.33
C GLU A 54 5.30 -4.84 -5.55
N ALA A 55 6.46 -4.76 -4.90
CA ALA A 55 7.33 -3.60 -5.02
C ALA A 55 7.70 -3.36 -6.49
N ASP A 56 7.29 -2.21 -7.02
CA ASP A 56 7.58 -1.86 -8.39
C ASP A 56 8.44 -0.60 -8.46
N LYS A 57 9.02 -0.22 -7.32
CA LYS A 57 9.86 0.96 -7.24
C LYS A 57 10.40 1.15 -5.83
N SER A 58 11.67 0.80 -5.63
CA SER A 58 12.29 0.93 -4.32
C SER A 58 11.92 2.26 -3.68
N GLY A 59 11.34 2.19 -2.48
CA GLY A 59 10.94 3.41 -1.79
C GLY A 59 10.83 3.21 -0.30
N THR A 60 10.23 4.18 0.39
CA THR A 60 10.07 4.12 1.83
C THR A 60 8.71 4.63 2.26
N VAL A 61 7.86 3.75 2.77
CA VAL A 61 6.53 4.15 3.22
C VAL A 61 6.61 5.43 4.04
N LYS A 62 5.66 6.33 3.83
CA LYS A 62 5.65 7.58 4.56
C LYS A 62 4.35 7.76 5.35
N ALA A 63 3.35 6.98 5.00
CA ALA A 63 2.06 7.05 5.69
C ALA A 63 0.95 6.40 4.87
N ILE A 64 -0.02 5.83 5.58
CA ILE A 64 -1.14 5.18 4.91
C ILE A 64 -2.32 6.14 4.79
N LEU A 65 -2.32 6.94 3.72
CA LEU A 65 -3.40 7.89 3.48
C LEU A 65 -4.74 7.28 3.85
N VAL A 66 -4.82 5.97 3.70
CA VAL A 66 -6.05 5.24 4.01
C VAL A 66 -5.90 4.44 5.29
N GLU A 67 -6.93 4.47 6.12
CA GLU A 67 -6.91 3.73 7.37
C GLU A 67 -6.90 2.23 7.11
N SER A 68 -5.72 1.63 7.16
CA SER A 68 -5.59 0.20 6.92
C SER A 68 -6.81 -0.56 7.43
N GLY A 69 -7.30 -1.50 6.63
CA GLY A 69 -8.46 -2.27 7.04
C GLY A 69 -9.76 -1.56 6.73
N GLN A 70 -9.78 -0.81 5.62
CA GLN A 70 -10.96 -0.07 5.21
C GLN A 70 -11.08 -0.01 3.69
N PRO A 71 -12.33 -0.06 3.18
CA PRO A 71 -12.59 -0.01 1.74
C PRO A 71 -11.97 1.21 1.08
N VAL A 72 -12.12 1.29 -0.25
CA VAL A 72 -11.57 2.42 -1.00
C VAL A 72 -12.02 2.38 -2.46
N GLU A 73 -11.48 3.28 -3.27
CA GLU A 73 -11.82 3.35 -4.68
C GLU A 73 -10.70 4.02 -5.48
N PHE A 74 -10.67 3.75 -6.78
CA PHE A 74 -9.66 4.32 -7.66
C PHE A 74 -9.43 5.79 -7.33
N ASP A 75 -8.17 6.22 -7.34
CA ASP A 75 -7.82 7.60 -7.04
C ASP A 75 -7.94 7.88 -5.55
N GLU A 76 -7.83 6.84 -4.75
CA GLU A 76 -7.93 6.98 -3.30
C GLU A 76 -6.61 6.61 -2.63
N PRO A 77 -5.60 7.49 -2.75
CA PRO A 77 -4.29 7.27 -2.15
C PRO A 77 -4.37 6.52 -0.82
N LEU A 78 -3.59 5.46 -0.69
CA LEU A 78 -3.59 4.66 0.52
C LEU A 78 -2.20 4.52 1.12
N VAL A 79 -1.35 3.73 0.45
CA VAL A 79 0.00 3.50 0.91
C VAL A 79 1.00 4.46 0.27
N VAL A 80 1.42 5.45 1.05
CA VAL A 80 2.38 6.43 0.58
C VAL A 80 3.82 5.97 0.85
N ILE A 81 4.67 6.09 -0.17
CA ILE A 81 6.06 5.68 -0.04
C ILE A 81 7.00 6.72 -0.64
N GLU A 82 8.06 7.04 0.07
CA GLU A 82 9.03 8.03 -0.39
C GLU A 82 10.07 7.39 -1.31
N ALA A 1 11.09 19.74 -11.01
CA ALA A 1 11.23 18.40 -10.45
C ALA A 1 10.43 17.38 -11.25
N ALA A 2 10.46 16.13 -10.80
CA ALA A 2 9.74 15.06 -11.47
C ALA A 2 9.66 13.82 -10.59
N GLU A 3 9.41 14.03 -9.30
CA GLU A 3 9.31 12.92 -8.36
C GLU A 3 8.83 13.40 -7.00
N ILE A 4 8.04 14.47 -7.00
CA ILE A 4 7.51 15.04 -5.77
C ILE A 4 6.28 14.28 -5.28
N SER A 5 5.88 13.28 -6.05
CA SER A 5 4.72 12.46 -5.71
C SER A 5 5.15 11.18 -5.00
N GLY A 6 6.29 11.25 -4.31
CA GLY A 6 6.79 10.09 -3.59
C GLY A 6 6.52 8.80 -4.34
N HIS A 7 5.68 7.94 -3.74
CA HIS A 7 5.35 6.67 -4.35
C HIS A 7 4.19 6.00 -3.62
N ILE A 8 2.98 6.51 -3.84
CA ILE A 8 1.79 5.96 -3.19
C ILE A 8 1.13 4.91 -4.07
N VAL A 9 0.47 3.96 -3.43
CA VAL A 9 -0.21 2.89 -4.15
C VAL A 9 -1.71 3.13 -4.19
N ARG A 10 -2.10 4.36 -4.52
CA ARG A 10 -3.51 4.72 -4.60
C ARG A 10 -4.35 3.56 -5.13
N SER A 11 -5.44 3.27 -4.43
CA SER A 11 -6.33 2.19 -4.83
C SER A 11 -6.42 2.08 -6.35
N PRO A 12 -5.66 1.15 -6.94
CA PRO A 12 -5.66 0.94 -8.39
C PRO A 12 -7.04 0.54 -8.92
N MET A 13 -7.93 0.21 -7.99
CA MET A 13 -9.29 -0.19 -8.35
C MET A 13 -10.22 -0.05 -7.15
N VAL A 14 -11.52 -0.14 -7.40
CA VAL A 14 -12.52 -0.03 -6.35
C VAL A 14 -12.42 -1.20 -5.38
N GLY A 15 -11.34 -1.25 -4.61
CA GLY A 15 -11.15 -2.33 -3.66
C GLY A 15 -11.00 -1.84 -2.23
N THR A 16 -10.27 -2.59 -1.41
CA THR A 16 -10.06 -2.22 -0.02
C THR A 16 -8.58 -2.31 0.35
N PHE A 17 -8.06 -1.24 0.94
CA PHE A 17 -6.66 -1.19 1.34
C PHE A 17 -6.42 -2.14 2.52
N TYR A 18 -5.25 -2.78 2.53
CA TYR A 18 -4.90 -3.72 3.60
C TYR A 18 -3.39 -3.72 3.84
N ARG A 19 -3.00 -3.48 5.09
CA ARG A 19 -1.59 -3.46 5.46
C ARG A 19 -1.27 -4.56 6.46
N THR A 20 -2.11 -5.60 6.48
CA THR A 20 -1.92 -6.72 7.40
C THR A 20 -2.34 -8.03 6.75
N PRO A 21 -1.37 -8.92 6.48
CA PRO A 21 -1.63 -10.22 5.87
C PRO A 21 -2.31 -11.20 6.82
N SER A 22 -1.90 -11.16 8.08
CA SER A 22 -2.47 -12.03 9.10
C SER A 22 -2.87 -11.24 10.34
N PRO A 23 -3.73 -11.83 11.18
CA PRO A 23 -4.20 -11.18 12.41
C PRO A 23 -3.09 -11.00 13.44
N ASP A 24 -2.58 -9.78 13.53
CA ASP A 24 -1.50 -9.48 14.48
C ASP A 24 -0.15 -9.91 13.92
N ALA A 25 0.02 -9.77 12.61
CA ALA A 25 1.26 -10.15 11.95
C ALA A 25 2.24 -8.98 11.93
N LYS A 26 3.15 -9.00 10.96
CA LYS A 26 4.15 -7.95 10.83
C LYS A 26 3.70 -6.90 9.82
N ALA A 27 2.38 -6.75 9.67
CA ALA A 27 1.83 -5.79 8.74
C ALA A 27 2.38 -6.00 7.34
N PHE A 28 1.86 -5.25 6.37
CA PHE A 28 2.30 -5.36 4.98
C PHE A 28 3.29 -4.25 4.64
N ILE A 29 3.08 -3.07 5.23
CA ILE A 29 3.95 -1.93 4.98
C ILE A 29 3.49 -0.71 5.78
N GLU A 30 4.38 -0.18 6.61
CA GLU A 30 4.07 0.98 7.42
C GLU A 30 5.26 1.94 7.49
N VAL A 31 5.01 3.17 7.94
CA VAL A 31 6.05 4.17 8.05
C VAL A 31 7.36 3.55 8.50
N GLY A 32 8.45 3.94 7.85
CA GLY A 32 9.76 3.41 8.20
C GLY A 32 10.08 2.13 7.46
N GLN A 33 9.05 1.42 7.03
CA GLN A 33 9.22 0.17 6.31
C GLN A 33 9.75 0.42 4.90
N LYS A 34 11.06 0.35 4.74
CA LYS A 34 11.69 0.58 3.45
C LYS A 34 11.51 -0.63 2.53
N VAL A 35 10.62 -0.48 1.56
CA VAL A 35 10.33 -1.57 0.62
C VAL A 35 11.40 -1.63 -0.47
N ASN A 36 11.32 -2.66 -1.31
CA ASN A 36 12.27 -2.84 -2.39
C ASN A 36 11.64 -3.62 -3.54
N VAL A 37 11.78 -3.08 -4.74
CA VAL A 37 11.22 -3.71 -5.93
C VAL A 37 11.48 -5.20 -5.93
N GLY A 38 10.51 -5.96 -6.42
CA GLY A 38 10.65 -7.41 -6.48
C GLY A 38 10.12 -8.07 -5.22
N ASP A 39 9.66 -7.27 -4.27
CA ASP A 39 9.12 -7.78 -3.02
C ASP A 39 7.60 -7.66 -2.99
N THR A 40 7.05 -7.42 -1.81
CA THR A 40 5.61 -7.29 -1.66
C THR A 40 5.26 -6.02 -0.88
N LEU A 41 4.49 -5.13 -1.50
CA LEU A 41 4.09 -3.89 -0.86
C LEU A 41 2.96 -4.13 0.13
N CYS A 42 1.74 -4.14 -0.37
CA CYS A 42 0.57 -4.36 0.47
C CYS A 42 -0.53 -5.07 -0.30
N ILE A 43 -1.58 -5.50 0.40
CA ILE A 43 -2.70 -6.20 -0.22
C ILE A 43 -3.91 -5.28 -0.33
N VAL A 44 -4.76 -5.55 -1.33
CA VAL A 44 -5.96 -4.76 -1.55
C VAL A 44 -7.10 -5.64 -2.03
N GLU A 45 -8.04 -5.94 -1.13
CA GLU A 45 -9.18 -6.77 -1.47
C GLU A 45 -10.09 -6.08 -2.48
N ALA A 46 -9.97 -6.48 -3.75
CA ALA A 46 -10.77 -5.90 -4.81
C ALA A 46 -12.13 -6.57 -4.89
N MET A 47 -12.14 -7.76 -5.46
CA MET A 47 -13.37 -8.54 -5.61
C MET A 47 -13.56 -9.45 -4.41
N LYS A 48 -13.11 -8.99 -3.25
CA LYS A 48 -13.22 -9.75 -2.01
C LYS A 48 -11.96 -10.62 -1.80
N MET A 49 -11.01 -10.50 -2.71
CA MET A 49 -9.77 -11.26 -2.62
C MET A 49 -8.57 -10.33 -2.45
N MET A 50 -7.71 -10.68 -1.50
CA MET A 50 -6.52 -9.89 -1.23
C MET A 50 -5.68 -9.71 -2.50
N ASN A 51 -5.48 -8.46 -2.90
CA ASN A 51 -4.70 -8.16 -4.09
C ASN A 51 -3.30 -7.68 -3.73
N GLN A 52 -2.46 -8.61 -3.28
CA GLN A 52 -1.10 -8.28 -2.89
C GLN A 52 -0.38 -7.50 -3.98
N ILE A 53 0.25 -6.39 -3.60
CA ILE A 53 0.97 -5.55 -4.55
C ILE A 53 2.47 -5.76 -4.43
N GLU A 54 3.14 -5.86 -5.59
CA GLU A 54 4.58 -6.05 -5.61
C GLU A 54 5.31 -4.73 -5.76
N ALA A 55 6.48 -4.62 -5.12
CA ALA A 55 7.27 -3.40 -5.18
C ALA A 55 7.77 -3.14 -6.60
N ASP A 56 7.41 -1.99 -7.14
CA ASP A 56 7.80 -1.61 -8.50
C ASP A 56 9.07 -0.76 -8.47
N LYS A 57 9.48 -0.34 -7.28
CA LYS A 57 10.67 0.48 -7.12
C LYS A 57 10.99 0.69 -5.65
N SER A 58 12.27 0.52 -5.30
CA SER A 58 12.71 0.70 -3.92
C SER A 58 12.20 2.02 -3.35
N GLY A 59 11.40 1.94 -2.29
CA GLY A 59 10.85 3.14 -1.69
C GLY A 59 10.80 3.04 -0.18
N THR A 60 10.25 4.08 0.46
CA THR A 60 10.14 4.11 1.91
C THR A 60 8.76 4.62 2.34
N VAL A 61 7.95 3.73 2.88
CA VAL A 61 6.62 4.11 3.34
C VAL A 61 6.69 5.36 4.20
N LYS A 62 5.69 6.23 4.07
CA LYS A 62 5.68 7.47 4.83
C LYS A 62 4.37 7.65 5.59
N ALA A 63 3.33 6.94 5.17
CA ALA A 63 2.04 7.05 5.82
C ALA A 63 0.96 6.27 5.08
N ILE A 64 -0.15 6.00 5.77
CA ILE A 64 -1.27 5.27 5.19
C ILE A 64 -2.51 6.15 5.13
N LEU A 65 -2.56 7.02 4.12
CA LEU A 65 -3.69 7.92 3.96
C LEU A 65 -5.02 7.16 4.07
N VAL A 66 -4.97 5.86 3.82
CA VAL A 66 -6.15 5.02 3.90
C VAL A 66 -6.10 4.10 5.11
N GLU A 67 -7.25 3.88 5.73
CA GLU A 67 -7.34 3.02 6.89
C GLU A 67 -6.86 1.62 6.53
N SER A 68 -6.06 1.03 7.41
CA SER A 68 -5.51 -0.30 7.19
C SER A 68 -6.45 -1.18 6.37
N GLY A 69 -7.63 -1.45 6.91
CA GLY A 69 -8.58 -2.28 6.21
C GLY A 69 -9.93 -1.61 6.03
N GLN A 70 -10.18 -1.14 4.82
CA GLN A 70 -11.43 -0.48 4.50
C GLN A 70 -11.58 -0.26 3.00
N PRO A 71 -12.82 -0.33 2.49
CA PRO A 71 -13.10 -0.14 1.06
C PRO A 71 -12.62 1.21 0.56
N VAL A 72 -12.14 1.25 -0.68
CA VAL A 72 -11.65 2.49 -1.27
C VAL A 72 -12.15 2.66 -2.70
N GLU A 73 -11.66 3.69 -3.38
CA GLU A 73 -12.06 3.97 -4.76
C GLU A 73 -10.88 4.51 -5.56
N PHE A 74 -10.81 4.10 -6.82
CA PHE A 74 -9.73 4.55 -7.71
C PHE A 74 -9.33 5.98 -7.41
N ASP A 75 -8.03 6.21 -7.23
CA ASP A 75 -7.50 7.53 -6.93
C ASP A 75 -7.61 7.84 -5.44
N GLU A 76 -7.66 6.78 -4.63
CA GLU A 76 -7.76 6.93 -3.19
C GLU A 76 -6.45 6.52 -2.51
N PRO A 77 -5.41 7.37 -2.62
CA PRO A 77 -4.12 7.10 -2.02
C PRO A 77 -4.23 6.34 -0.70
N LEU A 78 -3.53 5.22 -0.60
CA LEU A 78 -3.58 4.39 0.60
C LEU A 78 -2.21 4.30 1.26
N VAL A 79 -1.28 3.62 0.59
CA VAL A 79 0.06 3.44 1.13
C VAL A 79 1.06 4.38 0.45
N VAL A 80 1.47 5.39 1.19
CA VAL A 80 2.43 6.37 0.68
C VAL A 80 3.87 5.92 0.95
N ILE A 81 4.69 5.95 -0.10
CA ILE A 81 6.08 5.55 0.02
C ILE A 81 7.01 6.57 -0.63
N GLU A 82 8.06 6.95 0.09
CA GLU A 82 9.03 7.92 -0.43
C GLU A 82 10.12 8.18 0.59
N ALA A 1 8.87 25.12 -9.38
CA ALA A 1 8.42 23.77 -9.04
C ALA A 1 9.49 23.03 -8.24
N ALA A 2 9.11 21.87 -7.70
CA ALA A 2 10.04 21.07 -6.91
C ALA A 2 9.66 19.59 -6.97
N GLU A 3 10.17 18.82 -6.02
CA GLU A 3 9.87 17.39 -5.96
C GLU A 3 10.58 16.75 -4.77
N ILE A 4 9.86 15.89 -4.06
CA ILE A 4 10.42 15.20 -2.89
C ILE A 4 10.39 13.69 -3.10
N SER A 5 10.35 13.26 -4.35
CA SER A 5 10.33 11.84 -4.67
C SER A 5 9.27 11.11 -3.86
N GLY A 6 8.10 10.90 -4.46
CA GLY A 6 7.03 10.22 -3.77
C GLY A 6 6.64 8.92 -4.46
N HIS A 7 5.59 8.28 -3.96
CA HIS A 7 5.12 7.03 -4.53
C HIS A 7 3.96 6.45 -3.72
N ILE A 8 2.76 6.94 -3.98
CA ILE A 8 1.58 6.47 -3.26
C ILE A 8 0.83 5.45 -4.08
N VAL A 9 0.65 4.27 -3.52
CA VAL A 9 -0.07 3.18 -4.20
C VAL A 9 -1.57 3.42 -4.19
N ARG A 10 -1.99 4.55 -4.74
CA ARG A 10 -3.41 4.89 -4.80
C ARG A 10 -4.26 3.65 -5.01
N SER A 11 -5.15 3.36 -4.06
CA SER A 11 -6.01 2.20 -4.14
C SER A 11 -6.43 1.92 -5.58
N PRO A 12 -5.84 0.89 -6.20
CA PRO A 12 -6.15 0.50 -7.57
C PRO A 12 -7.60 0.04 -7.71
N MET A 13 -8.25 0.45 -8.79
CA MET A 13 -9.63 0.08 -9.03
C MET A 13 -10.43 0.17 -7.72
N VAL A 14 -11.65 -0.38 -7.74
CA VAL A 14 -12.50 -0.35 -6.56
C VAL A 14 -12.24 -1.55 -5.66
N GLY A 15 -11.59 -1.31 -4.53
CA GLY A 15 -11.29 -2.38 -3.59
C GLY A 15 -11.05 -1.88 -2.18
N THR A 16 -10.36 -2.67 -1.37
CA THR A 16 -10.07 -2.30 0.01
C THR A 16 -8.56 -2.31 0.27
N PHE A 17 -8.12 -1.45 1.17
CA PHE A 17 -6.72 -1.36 1.53
C PHE A 17 -6.43 -2.28 2.72
N TYR A 18 -5.28 -2.95 2.69
CA TYR A 18 -4.90 -3.85 3.77
C TYR A 18 -3.40 -3.85 3.99
N ARG A 19 -2.99 -3.54 5.22
CA ARG A 19 -1.59 -3.50 5.57
C ARG A 19 -1.26 -4.55 6.62
N THR A 20 -1.86 -5.74 6.47
CA THR A 20 -1.64 -6.83 7.40
C THR A 20 -1.80 -8.18 6.71
N PRO A 21 -0.71 -8.97 6.62
CA PRO A 21 -0.74 -10.28 5.99
C PRO A 21 -1.49 -11.32 6.82
N SER A 22 -1.46 -11.13 8.14
CA SER A 22 -2.13 -12.05 9.05
C SER A 22 -2.74 -11.29 10.23
N PRO A 23 -3.73 -11.89 10.90
CA PRO A 23 -4.39 -11.27 12.04
C PRO A 23 -3.42 -10.80 13.11
N ASP A 24 -2.37 -11.59 13.32
CA ASP A 24 -1.34 -11.25 14.32
C ASP A 24 0.05 -11.34 13.70
N ALA A 25 0.29 -10.53 12.67
CA ALA A 25 1.59 -10.52 12.00
C ALA A 25 2.27 -9.17 12.16
N LYS A 26 3.34 -8.97 11.40
CA LYS A 26 4.10 -7.71 11.45
C LYS A 26 3.57 -6.72 10.42
N ALA A 27 2.29 -6.85 10.07
CA ALA A 27 1.67 -5.97 9.10
C ALA A 27 2.29 -6.15 7.71
N PHE A 28 1.77 -5.40 6.74
CA PHE A 28 2.28 -5.48 5.38
C PHE A 28 3.32 -4.39 5.12
N ILE A 29 3.14 -3.24 5.79
CA ILE A 29 4.07 -2.12 5.64
C ILE A 29 3.50 -0.86 6.30
N GLU A 30 4.37 -0.13 6.98
CA GLU A 30 3.97 1.10 7.66
C GLU A 30 5.03 2.18 7.52
N VAL A 31 4.64 3.43 7.72
CA VAL A 31 5.56 4.56 7.62
C VAL A 31 6.88 4.25 8.32
N GLY A 32 7.97 4.35 7.57
CA GLY A 32 9.29 4.07 8.13
C GLY A 32 9.90 2.81 7.58
N GLN A 33 9.06 1.94 7.02
CA GLN A 33 9.53 0.69 6.45
C GLN A 33 9.94 0.88 4.99
N LYS A 34 11.24 0.72 4.72
CA LYS A 34 11.76 0.88 3.36
C LYS A 34 11.42 -0.34 2.51
N VAL A 35 10.64 -0.12 1.46
CA VAL A 35 10.24 -1.20 0.57
C VAL A 35 11.28 -1.41 -0.53
N ASN A 36 11.16 -2.51 -1.26
CA ASN A 36 12.08 -2.83 -2.34
C ASN A 36 11.46 -3.83 -3.29
N VAL A 37 11.56 -3.54 -4.58
CA VAL A 37 11.01 -4.41 -5.61
C VAL A 37 11.18 -5.88 -5.23
N GLY A 38 10.16 -6.67 -5.51
CA GLY A 38 10.21 -8.09 -5.19
C GLY A 38 9.71 -8.39 -3.79
N ASP A 39 9.16 -7.37 -3.14
CA ASP A 39 8.64 -7.52 -1.78
C ASP A 39 7.17 -7.10 -1.72
N THR A 40 6.28 -8.09 -1.68
CA THR A 40 4.85 -7.83 -1.62
C THR A 40 4.55 -6.61 -0.75
N LEU A 41 4.43 -5.45 -1.40
CA LEU A 41 4.15 -4.21 -0.67
C LEU A 41 2.99 -4.41 0.30
N CYS A 42 1.78 -4.15 -0.17
CA CYS A 42 0.59 -4.30 0.67
C CYS A 42 -0.54 -4.95 -0.12
N ILE A 43 -1.47 -5.58 0.60
CA ILE A 43 -2.60 -6.23 -0.02
C ILE A 43 -3.78 -5.27 -0.17
N VAL A 44 -4.62 -5.54 -1.17
CA VAL A 44 -5.79 -4.70 -1.42
C VAL A 44 -6.96 -5.55 -1.93
N GLU A 45 -7.89 -5.85 -1.03
CA GLU A 45 -9.06 -6.65 -1.37
C GLU A 45 -9.81 -6.05 -2.55
N ALA A 46 -9.36 -6.38 -3.76
CA ALA A 46 -10.00 -5.88 -4.97
C ALA A 46 -10.87 -6.95 -5.62
N MET A 47 -11.97 -6.54 -6.22
CA MET A 47 -12.87 -7.49 -6.87
C MET A 47 -13.12 -8.68 -5.96
N LYS A 48 -12.99 -8.47 -4.66
CA LYS A 48 -13.18 -9.51 -3.67
C LYS A 48 -11.96 -10.43 -3.60
N MET A 49 -10.78 -9.82 -3.58
CA MET A 49 -9.54 -10.58 -3.51
C MET A 49 -8.38 -9.69 -3.06
N MET A 50 -7.67 -10.13 -2.04
CA MET A 50 -6.54 -9.40 -1.52
C MET A 50 -5.50 -9.16 -2.60
N ASN A 51 -5.68 -8.07 -3.35
CA ASN A 51 -4.76 -7.73 -4.43
C ASN A 51 -3.38 -7.40 -3.89
N GLN A 52 -2.60 -8.44 -3.58
CA GLN A 52 -1.26 -8.26 -3.05
C GLN A 52 -0.40 -7.43 -4.01
N ILE A 53 0.06 -6.29 -3.53
CA ILE A 53 0.90 -5.40 -4.34
C ILE A 53 2.36 -5.82 -4.28
N GLU A 54 3.01 -5.86 -5.44
CA GLU A 54 4.41 -6.25 -5.52
C GLU A 54 5.29 -5.04 -5.83
N ALA A 55 6.17 -4.71 -4.90
CA ALA A 55 7.08 -3.57 -5.07
C ALA A 55 7.56 -3.47 -6.52
N ASP A 56 7.15 -2.41 -7.20
CA ASP A 56 7.54 -2.20 -8.59
C ASP A 56 8.78 -1.31 -8.68
N LYS A 57 9.11 -0.66 -7.57
CA LYS A 57 10.27 0.22 -7.52
C LYS A 57 10.68 0.50 -6.09
N SER A 58 11.95 0.24 -5.76
CA SER A 58 12.46 0.46 -4.42
C SER A 58 12.03 1.82 -3.89
N GLY A 59 11.31 1.82 -2.79
CA GLY A 59 10.83 3.06 -2.19
C GLY A 59 10.84 3.02 -0.67
N THR A 60 10.22 4.01 -0.05
CA THR A 60 10.16 4.08 1.40
C THR A 60 8.82 4.64 1.87
N VAL A 61 7.98 3.77 2.42
CA VAL A 61 6.68 4.19 2.93
C VAL A 61 6.82 5.47 3.74
N LYS A 62 5.85 6.36 3.61
CA LYS A 62 5.89 7.62 4.34
C LYS A 62 4.67 7.78 5.22
N ALA A 63 3.62 7.02 4.92
CA ALA A 63 2.38 7.09 5.70
C ALA A 63 1.22 6.45 4.97
N ILE A 64 0.24 5.97 5.74
CA ILE A 64 -0.94 5.34 5.17
C ILE A 64 -2.16 6.23 5.33
N LEU A 65 -2.27 7.24 4.46
CA LEU A 65 -3.39 8.17 4.51
C LEU A 65 -4.70 7.42 4.71
N VAL A 66 -4.73 6.17 4.28
CA VAL A 66 -5.91 5.34 4.41
C VAL A 66 -5.78 4.36 5.56
N GLU A 67 -6.88 4.05 6.22
CA GLU A 67 -6.86 3.11 7.34
C GLU A 67 -6.17 1.83 6.89
N SER A 68 -6.16 0.83 7.77
CA SER A 68 -5.51 -0.44 7.45
C SER A 68 -6.44 -1.31 6.61
N GLY A 69 -7.64 -1.57 7.12
CA GLY A 69 -8.59 -2.40 6.41
C GLY A 69 -9.93 -1.72 6.23
N GLN A 70 -10.18 -1.23 5.03
CA GLN A 70 -11.44 -0.55 4.73
C GLN A 70 -11.66 -0.40 3.24
N PRO A 71 -12.93 -0.37 2.81
CA PRO A 71 -13.28 -0.23 1.38
C PRO A 71 -12.84 1.10 0.80
N VAL A 72 -12.19 1.04 -0.35
CA VAL A 72 -11.70 2.25 -1.03
C VAL A 72 -12.05 2.22 -2.50
N GLU A 73 -11.72 3.31 -3.21
CA GLU A 73 -12.01 3.41 -4.63
C GLU A 73 -10.79 3.91 -5.39
N PHE A 74 -10.75 3.60 -6.69
CA PHE A 74 -9.64 4.03 -7.53
C PHE A 74 -9.20 5.45 -7.20
N ASP A 75 -7.94 5.75 -7.47
CA ASP A 75 -7.39 7.08 -7.20
C ASP A 75 -7.60 7.49 -5.75
N GLU A 76 -7.68 6.50 -4.86
CA GLU A 76 -7.86 6.77 -3.43
C GLU A 76 -6.57 6.51 -2.66
N PRO A 77 -5.59 7.42 -2.79
CA PRO A 77 -4.31 7.30 -2.10
C PRO A 77 -4.43 6.59 -0.75
N LEU A 78 -3.59 5.59 -0.53
CA LEU A 78 -3.62 4.82 0.71
C LEU A 78 -2.23 4.69 1.32
N VAL A 79 -1.37 3.93 0.66
CA VAL A 79 -0.02 3.69 1.14
C VAL A 79 0.99 4.58 0.42
N VAL A 80 1.41 5.65 1.10
CA VAL A 80 2.38 6.59 0.54
C VAL A 80 3.80 6.07 0.72
N ILE A 81 4.62 6.23 -0.32
CA ILE A 81 6.00 5.78 -0.28
C ILE A 81 6.93 6.79 -0.93
N GLU A 82 8.07 7.04 -0.29
CA GLU A 82 9.05 8.00 -0.82
C GLU A 82 9.81 7.40 -1.99
N ALA A 1 18.17 13.03 -4.98
CA ALA A 1 18.04 12.33 -3.72
C ALA A 1 17.15 13.12 -2.74
N ALA A 2 16.98 12.58 -1.55
CA ALA A 2 16.16 13.23 -0.52
C ALA A 2 14.71 13.31 -0.96
N GLU A 3 14.39 14.29 -1.79
CA GLU A 3 13.03 14.47 -2.29
C GLU A 3 12.82 13.73 -3.59
N ILE A 4 11.74 12.97 -3.68
CA ILE A 4 11.43 12.22 -4.88
C ILE A 4 9.94 12.26 -5.20
N SER A 5 9.28 13.31 -4.72
CA SER A 5 7.85 13.48 -4.95
C SER A 5 7.04 12.36 -4.29
N GLY A 6 7.65 11.72 -3.29
CA GLY A 6 6.98 10.65 -2.59
C GLY A 6 6.78 9.42 -3.47
N HIS A 7 5.72 8.67 -3.19
CA HIS A 7 5.43 7.47 -3.96
C HIS A 7 4.29 6.68 -3.31
N ILE A 8 3.05 7.07 -3.62
CA ILE A 8 1.89 6.39 -3.07
C ILE A 8 1.47 5.21 -3.94
N VAL A 9 0.38 4.56 -3.56
CA VAL A 9 -0.13 3.42 -4.31
C VAL A 9 -1.65 3.44 -4.34
N ARG A 10 -2.21 4.64 -4.50
CA ARG A 10 -3.65 4.82 -4.56
C ARG A 10 -4.32 3.62 -5.24
N SER A 11 -5.31 3.05 -4.57
CA SER A 11 -6.03 1.90 -5.11
C SER A 11 -6.24 2.05 -6.60
N PRO A 12 -5.58 1.20 -7.40
CA PRO A 12 -5.69 1.24 -8.86
C PRO A 12 -7.12 0.96 -9.34
N MET A 13 -7.96 0.52 -8.41
CA MET A 13 -9.35 0.21 -8.71
C MET A 13 -10.20 0.28 -7.44
N VAL A 14 -11.50 0.07 -7.61
CA VAL A 14 -12.42 0.12 -6.47
C VAL A 14 -12.40 -1.20 -5.70
N GLY A 15 -11.58 -1.25 -4.66
CA GLY A 15 -11.48 -2.46 -3.86
C GLY A 15 -11.28 -2.16 -2.38
N THR A 16 -10.21 -2.69 -1.81
CA THR A 16 -9.91 -2.48 -0.40
C THR A 16 -8.41 -2.52 -0.13
N PHE A 17 -7.97 -1.79 0.88
CA PHE A 17 -6.55 -1.76 1.24
C PHE A 17 -6.32 -2.32 2.64
N TYR A 18 -5.20 -3.03 2.80
CA TYR A 18 -4.86 -3.63 4.08
C TYR A 18 -3.36 -3.56 4.34
N ARG A 19 -2.97 -3.75 5.60
CA ARG A 19 -1.56 -3.72 5.97
C ARG A 19 -1.27 -4.74 7.06
N THR A 20 -2.09 -5.78 7.13
CA THR A 20 -1.92 -6.84 8.11
C THR A 20 -2.57 -8.13 7.64
N PRO A 21 -1.80 -8.99 6.97
CA PRO A 21 -2.30 -10.27 6.45
C PRO A 21 -2.63 -11.26 7.56
N SER A 22 -1.99 -11.10 8.70
CA SER A 22 -2.22 -11.98 9.85
C SER A 22 -2.35 -11.18 11.14
N PRO A 23 -3.38 -11.50 11.94
CA PRO A 23 -3.63 -10.82 13.22
C PRO A 23 -2.41 -10.84 14.13
N ASP A 24 -1.79 -9.68 14.32
CA ASP A 24 -0.61 -9.57 15.18
C ASP A 24 0.65 -10.00 14.42
N ALA A 25 0.80 -9.50 13.20
CA ALA A 25 1.94 -9.82 12.37
C ALA A 25 2.91 -8.64 12.28
N LYS A 26 3.84 -8.72 11.34
CA LYS A 26 4.82 -7.66 11.13
C LYS A 26 4.31 -6.64 10.12
N ALA A 27 2.99 -6.58 9.97
CA ALA A 27 2.37 -5.64 9.03
C ALA A 27 2.89 -5.86 7.62
N PHE A 28 2.14 -5.38 6.63
CA PHE A 28 2.54 -5.52 5.24
C PHE A 28 3.42 -4.36 4.80
N ILE A 29 3.10 -3.16 5.30
CA ILE A 29 3.86 -1.97 4.96
C ILE A 29 3.44 -0.79 5.83
N GLU A 30 4.34 -0.39 6.73
CA GLU A 30 4.06 0.74 7.63
C GLU A 30 5.10 1.84 7.46
N VAL A 31 4.77 3.03 7.93
CA VAL A 31 5.67 4.17 7.83
C VAL A 31 7.10 3.77 8.23
N GLY A 32 7.93 3.48 7.23
CA GLY A 32 9.30 3.09 7.51
C GLY A 32 9.70 1.81 6.78
N GLN A 33 8.72 1.15 6.17
CA GLN A 33 8.97 -0.08 5.44
C GLN A 33 9.74 0.20 4.15
N LYS A 34 11.05 -0.03 4.19
CA LYS A 34 11.90 0.20 3.03
C LYS A 34 11.59 -0.80 1.92
N VAL A 35 10.35 -0.76 1.43
CA VAL A 35 9.93 -1.66 0.37
C VAL A 35 11.00 -1.79 -0.70
N ASN A 36 10.83 -2.78 -1.59
CA ASN A 36 11.79 -3.01 -2.66
C ASN A 36 11.20 -3.95 -3.70
N VAL A 37 11.34 -3.58 -4.97
CA VAL A 37 10.84 -4.39 -6.07
C VAL A 37 10.93 -5.88 -5.75
N GLY A 38 9.88 -6.62 -6.06
CA GLY A 38 9.87 -8.05 -5.80
C GLY A 38 9.52 -8.36 -4.36
N ASP A 39 9.00 -7.38 -3.65
CA ASP A 39 8.62 -7.55 -2.25
C ASP A 39 7.19 -7.10 -2.02
N THR A 40 6.28 -8.05 -1.84
CA THR A 40 4.88 -7.76 -1.61
C THR A 40 4.72 -6.49 -0.78
N LEU A 41 3.90 -5.56 -1.28
CA LEU A 41 3.67 -4.31 -0.57
C LEU A 41 2.52 -4.44 0.42
N CYS A 42 1.29 -4.29 -0.07
CA CYS A 42 0.11 -4.40 0.78
C CYS A 42 -0.96 -5.24 0.10
N ILE A 43 -2.19 -5.17 0.63
CA ILE A 43 -3.30 -5.92 0.09
C ILE A 43 -4.35 -5.00 -0.52
N VAL A 44 -4.52 -5.08 -1.84
CA VAL A 44 -5.49 -4.25 -2.53
C VAL A 44 -6.73 -5.07 -2.90
N GLU A 45 -7.33 -5.69 -1.90
CA GLU A 45 -8.53 -6.51 -2.10
C GLU A 45 -9.41 -5.91 -3.19
N ALA A 46 -9.30 -6.45 -4.39
CA ALA A 46 -10.09 -5.98 -5.52
C ALA A 46 -10.99 -7.09 -6.06
N MET A 47 -12.30 -6.94 -5.84
CA MET A 47 -13.27 -7.93 -6.30
C MET A 47 -13.45 -9.03 -5.26
N LYS A 48 -13.10 -8.73 -4.01
CA LYS A 48 -13.23 -9.67 -2.91
C LYS A 48 -11.95 -10.51 -2.75
N MET A 49 -10.96 -10.24 -3.60
CA MET A 49 -9.69 -10.97 -3.54
C MET A 49 -8.53 -10.03 -3.27
N MET A 50 -7.66 -10.42 -2.34
CA MET A 50 -6.51 -9.61 -1.99
C MET A 50 -5.55 -9.49 -3.16
N ASN A 51 -5.42 -8.27 -3.69
CA ASN A 51 -4.52 -8.02 -4.82
C ASN A 51 -3.11 -7.72 -4.33
N GLN A 52 -2.41 -8.77 -3.90
CA GLN A 52 -1.04 -8.61 -3.40
C GLN A 52 -0.20 -7.79 -4.37
N ILE A 53 0.19 -6.60 -3.93
CA ILE A 53 1.01 -5.71 -4.76
C ILE A 53 2.49 -5.96 -4.50
N GLU A 54 3.29 -5.81 -5.56
CA GLU A 54 4.74 -6.01 -5.45
C GLU A 54 5.49 -4.77 -5.89
N ALA A 55 6.33 -4.24 -5.00
CA ALA A 55 7.12 -3.06 -5.30
C ALA A 55 7.62 -3.07 -6.74
N ASP A 56 7.64 -1.91 -7.37
CA ASP A 56 8.09 -1.80 -8.76
C ASP A 56 9.26 -0.83 -8.87
N LYS A 57 9.58 -0.15 -7.77
CA LYS A 57 10.68 0.80 -7.75
C LYS A 57 11.13 1.08 -6.32
N SER A 58 10.86 0.13 -5.43
CA SER A 58 11.25 0.26 -4.03
C SER A 58 10.71 1.56 -3.45
N GLY A 59 11.05 1.83 -2.19
CA GLY A 59 10.59 3.04 -1.54
C GLY A 59 10.43 2.88 -0.05
N THR A 60 10.26 4.00 0.65
CA THR A 60 10.10 3.99 2.09
C THR A 60 8.73 4.53 2.50
N VAL A 61 7.88 3.66 3.00
CA VAL A 61 6.54 4.07 3.43
C VAL A 61 6.62 5.33 4.29
N LYS A 62 5.65 6.21 4.14
CA LYS A 62 5.63 7.45 4.89
C LYS A 62 4.33 7.62 5.67
N ALA A 63 3.30 6.89 5.25
CA ALA A 63 2.00 6.98 5.90
C ALA A 63 0.92 6.30 5.07
N ILE A 64 -0.16 5.87 5.74
CA ILE A 64 -1.26 5.22 5.06
C ILE A 64 -2.48 6.14 4.97
N LEU A 65 -2.48 7.01 3.98
CA LEU A 65 -3.60 7.94 3.79
C LEU A 65 -4.92 7.23 4.05
N VAL A 66 -4.95 5.97 3.67
CA VAL A 66 -6.15 5.15 3.85
C VAL A 66 -6.09 4.40 5.17
N GLU A 67 -7.21 4.38 5.88
CA GLU A 67 -7.28 3.70 7.16
C GLU A 67 -7.22 2.19 6.96
N SER A 68 -6.04 1.62 7.18
CA SER A 68 -5.84 0.19 7.03
C SER A 68 -7.08 -0.58 7.47
N GLY A 69 -7.35 -1.71 6.82
CA GLY A 69 -8.51 -2.50 7.18
C GLY A 69 -9.80 -1.85 6.74
N GLN A 70 -9.78 -1.17 5.59
CA GLN A 70 -10.96 -0.50 5.07
C GLN A 70 -10.95 -0.48 3.55
N PRO A 71 -12.15 -0.42 2.93
CA PRO A 71 -12.28 -0.38 1.46
C PRO A 71 -11.82 0.95 0.87
N VAL A 72 -11.59 0.97 -0.44
CA VAL A 72 -11.15 2.16 -1.12
C VAL A 72 -11.76 2.27 -2.51
N GLU A 73 -11.41 3.33 -3.23
CA GLU A 73 -11.94 3.55 -4.58
C GLU A 73 -10.83 4.02 -5.53
N PHE A 74 -11.08 3.87 -6.82
CA PHE A 74 -10.11 4.27 -7.84
C PHE A 74 -9.53 5.65 -7.51
N ASP A 75 -8.21 5.72 -7.37
CA ASP A 75 -7.54 6.97 -7.06
C ASP A 75 -7.68 7.30 -5.58
N GLU A 76 -7.66 6.27 -4.76
CA GLU A 76 -7.78 6.44 -3.32
C GLU A 76 -6.45 6.17 -2.62
N PRO A 77 -5.50 7.12 -2.74
CA PRO A 77 -4.18 6.99 -2.13
C PRO A 77 -4.24 6.29 -0.78
N LEU A 78 -3.55 5.17 -0.67
CA LEU A 78 -3.55 4.38 0.56
C LEU A 78 -2.16 4.32 1.19
N VAL A 79 -1.26 3.59 0.54
CA VAL A 79 0.10 3.43 1.05
C VAL A 79 1.05 4.47 0.45
N VAL A 80 1.48 5.40 1.29
CA VAL A 80 2.40 6.45 0.87
C VAL A 80 3.84 6.03 1.12
N ILE A 81 4.70 6.22 0.12
CA ILE A 81 6.11 5.86 0.25
C ILE A 81 7.02 6.98 -0.24
N GLU A 82 8.11 7.20 0.48
CA GLU A 82 9.06 8.25 0.12
C GLU A 82 10.11 7.73 -0.86
#